data_3DR7
#
_entry.id   3DR7
#
_cell.length_a   50.414
_cell.length_b   152.229
_cell.length_c   105.754
_cell.angle_alpha   90.00
_cell.angle_beta   101.83
_cell.angle_gamma   90.00
#
_symmetry.space_group_name_H-M   'P 1 21 1'
#
loop_
_entity.id
_entity.type
_entity.pdbx_description
1 polymer 'Putative perosamine synthetase'
2 non-polymer (2R,3S,5S,6R)-5-amino-3-hydroxy-6-methyl-oxan-2-yl
3 non-polymer 1,2-ETHANEDIOL
4 water water
#
_entity_poly.entity_id   1
_entity_poly.type   'polypeptide(L)'
_entity_poly.pdbx_seq_one_letter_code
;MGSSHHHHHHSSENLYFQGHMSDLPRISVAAPRLDGNERDYVLECMDTTWISSVGRFIVEFEKAFADYCGVKHAIACNNG
TTALHLALVAMGIGPGDEVIVPSLTYIASANSVTYCGATPVLVDNDPRTFNLDAAKLEALITPRTKAIMPVHLYGQICDM
DPILEVARRHNLLVIEDAAEAVGATYRGKKSGSLGDCATFSFFGN(LLP)IITTGEGGMITTNDDDLAAKMRLLRGQGMD
PNRRYWFPIVGFNYRMTNIQAAIGLAQLERVDEHLAARERVVGWYEQKLARLGNRVTKPHVALTGRHVFWMYTVRLGEGL
STTRDQVIKDLDALGIESRPVFHPMHIMPPYAHLATDDLKIAEACGVDGLNLPTHAGLTEADIDRVIAALDQVLV
;
_entity_poly.pdbx_strand_id   A,B,C,D
#
loop_
_chem_comp.id
_chem_comp.type
_chem_comp.name
_chem_comp.formula
EDO non-polymer 1,2-ETHANEDIOL 'C2 H6 O2'
GPD non-polymer (2R,3S,5S,6R)-5-amino-3-hydroxy-6-methyl-oxan-2-yl 'C16 H26 N6 O13 P2'
#
# COMPACT_ATOMS: atom_id res chain seq x y z
N LEU A 24 37.64 -17.19 39.93
CA LEU A 24 37.69 -16.06 39.02
C LEU A 24 36.34 -15.63 38.44
N PRO A 25 35.72 -14.62 39.05
CA PRO A 25 34.44 -14.18 38.56
C PRO A 25 34.59 -13.47 37.21
N ARG A 26 33.54 -13.61 36.43
CA ARG A 26 33.56 -13.06 35.10
C ARG A 26 33.25 -11.60 35.13
N ILE A 27 33.95 -10.92 34.22
CA ILE A 27 33.78 -9.50 34.05
C ILE A 27 32.70 -9.44 32.95
N SER A 28 31.60 -8.76 33.23
CA SER A 28 30.49 -8.58 32.31
C SER A 28 30.72 -7.26 31.60
N VAL A 29 30.19 -7.16 30.37
CA VAL A 29 30.30 -5.98 29.55
C VAL A 29 29.57 -4.80 30.20
N ALA A 30 28.48 -5.15 30.88
CA ALA A 30 27.65 -4.13 31.51
C ALA A 30 26.89 -4.71 32.69
N ALA A 31 26.33 -3.81 33.49
CA ALA A 31 25.62 -4.24 34.67
C ALA A 31 25.00 -3.03 35.33
N PRO A 32 23.79 -3.18 35.85
CA PRO A 32 23.09 -2.09 36.53
C PRO A 32 23.82 -1.91 37.87
N ARG A 33 23.92 -0.68 38.37
CA ARG A 33 24.52 -0.45 39.67
C ARG A 33 23.38 0.11 40.50
N LEU A 34 22.66 -0.78 41.18
CA LEU A 34 21.54 -0.26 41.92
C LEU A 34 21.94 0.17 43.33
N ASP A 35 22.77 1.18 43.37
CA ASP A 35 23.36 1.56 44.65
C ASP A 35 22.75 2.80 45.25
N GLY A 36 21.48 2.99 44.93
CA GLY A 36 20.73 4.10 45.50
C GLY A 36 19.42 3.67 46.17
N ASN A 37 18.35 4.44 45.94
CA ASN A 37 17.04 4.17 46.56
C ASN A 37 16.08 3.30 45.79
N GLU A 38 16.60 2.61 44.79
CA GLU A 38 15.80 1.77 43.92
C GLU A 38 14.93 0.81 44.72
N ARG A 39 15.58 0.08 45.63
CA ARG A 39 14.87 -0.90 46.44
C ARG A 39 13.78 -0.25 47.24
N ASP A 40 14.11 0.88 47.85
CA ASP A 40 13.15 1.57 48.69
C ASP A 40 11.93 2.05 47.91
N TYR A 41 12.17 2.70 46.78
CA TYR A 41 11.12 3.22 45.94
C TYR A 41 10.28 2.07 45.44
N VAL A 42 10.96 0.99 45.04
CA VAL A 42 10.22 -0.15 44.55
C VAL A 42 9.38 -0.75 45.68
N LEU A 43 9.88 -0.89 46.89
CA LEU A 43 9.06 -1.42 47.97
C LEU A 43 7.86 -0.50 48.22
N GLU A 44 8.09 0.80 48.05
CA GLU A 44 7.02 1.75 48.21
C GLU A 44 5.88 1.40 47.28
N CYS A 45 6.22 1.16 46.02
CA CYS A 45 5.18 0.80 45.04
C CYS A 45 4.48 -0.45 45.54
N MET A 46 5.24 -1.45 46.03
CA MET A 46 4.58 -2.66 46.47
C MET A 46 3.66 -2.37 47.63
N ASP A 47 4.17 -1.67 48.61
CA ASP A 47 3.42 -1.41 49.82
C ASP A 47 2.21 -0.58 49.58
N THR A 48 2.28 0.26 48.58
CA THR A 48 1.12 1.08 48.30
C THR A 48 0.18 0.43 47.31
N THR A 49 0.57 -0.71 46.75
CA THR A 49 -0.21 -1.46 45.74
C THR A 49 -0.29 -0.80 44.34
N TRP A 50 0.45 0.28 44.15
CA TRP A 50 0.48 0.87 42.84
C TRP A 50 1.69 0.31 42.08
N ILE A 51 1.46 -0.75 41.31
CA ILE A 51 2.51 -1.41 40.56
C ILE A 51 2.31 -1.36 39.02
N SER A 52 1.14 -0.90 38.58
CA SER A 52 0.84 -0.82 37.15
CA SER A 52 0.83 -0.81 37.15
C SER A 52 1.35 0.48 36.53
N SER A 53 0.74 0.92 35.42
CA SER A 53 1.16 2.16 34.79
C SER A 53 0.45 3.32 35.46
N VAL A 54 -0.18 3.05 36.60
CA VAL A 54 -0.88 4.08 37.41
C VAL A 54 -0.03 4.19 38.71
N GLY A 55 0.44 5.40 39.02
CA GLY A 55 1.27 5.65 40.20
C GLY A 55 2.05 6.97 40.03
N ARG A 56 2.53 7.52 41.13
CA ARG A 56 3.18 8.80 41.15
C ARG A 56 4.61 8.93 40.64
N PHE A 57 5.33 7.81 40.64
CA PHE A 57 6.74 7.83 40.25
C PHE A 57 6.87 8.12 38.77
N ILE A 58 5.82 7.80 38.03
CA ILE A 58 5.92 8.07 36.61
C ILE A 58 6.11 9.56 36.28
N VAL A 59 5.19 10.38 36.78
N VAL A 59 5.20 10.40 36.76
CA VAL A 59 5.26 11.81 36.56
CA VAL A 59 5.31 11.83 36.47
C VAL A 59 6.50 12.35 37.22
C VAL A 59 6.47 12.41 37.27
N GLU A 60 6.83 11.81 38.39
CA GLU A 60 8.01 12.28 39.11
C GLU A 60 9.28 12.04 38.29
N PHE A 61 9.37 10.85 37.71
CA PHE A 61 10.56 10.53 36.94
C PHE A 61 10.60 11.39 35.68
N GLU A 62 9.46 11.52 35.02
CA GLU A 62 9.45 12.29 33.79
C GLU A 62 9.94 13.68 34.11
N LYS A 63 9.45 14.24 35.22
CA LYS A 63 9.86 15.61 35.54
C LYS A 63 11.32 15.78 35.87
N ALA A 64 11.86 14.83 36.64
CA ALA A 64 13.28 14.90 36.96
C ALA A 64 14.10 14.76 35.68
N PHE A 65 13.66 13.83 34.83
CA PHE A 65 14.38 13.61 33.57
C PHE A 65 14.31 14.80 32.63
N ALA A 66 13.12 15.35 32.47
CA ALA A 66 13.04 16.54 31.63
C ALA A 66 13.98 17.63 32.17
N ASP A 67 13.99 17.85 33.49
CA ASP A 67 14.88 18.87 34.08
C ASP A 67 16.29 18.46 33.80
N TYR A 68 16.61 17.20 34.01
CA TYR A 68 17.98 16.82 33.73
C TYR A 68 18.43 17.18 32.32
N CYS A 69 17.57 16.93 31.33
CA CYS A 69 17.92 17.19 29.94
C CYS A 69 17.71 18.63 29.52
N GLY A 70 17.14 19.41 30.42
CA GLY A 70 16.88 20.81 30.16
C GLY A 70 15.72 21.00 29.17
N VAL A 71 14.74 20.12 29.16
CA VAL A 71 13.67 20.27 28.16
C VAL A 71 12.35 20.38 28.91
N LYS A 72 11.30 20.77 28.21
CA LYS A 72 10.00 20.96 28.82
C LYS A 72 9.23 19.68 29.08
N HIS A 73 9.32 18.65 28.22
CA HIS A 73 8.51 17.45 28.39
C HIS A 73 9.36 16.20 28.29
N ALA A 74 8.98 15.19 29.07
CA ALA A 74 9.58 13.84 29.08
C ALA A 74 8.41 12.88 29.11
N ILE A 75 8.37 11.91 28.18
CA ILE A 75 7.24 10.95 28.17
C ILE A 75 7.81 9.54 28.35
N ALA A 76 7.65 8.99 29.56
CA ALA A 76 8.07 7.62 29.96
C ALA A 76 7.33 6.54 29.14
N CYS A 77 8.07 5.55 28.63
CA CYS A 77 7.57 4.47 27.79
C CYS A 77 8.18 3.17 28.27
N ASN A 78 7.58 2.10 27.78
CA ASN A 78 8.04 0.80 28.25
C ASN A 78 9.38 0.23 27.80
N ASN A 79 10.06 0.88 26.85
CA ASN A 79 11.41 0.55 26.36
C ASN A 79 11.82 1.61 25.32
N GLY A 80 13.10 1.66 24.98
CA GLY A 80 13.51 2.65 23.98
C GLY A 80 13.11 2.31 22.52
N THR A 81 12.68 1.09 22.27
CA THR A 81 12.30 0.78 20.91
C THR A 81 10.93 1.39 20.73
N THR A 82 10.00 1.15 21.67
CA THR A 82 8.69 1.71 21.55
C THR A 82 8.76 3.23 21.71
N ALA A 83 9.71 3.76 22.47
CA ALA A 83 9.90 5.23 22.54
C ALA A 83 10.15 5.70 21.11
N LEU A 84 11.03 5.03 20.40
CA LEU A 84 11.27 5.39 19.02
C LEU A 84 10.03 5.28 18.14
N HIS A 85 9.34 4.16 18.18
CA HIS A 85 8.14 4.06 17.34
C HIS A 85 7.10 5.17 17.64
N LEU A 86 6.93 5.38 18.95
CA LEU A 86 5.99 6.37 19.42
C LEU A 86 6.29 7.76 18.91
N ALA A 87 7.57 8.14 19.03
CA ALA A 87 7.99 9.46 18.60
C ALA A 87 7.70 9.62 17.12
N LEU A 88 8.03 8.61 16.32
CA LEU A 88 7.83 8.73 14.87
C LEU A 88 6.38 8.77 14.45
N VAL A 89 5.53 8.01 15.11
CA VAL A 89 4.13 8.07 14.77
C VAL A 89 3.62 9.46 15.21
N ALA A 90 4.11 9.96 16.34
CA ALA A 90 3.65 11.25 16.81
C ALA A 90 4.07 12.38 15.90
N MET A 91 5.24 12.24 15.26
CA MET A 91 5.75 13.23 14.33
C MET A 91 5.14 13.09 12.96
N GLY A 92 4.24 12.10 12.83
CA GLY A 92 3.54 11.81 11.61
C GLY A 92 4.28 11.05 10.51
N ILE A 93 5.30 10.29 10.88
CA ILE A 93 6.07 9.50 9.93
C ILE A 93 5.20 8.34 9.49
N GLY A 94 5.12 8.12 8.18
CA GLY A 94 4.26 7.06 7.72
C GLY A 94 4.65 6.50 6.36
N PRO A 95 3.72 5.71 5.84
CA PRO A 95 3.97 5.06 4.57
C PRO A 95 4.41 6.08 3.52
N GLY A 96 5.48 5.77 2.81
CA GLY A 96 5.92 6.65 1.76
C GLY A 96 6.83 7.77 2.24
N ASP A 97 7.15 7.78 3.52
CA ASP A 97 8.06 8.80 4.03
C ASP A 97 9.38 8.11 4.11
N GLU A 98 10.44 8.92 4.03
CA GLU A 98 11.77 8.45 4.21
C GLU A 98 12.29 9.12 5.45
N VAL A 99 13.08 8.37 6.20
CA VAL A 99 13.78 8.83 7.41
C VAL A 99 15.26 8.41 7.27
N ILE A 100 16.19 9.37 7.28
CA ILE A 100 17.61 9.00 7.17
C ILE A 100 18.09 8.49 8.51
N VAL A 101 18.65 7.28 8.46
CA VAL A 101 19.15 6.57 9.64
C VAL A 101 20.59 6.09 9.34
N PRO A 102 21.52 6.17 10.29
CA PRO A 102 22.85 5.62 9.96
C PRO A 102 22.79 4.10 9.82
N SER A 103 23.57 3.49 8.90
CA SER A 103 23.55 2.01 8.81
C SER A 103 24.19 1.40 10.07
N LEU A 104 25.21 2.08 10.60
CA LEU A 104 25.82 1.62 11.86
C LEU A 104 25.07 2.07 13.12
N THR A 105 24.22 1.19 13.63
CA THR A 105 23.43 1.56 14.81
C THR A 105 22.76 0.27 15.28
N TYR A 106 22.04 0.37 16.37
CA TYR A 106 21.30 -0.80 16.85
C TYR A 106 20.04 -0.90 15.99
N ILE A 107 19.60 -2.10 15.63
CA ILE A 107 18.45 -2.27 14.72
C ILE A 107 17.14 -1.56 15.01
N ALA A 108 16.85 -1.34 16.31
CA ALA A 108 15.63 -0.61 16.70
C ALA A 108 15.56 0.74 15.95
N SER A 109 16.73 1.35 15.73
CA SER A 109 16.71 2.59 14.99
C SER A 109 15.96 2.47 13.69
N ALA A 110 16.29 1.49 12.89
CA ALA A 110 15.72 1.29 11.56
C ALA A 110 14.38 0.57 11.64
N ASN A 111 14.27 -0.35 12.56
CA ASN A 111 12.99 -1.06 12.73
C ASN A 111 11.85 -0.09 13.05
N SER A 112 12.15 0.92 13.90
CA SER A 112 11.12 1.88 14.32
C SER A 112 10.45 2.64 13.16
N VAL A 113 11.27 2.98 12.16
CA VAL A 113 10.80 3.57 10.92
C VAL A 113 9.94 2.57 10.15
N THR A 114 10.44 1.34 10.09
CA THR A 114 9.71 0.30 9.42
C THR A 114 8.31 0.07 10.01
N TYR A 115 8.20 0.15 11.33
CA TYR A 115 6.98 -0.06 12.05
C TYR A 115 6.01 0.96 11.51
N CYS A 116 6.53 2.15 11.20
CA CYS A 116 5.66 3.18 10.63
C CYS A 116 5.21 2.94 9.18
N GLY A 117 5.85 2.02 8.45
CA GLY A 117 5.55 1.77 7.04
C GLY A 117 6.40 2.75 6.28
N ALA A 118 7.30 3.44 6.95
CA ALA A 118 8.18 4.33 6.23
C ALA A 118 9.43 3.58 5.83
N THR A 119 10.25 4.21 4.98
CA THR A 119 11.47 3.66 4.44
C THR A 119 12.73 4.31 4.99
N PRO A 120 13.60 3.49 5.58
CA PRO A 120 14.87 4.08 6.05
C PRO A 120 15.77 4.36 4.87
N VAL A 121 16.64 5.35 5.00
CA VAL A 121 17.60 5.73 3.96
C VAL A 121 18.89 5.79 4.76
N LEU A 122 19.69 4.77 4.49
CA LEU A 122 20.91 4.65 5.20
C LEU A 122 21.97 5.64 4.87
N VAL A 123 22.67 6.06 5.93
CA VAL A 123 23.80 6.96 5.71
C VAL A 123 25.05 6.43 6.42
N ASP A 124 26.24 6.78 5.93
CA ASP A 124 27.49 6.34 6.57
C ASP A 124 27.86 7.25 7.74
N ASN A 125 28.76 6.71 8.54
CA ASN A 125 29.23 7.30 9.76
C ASN A 125 30.68 7.75 9.65
N ASP A 126 31.10 8.60 10.58
CA ASP A 126 32.47 9.01 10.76
C ASP A 126 33.23 7.81 11.34
N PRO A 127 34.42 7.62 10.80
CA PRO A 127 35.32 6.53 11.18
C PRO A 127 35.96 6.62 12.58
N ARG A 128 35.90 7.80 13.16
CA ARG A 128 36.53 7.92 14.46
C ARG A 128 35.48 7.93 15.54
N THR A 129 34.42 8.67 15.27
CA THR A 129 33.34 8.83 16.26
C THR A 129 32.29 7.78 16.08
N PHE A 130 32.29 7.07 14.96
CA PHE A 130 31.27 6.03 14.69
C PHE A 130 29.91 6.64 14.37
N ASN A 131 29.83 7.98 14.34
CA ASN A 131 28.61 8.71 14.18
C ASN A 131 28.27 9.28 12.82
N LEU A 132 26.95 9.38 12.64
CA LEU A 132 26.34 9.91 11.43
C LEU A 132 27.25 10.96 10.79
N ASP A 133 27.64 10.70 9.54
CA ASP A 133 28.52 11.60 8.84
C ASP A 133 27.74 12.73 8.17
N ALA A 134 27.64 13.87 8.84
CA ALA A 134 26.81 14.96 8.33
C ALA A 134 27.12 15.40 6.93
N ALA A 135 28.37 15.18 6.52
CA ALA A 135 28.77 15.58 5.18
C ALA A 135 28.20 14.65 4.13
N LYS A 136 27.60 13.52 4.53
CA LYS A 136 27.00 12.58 3.56
C LYS A 136 25.50 12.69 3.55
N LEU A 137 25.04 13.62 4.37
CA LEU A 137 23.60 13.80 4.55
C LEU A 137 22.81 14.47 3.42
N GLU A 138 23.27 15.62 2.98
CA GLU A 138 22.49 16.40 2.04
C GLU A 138 22.11 15.64 0.83
N ALA A 139 23.09 14.89 0.32
CA ALA A 139 22.92 14.10 -0.88
C ALA A 139 21.84 13.03 -0.83
N LEU A 140 21.45 12.60 0.38
CA LEU A 140 20.42 11.56 0.53
C LEU A 140 19.01 12.11 0.65
N ILE A 141 18.90 13.44 0.64
CA ILE A 141 17.60 14.06 0.74
C ILE A 141 16.82 14.04 -0.58
N THR A 142 15.55 13.67 -0.51
CA THR A 142 14.62 13.58 -1.65
C THR A 142 13.28 14.18 -1.32
N PRO A 143 12.33 14.08 -2.26
CA PRO A 143 11.05 14.65 -1.98
C PRO A 143 10.39 13.90 -0.84
N ARG A 144 10.80 12.68 -0.54
CA ARG A 144 10.12 11.92 0.51
C ARG A 144 10.69 12.08 1.92
N THR A 145 11.87 12.69 2.02
CA THR A 145 12.48 12.71 3.33
C THR A 145 11.59 13.52 4.28
N LYS A 146 11.41 13.04 5.51
CA LYS A 146 10.66 13.81 6.49
C LYS A 146 11.52 14.06 7.71
N ALA A 147 12.44 13.16 8.01
CA ALA A 147 13.26 13.27 9.23
C ALA A 147 14.67 12.69 9.05
N ILE A 148 15.55 13.00 9.99
CA ILE A 148 16.90 12.43 10.02
C ILE A 148 17.01 11.95 11.45
N MET A 149 17.58 10.78 11.65
CA MET A 149 17.76 10.21 12.97
C MET A 149 19.20 10.01 13.35
N PRO A 150 19.85 11.05 13.86
CA PRO A 150 21.23 10.89 14.32
C PRO A 150 21.21 9.94 15.51
N VAL A 151 22.17 9.03 15.58
CA VAL A 151 22.27 8.11 16.72
C VAL A 151 23.54 8.41 17.51
N HIS A 152 23.46 8.78 18.79
CA HIS A 152 24.65 9.09 19.58
C HIS A 152 25.30 7.83 20.13
N LEU A 153 26.04 7.17 19.25
CA LEU A 153 26.59 5.93 19.69
C LEU A 153 27.59 6.04 20.82
N TYR A 154 27.50 5.07 21.71
CA TYR A 154 28.48 4.85 22.78
C TYR A 154 28.68 5.91 23.81
N GLY A 155 27.73 6.85 23.81
CA GLY A 155 27.72 7.95 24.75
C GLY A 155 28.21 9.27 24.13
N GLN A 156 28.52 9.26 22.85
CA GLN A 156 29.02 10.44 22.16
C GLN A 156 27.98 11.00 21.21
N ILE A 157 27.66 12.27 21.45
CA ILE A 157 26.71 13.01 20.65
C ILE A 157 27.23 13.34 19.23
N CYS A 158 26.37 13.10 18.25
CA CYS A 158 26.70 13.37 16.86
C CYS A 158 27.03 14.84 16.64
N ASP A 159 27.65 15.16 15.50
CA ASP A 159 27.98 16.56 15.35
C ASP A 159 26.72 17.26 14.95
N MET A 160 25.95 17.62 15.96
CA MET A 160 24.67 18.24 15.71
C MET A 160 24.53 19.52 14.94
N ASP A 161 25.50 20.40 15.01
CA ASP A 161 25.31 21.65 14.31
C ASP A 161 25.07 21.64 12.82
N PRO A 162 25.95 20.93 12.13
CA PRO A 162 25.85 20.70 10.69
C PRO A 162 24.59 19.86 10.34
N ILE A 163 24.29 18.87 11.19
CA ILE A 163 23.09 18.07 10.95
C ILE A 163 21.82 18.94 10.99
N LEU A 164 21.70 19.79 12.02
CA LEU A 164 20.58 20.71 12.16
C LEU A 164 20.53 21.76 11.07
N GLU A 165 21.71 22.22 10.60
CA GLU A 165 21.77 23.20 9.51
C GLU A 165 21.14 22.57 8.24
N VAL A 166 21.52 21.34 7.94
CA VAL A 166 20.94 20.74 6.74
C VAL A 166 19.44 20.49 6.96
N ALA A 167 19.06 19.99 8.14
CA ALA A 167 17.66 19.65 8.38
C ALA A 167 16.76 20.85 8.16
N ARG A 168 17.18 21.94 8.79
CA ARG A 168 16.49 23.24 8.77
C ARG A 168 16.33 23.81 7.38
N ARG A 169 17.39 23.67 6.60
CA ARG A 169 17.40 24.13 5.21
C ARG A 169 16.45 23.36 4.32
N HIS A 170 16.09 22.14 4.70
CA HIS A 170 15.22 21.37 3.84
C HIS A 170 13.98 21.11 4.63
N ASN A 171 13.78 21.87 5.69
CA ASN A 171 12.57 21.68 6.48
C ASN A 171 12.29 20.24 6.93
N LEU A 172 13.30 19.62 7.54
CA LEU A 172 13.18 18.24 8.05
C LEU A 172 13.20 18.19 9.57
N LEU A 173 12.54 17.19 10.12
CA LEU A 173 12.55 16.97 11.55
C LEU A 173 13.85 16.23 11.90
N VAL A 174 14.24 16.39 13.15
CA VAL A 174 15.38 15.67 13.68
C VAL A 174 14.94 15.01 14.98
N ILE A 175 15.10 13.69 15.00
CA ILE A 175 14.91 12.83 16.16
C ILE A 175 16.23 12.18 16.59
N GLU A 176 16.70 12.53 17.76
CA GLU A 176 17.92 11.91 18.26
C GLU A 176 17.54 10.50 18.81
N ASP A 177 18.33 9.50 18.43
CA ASP A 177 18.15 8.21 19.09
C ASP A 177 19.26 8.37 20.17
N ALA A 178 18.90 8.84 21.36
CA ALA A 178 19.88 9.07 22.42
C ALA A 178 19.97 7.94 23.44
N ALA A 179 19.54 6.74 23.06
CA ALA A 179 19.66 5.60 23.96
C ALA A 179 21.00 5.41 24.67
N GLU A 180 22.14 5.70 24.03
CA GLU A 180 23.41 5.35 24.68
C GLU A 180 24.07 6.59 25.30
N ALA A 181 23.35 7.72 25.27
CA ALA A 181 23.94 9.00 25.65
C ALA A 181 23.30 9.82 26.76
N VAL A 182 22.68 9.21 27.74
CA VAL A 182 22.14 9.97 28.84
C VAL A 182 23.27 10.78 29.46
N GLY A 183 23.07 12.07 29.71
CA GLY A 183 24.12 12.85 30.37
C GLY A 183 25.16 13.48 29.48
N ALA A 184 25.19 13.07 28.23
CA ALA A 184 26.16 13.66 27.31
C ALA A 184 25.71 15.10 27.02
N THR A 185 26.67 15.95 26.66
CA THR A 185 26.40 17.33 26.27
C THR A 185 27.24 17.69 25.00
N TYR A 186 26.68 18.67 24.28
CA TYR A 186 27.17 19.13 23.02
C TYR A 186 26.99 20.63 23.04
N ARG A 187 28.11 21.31 22.89
CA ARG A 187 28.03 22.77 22.84
C ARG A 187 26.97 23.39 23.74
N GLY A 188 27.00 22.97 24.98
CA GLY A 188 26.15 23.55 26.01
C GLY A 188 24.79 22.88 26.18
N LYS A 189 24.42 21.94 25.33
CA LYS A 189 23.09 21.36 25.57
C LYS A 189 23.22 19.86 25.87
N LYS A 190 22.24 19.33 26.60
CA LYS A 190 22.21 17.89 26.88
C LYS A 190 21.65 17.09 25.70
N SER A 191 22.08 15.82 25.58
CA SER A 191 21.45 14.92 24.62
C SER A 191 19.97 14.98 25.02
N GLY A 192 19.05 14.82 24.06
CA GLY A 192 17.61 14.84 24.34
C GLY A 192 17.03 16.21 24.03
N SER A 193 17.88 17.23 24.03
CA SER A 193 17.45 18.63 23.78
C SER A 193 17.77 19.28 22.45
N LEU A 194 18.42 18.55 21.54
CA LEU A 194 18.85 19.13 20.28
C LEU A 194 17.94 18.97 19.08
N GLY A 195 17.31 17.81 18.93
CA GLY A 195 16.44 17.72 17.75
C GLY A 195 15.05 18.09 18.21
N ASP A 196 14.09 17.86 17.33
CA ASP A 196 12.68 18.09 17.67
C ASP A 196 12.20 17.18 18.81
N CYS A 197 12.80 15.98 18.87
CA CYS A 197 12.54 15.08 19.95
C CYS A 197 13.74 14.13 19.97
N ALA A 198 13.82 13.43 21.08
CA ALA A 198 14.87 12.47 21.29
C ALA A 198 14.28 11.27 22.05
N THR A 199 14.95 10.10 21.93
CA THR A 199 14.55 8.90 22.69
C THR A 199 15.75 8.37 23.49
N PHE A 200 15.45 7.75 24.63
CA PHE A 200 16.44 7.07 25.48
C PHE A 200 15.91 5.66 25.83
N SER A 201 16.83 4.77 26.17
CA SER A 201 16.57 3.36 26.61
C SER A 201 17.06 3.26 28.05
N PHE A 202 16.34 2.53 28.91
CA PHE A 202 16.73 2.27 30.29
C PHE A 202 16.84 0.75 30.46
N PHE A 203 17.21 0.07 29.37
CA PHE A 203 17.45 -1.38 29.42
C PHE A 203 18.58 -1.66 30.44
N GLY A 204 18.56 -2.88 30.99
CA GLY A 204 19.54 -3.26 31.99
C GLY A 204 21.00 -2.82 31.77
N ASN A 205 21.49 -2.78 30.54
CA ASN A 205 22.91 -2.42 30.33
C ASN A 205 23.17 -0.94 30.07
N1 LLP A 206 18.69 2.31 19.85
C2 LLP A 206 19.90 2.27 20.39
C2' LLP A 206 21.04 3.00 19.70
C3 LLP A 206 20.13 1.60 21.58
O3 LLP A 206 21.41 1.58 22.06
C4 LLP A 206 19.05 0.95 22.24
C4' LLP A 206 19.22 0.30 23.58
C5 LLP A 206 17.78 0.96 21.56
C6 LLP A 206 17.66 1.67 20.38
C5' LLP A 206 16.54 0.20 22.04
OP4 LLP A 206 16.27 0.50 23.39
P LLP A 206 15.58 -0.72 24.17
OP1 LLP A 206 14.31 -1.37 23.40
OP2 LLP A 206 15.13 -0.11 25.60
OP3 LLP A 206 16.54 -1.93 24.45
N LLP A 206 22.12 -0.11 30.23
CA LLP A 206 22.20 1.32 29.92
CB LLP A 206 20.85 1.80 29.31
CG LLP A 206 20.40 1.11 28.01
CD LLP A 206 21.07 1.24 26.59
CE LLP A 206 20.52 0.11 25.69
NZ LLP A 206 20.24 0.60 24.32
C LLP A 206 22.84 2.15 31.04
O LLP A 206 22.88 1.69 32.20
N ILE A 207 23.27 3.37 30.77
CA ILE A 207 23.83 4.22 31.83
C ILE A 207 22.91 4.38 33.08
N ILE A 208 21.62 4.48 32.81
CA ILE A 208 20.60 4.57 33.84
C ILE A 208 19.72 3.42 33.40
N THR A 209 19.17 2.65 34.33
CA THR A 209 18.27 1.57 33.93
C THR A 209 16.96 1.55 34.73
N THR A 210 15.93 0.90 34.17
CA THR A 210 14.63 0.68 34.83
C THR A 210 14.30 -0.82 34.58
N GLY A 211 15.35 -1.53 34.14
CA GLY A 211 15.35 -2.95 33.77
C GLY A 211 14.96 -3.02 32.30
N GLU A 212 13.72 -2.60 32.03
CA GLU A 212 13.21 -2.38 30.66
C GLU A 212 12.55 -1.00 30.79
N GLY A 213 12.87 -0.08 29.89
CA GLY A 213 12.17 1.21 29.93
C GLY A 213 12.68 2.20 28.91
N GLY A 214 11.97 3.29 28.68
CA GLY A 214 12.49 4.27 27.72
C GLY A 214 11.86 5.65 27.94
N MET A 215 12.30 6.65 27.18
CA MET A 215 11.80 8.01 27.35
C MET A 215 11.92 8.82 26.08
N ILE A 216 10.94 9.69 25.89
CA ILE A 216 10.96 10.64 24.79
C ILE A 216 11.06 12.02 25.41
N THR A 217 11.97 12.83 24.89
CA THR A 217 12.14 14.22 25.37
C THR A 217 11.78 15.14 24.22
N THR A 218 11.18 16.28 24.56
CA THR A 218 10.76 17.24 23.56
C THR A 218 10.44 18.57 24.22
N ASN A 219 10.53 19.67 23.49
CA ASN A 219 10.16 20.96 24.06
C ASN A 219 8.87 21.35 23.34
N ASP A 220 8.40 20.54 22.41
CA ASP A 220 7.19 20.88 21.68
C ASP A 220 5.95 20.33 22.35
N ASP A 221 5.11 21.25 22.83
CA ASP A 221 3.87 20.94 23.54
C ASP A 221 3.00 20.03 22.70
N ASP A 222 2.88 20.40 21.44
CA ASP A 222 2.01 19.61 20.58
C ASP A 222 2.41 18.15 20.39
N LEU A 223 3.65 17.99 19.96
CA LEU A 223 4.26 16.67 19.78
C LEU A 223 4.05 15.86 21.07
N ALA A 224 4.44 16.46 22.20
CA ALA A 224 4.37 15.84 23.51
C ALA A 224 2.95 15.41 23.80
N ALA A 225 1.96 16.28 23.54
CA ALA A 225 0.62 15.83 23.90
C ALA A 225 0.20 14.67 23.00
N LYS A 226 0.57 14.72 21.72
CA LYS A 226 0.21 13.62 20.82
C LYS A 226 0.84 12.29 21.25
N MET A 227 2.11 12.37 21.67
CA MET A 227 2.81 11.22 22.18
C MET A 227 2.06 10.61 23.37
N ARG A 228 1.65 11.48 24.31
CA ARG A 228 0.97 10.97 25.49
C ARG A 228 -0.37 10.33 25.09
N LEU A 229 -1.02 10.89 24.08
CA LEU A 229 -2.30 10.31 23.72
C LEU A 229 -2.11 8.93 23.13
N LEU A 230 -1.16 8.85 22.21
CA LEU A 230 -0.89 7.56 21.60
C LEU A 230 -0.36 6.54 22.58
N ARG A 231 0.49 6.97 23.52
CA ARG A 231 1.16 6.07 24.46
C ARG A 231 0.05 5.40 25.33
N GLY A 232 -1.03 6.13 25.61
CA GLY A 232 -2.13 5.60 26.43
C GLY A 232 -3.28 5.08 25.64
N GLN A 233 -2.94 4.21 24.71
CA GLN A 233 -3.87 3.47 23.88
C GLN A 233 -4.70 4.41 23.08
N GLY A 234 -4.23 5.65 22.93
CA GLY A 234 -5.06 6.58 22.13
C GLY A 234 -6.43 6.89 22.73
N MET A 235 -6.56 6.78 24.05
CA MET A 235 -7.84 7.08 24.71
C MET A 235 -8.05 8.53 25.11
N ASP A 236 -9.28 9.00 24.89
CA ASP A 236 -9.63 10.34 25.28
C ASP A 236 -9.50 10.42 26.78
N PRO A 237 -8.63 11.28 27.30
CA PRO A 237 -8.51 11.47 28.75
C PRO A 237 -9.82 11.92 29.42
N ASN A 238 -10.78 12.42 28.66
CA ASN A 238 -12.02 12.91 29.27
C ASN A 238 -13.21 12.05 28.91
N ARG A 239 -12.93 10.93 28.26
CA ARG A 239 -14.05 10.11 27.85
C ARG A 239 -13.72 8.61 27.91
N ARG A 240 -14.14 7.92 28.98
CA ARG A 240 -13.82 6.50 29.21
C ARG A 240 -14.04 5.61 28.02
N TYR A 241 -12.97 4.92 27.63
CA TYR A 241 -13.13 3.99 26.53
C TYR A 241 -13.61 4.66 25.26
N TRP A 242 -13.28 5.94 25.07
CA TRP A 242 -13.56 6.63 23.79
C TRP A 242 -12.22 6.88 23.10
N PHE A 243 -11.97 6.30 21.90
CA PHE A 243 -10.65 6.50 21.29
C PHE A 243 -10.81 7.17 19.95
N PRO A 244 -10.25 8.37 19.94
CA PRO A 244 -10.24 9.22 18.76
C PRO A 244 -9.31 8.65 17.69
N ILE A 245 -8.26 7.90 18.06
CA ILE A 245 -7.38 7.38 17.04
C ILE A 245 -6.85 6.07 17.51
N VAL A 246 -6.05 5.43 16.68
CA VAL A 246 -5.38 4.21 17.10
C VAL A 246 -4.07 4.52 17.84
N GLY A 247 -3.93 4.00 19.04
CA GLY A 247 -2.77 4.21 19.86
C GLY A 247 -2.19 2.86 20.17
N PHE A 248 -1.39 2.91 21.22
CA PHE A 248 -0.64 1.73 21.70
C PHE A 248 -0.64 1.59 23.21
N ASN A 249 -0.15 0.45 23.70
CA ASN A 249 0.15 0.21 25.13
C ASN A 249 1.67 0.41 25.29
N TYR A 250 2.07 1.66 25.50
CA TYR A 250 3.49 1.94 25.57
C TYR A 250 3.88 2.53 26.93
N ARG A 251 2.93 2.48 27.87
CA ARG A 251 3.14 3.07 29.18
C ARG A 251 4.22 2.33 29.98
N MET A 252 5.02 3.07 30.74
CA MET A 252 5.99 2.55 31.67
C MET A 252 5.24 2.33 33.02
N THR A 253 5.64 1.31 33.78
CA THR A 253 5.05 1.10 35.09
C THR A 253 5.64 1.98 36.20
N ASN A 254 4.94 1.94 37.31
CA ASN A 254 5.32 2.73 38.47
C ASN A 254 6.63 2.20 39.08
N ILE A 255 6.79 0.88 38.96
CA ILE A 255 7.97 0.21 39.49
C ILE A 255 9.19 0.61 38.61
N GLN A 256 9.03 0.56 37.30
CA GLN A 256 10.14 0.93 36.43
C GLN A 256 10.46 2.36 36.74
N ALA A 257 9.41 3.17 36.89
CA ALA A 257 9.64 4.60 37.10
C ALA A 257 10.35 4.89 38.41
N ALA A 258 10.04 4.07 39.41
CA ALA A 258 10.68 4.18 40.73
C ALA A 258 12.18 3.86 40.60
N ILE A 259 12.55 2.75 39.94
CA ILE A 259 13.97 2.44 39.73
C ILE A 259 14.67 3.55 38.97
N GLY A 260 14.00 4.06 37.95
CA GLY A 260 14.57 5.13 37.12
C GLY A 260 14.83 6.38 37.95
N LEU A 261 13.84 6.77 38.77
CA LEU A 261 14.01 8.00 39.57
C LEU A 261 15.22 7.89 40.49
N ALA A 262 15.29 6.76 41.20
CA ALA A 262 16.44 6.50 42.08
C ALA A 262 17.74 6.49 41.25
N GLN A 263 17.72 5.87 40.08
CA GLN A 263 18.95 5.87 39.28
C GLN A 263 19.33 7.27 38.97
N LEU A 264 18.33 8.00 38.51
CA LEU A 264 18.57 9.34 38.01
C LEU A 264 19.04 10.21 39.16
N GLU A 265 18.58 9.92 40.37
CA GLU A 265 19.08 10.65 41.55
C GLU A 265 20.59 10.58 41.68
N ARG A 266 21.20 9.51 41.21
CA ARG A 266 22.65 9.37 41.32
C ARG A 266 23.30 9.37 39.93
N VAL A 267 22.68 10.11 39.04
CA VAL A 267 23.24 10.15 37.68
C VAL A 267 24.65 10.66 37.71
N ASP A 268 24.90 11.64 38.54
CA ASP A 268 26.27 12.10 38.50
C ASP A 268 27.30 11.09 38.98
N GLU A 269 26.94 10.35 40.03
CA GLU A 269 27.85 9.35 40.58
C GLU A 269 28.01 8.25 39.55
N HIS A 270 26.91 7.89 38.91
CA HIS A 270 27.03 6.89 37.86
C HIS A 270 27.98 7.35 36.71
N LEU A 271 27.91 8.62 36.34
CA LEU A 271 28.76 9.07 35.23
C LEU A 271 30.20 9.22 35.72
N ALA A 272 30.39 9.48 37.01
CA ALA A 272 31.74 9.62 37.49
C ALA A 272 32.37 8.24 37.58
N ALA A 273 31.61 7.24 37.98
CA ALA A 273 32.14 5.89 38.07
C ALA A 273 32.71 5.49 36.70
N ARG A 274 31.97 5.82 35.65
CA ARG A 274 32.36 5.46 34.30
C ARG A 274 33.60 6.21 33.85
N GLU A 275 33.66 7.50 34.12
CA GLU A 275 34.83 8.32 33.83
C GLU A 275 36.13 7.73 34.40
N ARG A 276 35.99 7.18 35.61
CA ARG A 276 37.11 6.63 36.34
C ARG A 276 37.50 5.38 35.56
N VAL A 277 36.52 4.56 35.19
CA VAL A 277 36.87 3.36 34.43
C VAL A 277 37.51 3.75 33.08
N VAL A 278 36.95 4.76 32.46
CA VAL A 278 37.49 5.14 31.17
C VAL A 278 38.92 5.67 31.42
N GLY A 279 39.14 6.41 32.51
CA GLY A 279 40.50 6.89 32.83
C GLY A 279 41.55 5.72 32.85
N TRP A 280 41.11 4.62 33.41
CA TRP A 280 41.92 3.41 33.56
C TRP A 280 42.23 2.82 32.20
N TYR A 281 41.21 2.74 31.35
CA TYR A 281 41.48 2.24 30.00
C TYR A 281 42.45 3.17 29.31
N GLU A 282 42.20 4.47 29.47
CA GLU A 282 43.05 5.47 28.83
C GLU A 282 44.52 5.38 29.25
N GLN A 283 44.75 5.22 30.55
CA GLN A 283 46.09 5.10 31.07
C GLN A 283 46.71 3.77 30.70
N LYS A 284 45.95 2.70 30.84
CA LYS A 284 46.53 1.38 30.64
C LYS A 284 46.65 0.86 29.20
N LEU A 285 45.89 1.47 28.29
CA LEU A 285 45.95 1.03 26.93
C LEU A 285 47.27 1.19 26.20
N ALA A 286 48.21 1.97 26.71
CA ALA A 286 49.50 2.12 26.04
C ALA A 286 50.25 0.79 26.01
N ARG A 287 49.90 -0.06 26.96
CA ARG A 287 50.55 -1.34 27.05
C ARG A 287 50.21 -2.11 25.76
N LEU A 288 49.17 -1.70 25.05
CA LEU A 288 48.75 -2.40 23.83
C LEU A 288 49.25 -1.81 22.55
N GLY A 289 49.80 -0.63 22.64
CA GLY A 289 50.33 -0.03 21.43
C GLY A 289 49.38 0.15 20.30
N ASN A 290 49.88 -0.13 19.08
CA ASN A 290 49.12 0.10 17.88
C ASN A 290 48.17 -1.05 17.61
N ARG A 291 48.10 -1.97 18.56
CA ARG A 291 47.22 -3.10 18.42
C ARG A 291 45.69 -2.85 18.52
N VAL A 292 45.31 -1.73 19.15
CA VAL A 292 43.89 -1.28 19.20
C VAL A 292 43.97 0.18 18.90
N THR A 293 42.84 0.73 18.46
CA THR A 293 42.67 2.18 18.22
C THR A 293 41.65 2.65 19.26
N LYS A 294 42.14 3.52 20.14
CA LYS A 294 41.37 4.04 21.24
C LYS A 294 40.24 4.95 20.80
N PRO A 295 39.12 4.85 21.48
CA PRO A 295 38.02 5.69 20.95
C PRO A 295 38.34 7.19 20.92
N HIS A 296 38.17 7.80 19.76
CA HIS A 296 38.38 9.24 19.61
C HIS A 296 37.22 9.97 20.28
N VAL A 297 37.55 11.07 20.96
CA VAL A 297 36.58 11.92 21.66
C VAL A 297 36.59 13.38 21.14
N ALA A 298 35.46 13.80 20.54
CA ALA A 298 35.32 15.12 19.98
C ALA A 298 35.23 16.11 21.11
N LEU A 299 35.70 17.34 20.86
CA LEU A 299 35.68 18.33 21.93
C LEU A 299 34.39 19.11 21.97
N THR A 300 33.34 18.54 21.38
CA THR A 300 32.03 19.20 21.37
C THR A 300 31.31 19.22 22.70
N GLY A 301 31.68 18.30 23.58
CA GLY A 301 30.98 18.27 24.85
C GLY A 301 31.36 16.98 25.58
N ARG A 302 30.57 16.61 26.57
CA ARG A 302 30.87 15.46 27.40
C ARG A 302 30.54 14.14 26.66
N HIS A 303 31.52 13.23 26.60
CA HIS A 303 31.28 11.93 26.01
C HIS A 303 31.12 11.04 27.24
N VAL A 304 29.95 10.45 27.40
CA VAL A 304 29.59 9.58 28.55
C VAL A 304 29.99 8.12 28.59
N PHE A 305 30.50 7.65 27.45
CA PHE A 305 31.09 6.35 27.44
C PHE A 305 30.14 5.27 27.96
N TRP A 306 29.01 5.11 27.29
CA TRP A 306 28.11 4.02 27.63
C TRP A 306 28.99 2.75 27.43
N MET A 307 29.76 2.75 26.34
CA MET A 307 30.71 1.65 26.09
C MET A 307 32.07 2.24 25.65
N TYR A 308 33.20 1.73 26.17
CA TYR A 308 34.52 2.17 25.71
C TYR A 308 34.84 1.28 24.49
N THR A 309 34.96 1.89 23.30
CA THR A 309 35.07 1.21 22.02
C THR A 309 36.32 1.29 21.23
N VAL A 310 37.00 0.15 21.06
CA VAL A 310 38.21 0.28 20.28
C VAL A 310 38.01 -0.27 18.85
N ARG A 311 38.91 0.09 17.95
CA ARG A 311 38.95 -0.50 16.60
C ARG A 311 40.26 -1.29 16.60
N LEU A 312 40.13 -2.58 16.28
CA LEU A 312 41.33 -3.48 16.27
C LEU A 312 42.38 -3.01 15.32
N GLY A 313 43.64 -3.25 15.67
CA GLY A 313 44.77 -2.90 14.83
C GLY A 313 44.63 -3.55 13.46
N GLU A 314 44.96 -2.84 12.41
CA GLU A 314 44.82 -3.44 11.09
C GLU A 314 45.87 -4.52 10.95
N GLY A 315 47.00 -4.30 11.63
CA GLY A 315 48.10 -5.24 11.56
C GLY A 315 47.89 -6.64 12.14
N LEU A 316 46.89 -6.84 13.00
CA LEU A 316 46.73 -8.14 13.66
C LEU A 316 46.46 -9.27 12.70
N SER A 317 46.79 -10.49 13.13
CA SER A 317 46.52 -11.64 12.26
C SER A 317 45.17 -12.23 12.61
N THR A 318 44.81 -12.04 13.86
CA THR A 318 43.54 -12.46 14.39
C THR A 318 42.27 -11.71 13.91
N THR A 319 41.09 -12.27 14.15
CA THR A 319 39.89 -11.52 13.75
C THR A 319 39.14 -10.99 14.98
N ARG A 320 38.32 -9.96 14.77
CA ARG A 320 37.46 -9.40 15.83
C ARG A 320 36.61 -10.45 16.56
N ASP A 321 35.92 -11.31 15.82
CA ASP A 321 35.11 -12.32 16.49
C ASP A 321 36.02 -13.30 17.23
N GLN A 322 37.23 -13.52 16.71
CA GLN A 322 38.11 -14.43 17.43
C GLN A 322 38.53 -13.80 18.77
N VAL A 323 38.86 -12.51 18.71
CA VAL A 323 39.22 -11.82 19.94
C VAL A 323 38.07 -11.89 20.95
N ILE A 324 36.82 -11.72 20.54
CA ILE A 324 35.69 -11.80 21.51
C ILE A 324 35.61 -13.22 22.06
N LYS A 325 35.95 -14.20 21.22
CA LYS A 325 35.88 -15.58 21.72
C LYS A 325 36.96 -15.85 22.73
N ASP A 326 38.14 -15.37 22.39
CA ASP A 326 39.27 -15.57 23.28
C ASP A 326 39.09 -14.87 24.61
N LEU A 327 38.45 -13.71 24.61
CA LEU A 327 38.24 -13.06 25.89
C LEU A 327 37.26 -13.79 26.73
N ASP A 328 36.23 -14.33 26.08
CA ASP A 328 35.15 -15.03 26.79
C ASP A 328 35.77 -16.17 27.56
N ALA A 329 36.62 -16.90 26.83
CA ALA A 329 37.36 -18.03 27.37
C ALA A 329 38.20 -17.51 28.54
N LEU A 330 38.59 -16.25 28.50
CA LEU A 330 39.43 -15.66 29.53
C LEU A 330 38.58 -15.11 30.65
N GLY A 331 37.29 -15.43 30.56
CA GLY A 331 36.28 -15.02 31.54
C GLY A 331 35.87 -13.55 31.38
N ILE A 332 36.02 -13.00 30.18
CA ILE A 332 35.64 -11.59 29.98
C ILE A 332 34.66 -11.39 28.84
N GLU A 333 33.54 -10.75 29.17
CA GLU A 333 32.49 -10.47 28.18
C GLU A 333 32.78 -9.25 27.37
N SER A 334 32.44 -9.31 26.09
CA SER A 334 32.63 -8.14 25.26
C SER A 334 31.56 -8.23 24.16
N ARG A 335 31.43 -7.23 23.29
CA ARG A 335 30.40 -7.23 22.22
C ARG A 335 31.03 -6.68 20.96
N PRO A 336 30.49 -7.02 19.80
CA PRO A 336 31.06 -6.39 18.62
C PRO A 336 30.40 -5.06 18.37
N VAL A 337 31.05 -4.20 17.63
CA VAL A 337 30.37 -3.00 17.17
C VAL A 337 29.25 -3.56 16.27
N PHE A 338 28.09 -2.92 16.26
CA PHE A 338 26.93 -3.41 15.48
C PHE A 338 27.23 -3.76 14.01
N HIS A 339 26.67 -4.86 13.48
CA HIS A 339 26.74 -5.18 12.07
C HIS A 339 25.83 -4.13 11.45
N PRO A 340 26.28 -3.41 10.44
CA PRO A 340 25.52 -2.33 9.80
C PRO A 340 24.26 -2.96 9.26
N MET A 341 23.16 -2.23 9.32
CA MET A 341 21.84 -2.69 8.83
C MET A 341 21.90 -3.26 7.40
N HIS A 342 22.71 -2.64 6.52
CA HIS A 342 22.57 -3.10 5.16
C HIS A 342 23.20 -4.45 4.94
N ILE A 343 23.91 -4.95 5.91
CA ILE A 343 24.53 -6.24 5.65
C ILE A 343 23.68 -7.39 6.22
N MET A 344 22.61 -7.06 6.94
CA MET A 344 21.77 -8.11 7.48
C MET A 344 20.52 -8.35 6.65
N PRO A 345 19.85 -9.50 6.79
CA PRO A 345 18.69 -9.78 5.94
C PRO A 345 17.55 -8.77 5.89
N PRO A 346 17.11 -8.24 7.01
CA PRO A 346 15.99 -7.34 6.91
C PRO A 346 16.30 -6.06 6.15
N TYR A 347 17.56 -5.68 5.99
CA TYR A 347 17.80 -4.41 5.30
C TYR A 347 18.77 -4.46 4.16
N ALA A 348 19.09 -5.68 3.74
CA ALA A 348 20.08 -5.80 2.68
C ALA A 348 19.64 -5.05 1.44
N HIS A 349 18.34 -4.88 1.32
CA HIS A 349 17.79 -4.22 0.16
C HIS A 349 18.08 -2.73 0.21
N LEU A 350 18.58 -2.22 1.32
CA LEU A 350 18.84 -0.79 1.34
C LEU A 350 20.29 -0.48 1.16
N ALA A 351 21.08 -1.52 0.86
CA ALA A 351 22.52 -1.33 0.67
C ALA A 351 22.80 -0.34 -0.44
N THR A 352 23.87 0.41 -0.26
CA THR A 352 24.36 1.32 -1.29
C THR A 352 25.89 1.17 -1.28
N ASP A 353 26.59 1.80 -2.23
CA ASP A 353 28.03 1.65 -2.31
C ASP A 353 28.74 2.71 -1.50
N ASP A 354 27.97 3.43 -0.70
CA ASP A 354 28.62 4.50 0.11
C ASP A 354 28.39 4.29 1.60
N LEU A 355 28.46 3.01 2.02
CA LEU A 355 28.33 2.66 3.45
C LEU A 355 29.62 1.94 3.87
N LYS A 356 30.73 2.36 3.29
CA LYS A 356 31.98 1.68 3.60
C LYS A 356 32.52 1.82 5.02
N ILE A 357 32.40 2.99 5.61
CA ILE A 357 33.01 3.20 6.91
C ILE A 357 32.23 2.42 7.92
N ALA A 358 30.93 2.34 7.70
CA ALA A 358 30.08 1.55 8.58
C ALA A 358 30.56 0.12 8.47
N GLU A 359 30.76 -0.34 7.25
CA GLU A 359 31.22 -1.71 7.12
C GLU A 359 32.53 -1.96 7.84
N ALA A 360 33.52 -1.05 7.67
CA ALA A 360 34.85 -1.16 8.24
C ALA A 360 34.79 -1.24 9.74
N CYS A 361 33.97 -0.34 10.30
CA CYS A 361 33.69 -0.35 11.74
C CYS A 361 33.02 -1.63 12.29
N GLY A 362 32.05 -2.21 11.56
CA GLY A 362 31.35 -3.40 12.02
C GLY A 362 32.38 -4.54 11.97
N VAL A 363 33.33 -4.46 11.06
CA VAL A 363 34.36 -5.46 10.99
C VAL A 363 35.38 -5.40 12.16
N ASP A 364 35.93 -4.21 12.44
CA ASP A 364 36.97 -4.12 13.47
C ASP A 364 36.66 -3.60 14.89
N GLY A 365 35.40 -3.24 15.12
CA GLY A 365 35.04 -2.62 16.37
C GLY A 365 34.65 -3.56 17.49
N LEU A 366 35.07 -3.16 18.69
CA LEU A 366 34.81 -3.97 19.88
C LEU A 366 34.50 -3.11 21.10
N ASN A 367 33.39 -3.44 21.74
CA ASN A 367 33.06 -2.74 22.96
C ASN A 367 33.69 -3.54 24.08
N LEU A 368 34.43 -2.85 24.93
CA LEU A 368 35.06 -3.44 26.11
C LEU A 368 34.15 -3.20 27.32
N PRO A 369 34.30 -4.06 28.32
CA PRO A 369 33.51 -3.95 29.55
C PRO A 369 33.60 -2.48 30.02
N THR A 370 32.40 -1.95 30.29
CA THR A 370 32.22 -0.53 30.68
C THR A 370 31.00 -0.41 31.55
N HIS A 371 31.21 -0.23 32.84
CA HIS A 371 30.10 -0.10 33.77
C HIS A 371 30.68 0.25 35.10
N ALA A 372 29.74 0.78 35.88
CA ALA A 372 30.08 1.36 37.15
C ALA A 372 30.64 0.49 38.23
N GLY A 373 30.45 -0.82 38.09
CA GLY A 373 31.00 -1.77 39.04
C GLY A 373 32.40 -2.31 38.74
N LEU A 374 33.05 -1.86 37.68
CA LEU A 374 34.36 -2.40 37.30
C LEU A 374 35.44 -1.76 38.12
N THR A 375 36.34 -2.58 38.64
CA THR A 375 37.41 -2.02 39.44
C THR A 375 38.68 -1.85 38.63
N GLU A 376 39.65 -1.15 39.22
CA GLU A 376 40.90 -1.00 38.50
C GLU A 376 41.54 -2.36 38.22
N ALA A 377 41.36 -3.32 39.12
CA ALA A 377 41.96 -4.60 38.84
C ALA A 377 41.25 -5.28 37.67
N ASP A 378 39.95 -5.06 37.53
CA ASP A 378 39.21 -5.72 36.46
C ASP A 378 39.77 -5.21 35.14
N ILE A 379 40.06 -3.93 35.13
CA ILE A 379 40.57 -3.33 33.92
C ILE A 379 41.97 -3.86 33.65
N ASP A 380 42.80 -4.02 34.67
CA ASP A 380 44.14 -4.53 34.39
C ASP A 380 43.97 -5.90 33.76
N ARG A 381 43.02 -6.64 34.30
CA ARG A 381 42.71 -7.98 33.80
C ARG A 381 42.25 -7.91 32.34
N VAL A 382 41.39 -6.95 32.02
CA VAL A 382 40.92 -6.86 30.65
C VAL A 382 42.09 -6.53 29.76
N ILE A 383 42.92 -5.59 30.19
CA ILE A 383 44.02 -5.18 29.32
C ILE A 383 45.05 -6.29 29.12
N ALA A 384 45.23 -7.07 30.19
CA ALA A 384 46.15 -8.18 30.18
C ALA A 384 45.65 -9.26 29.20
N ALA A 385 44.35 -9.51 29.23
CA ALA A 385 43.71 -10.44 28.29
C ALA A 385 43.86 -9.94 26.83
N LEU A 386 43.66 -8.64 26.58
CA LEU A 386 43.89 -8.09 25.24
C LEU A 386 45.31 -8.31 24.82
N ASP A 387 46.22 -8.05 25.74
CA ASP A 387 47.60 -8.28 25.40
C ASP A 387 47.83 -9.73 24.94
N GLN A 388 47.21 -10.69 25.61
CA GLN A 388 47.40 -12.10 25.28
C GLN A 388 46.69 -12.52 24.00
N VAL A 389 45.56 -11.88 23.67
CA VAL A 389 44.79 -12.31 22.49
C VAL A 389 44.85 -11.47 21.23
N LEU A 390 45.52 -10.33 21.28
CA LEU A 390 45.56 -9.51 20.11
C LEU A 390 46.84 -9.87 19.39
N VAL A 391 46.76 -10.91 18.57
CA VAL A 391 47.89 -11.40 17.80
C VAL A 391 47.59 -11.30 16.29
N PRO B 25 -15.30 6.38 52.36
CA PRO B 25 -14.14 5.89 51.61
C PRO B 25 -14.56 5.51 50.19
N ARG B 26 -13.69 5.77 49.22
CA ARG B 26 -14.00 5.48 47.83
C ARG B 26 -13.95 3.99 47.54
N ILE B 27 -14.82 3.54 46.65
CA ILE B 27 -14.86 2.15 46.21
C ILE B 27 -14.37 2.11 44.73
N SER B 28 -13.20 1.50 44.50
CA SER B 28 -12.66 1.36 43.15
C SER B 28 -13.32 0.25 42.37
N VAL B 29 -13.36 0.45 41.05
CA VAL B 29 -13.99 -0.57 40.23
C VAL B 29 -13.12 -1.83 40.21
N ALA B 30 -11.84 -1.67 40.49
CA ALA B 30 -10.94 -2.81 40.49
C ALA B 30 -9.65 -2.49 41.27
N ALA B 31 -8.90 -3.52 41.60
CA ALA B 31 -7.64 -3.36 42.33
C ALA B 31 -7.11 -4.75 42.57
N PRO B 32 -5.79 -4.83 42.54
CA PRO B 32 -5.03 -6.06 42.70
C PRO B 32 -4.94 -6.35 44.20
N ARG B 33 -4.78 -7.63 44.54
CA ARG B 33 -4.63 -7.99 45.93
C ARG B 33 -3.24 -8.63 45.97
N LEU B 34 -2.25 -7.95 46.54
CA LEU B 34 -0.96 -8.59 46.54
C LEU B 34 -0.84 -9.32 47.89
N ASP B 35 -1.54 -10.44 48.08
CA ASP B 35 -1.46 -11.17 49.35
C ASP B 35 -0.67 -12.48 49.29
N GLY B 36 0.32 -12.61 48.41
CA GLY B 36 1.08 -13.86 48.29
C GLY B 36 2.54 -13.50 48.47
N ASN B 37 3.38 -14.03 47.60
CA ASN B 37 4.82 -13.75 47.67
C ASN B 37 5.33 -12.65 46.78
N GLU B 38 4.44 -11.81 46.31
CA GLU B 38 4.91 -10.76 45.37
C GLU B 38 6.10 -9.96 45.89
N ARG B 39 5.92 -9.47 47.10
CA ARG B 39 6.89 -8.63 47.73
C ARG B 39 8.24 -9.32 47.87
N ASP B 40 8.25 -10.55 48.37
CA ASP B 40 9.50 -11.28 48.51
C ASP B 40 10.16 -11.56 47.17
N TYR B 41 9.36 -11.98 46.22
CA TYR B 41 9.91 -12.25 44.90
C TYR B 41 10.47 -11.00 44.25
N VAL B 42 9.82 -9.85 44.42
CA VAL B 42 10.34 -8.63 43.81
C VAL B 42 11.63 -8.24 44.51
N LEU B 43 11.63 -8.44 45.84
CA LEU B 43 12.84 -8.13 46.62
C LEU B 43 14.00 -8.96 46.12
N GLU B 44 13.69 -10.21 45.80
CA GLU B 44 14.76 -11.06 45.33
C GLU B 44 15.22 -10.47 44.02
N CYS B 45 14.33 -9.95 43.19
CA CYS B 45 14.88 -9.48 41.94
C CYS B 45 15.84 -8.33 42.19
N MET B 46 15.39 -7.47 43.10
CA MET B 46 16.12 -6.25 43.39
C MET B 46 17.49 -6.60 43.95
N ASP B 47 17.42 -7.48 44.93
CA ASP B 47 18.59 -7.94 45.67
C ASP B 47 19.57 -8.69 44.78
N THR B 48 19.07 -9.51 43.85
CA THR B 48 19.96 -10.23 42.95
C THR B 48 20.47 -9.36 41.83
N THR B 49 19.76 -8.25 41.64
CA THR B 49 19.98 -7.26 40.58
C THR B 49 19.45 -7.68 39.20
N TRP B 50 18.69 -8.76 39.15
CA TRP B 50 18.07 -9.18 37.90
C TRP B 50 16.70 -8.53 37.75
N ILE B 51 16.69 -7.35 37.15
CA ILE B 51 15.50 -6.53 37.04
C ILE B 51 15.03 -6.28 35.60
N SER B 52 15.87 -6.66 34.63
N SER B 52 15.88 -6.64 34.63
CA SER B 52 15.55 -6.49 33.22
CA SER B 52 15.55 -6.49 33.22
C SER B 52 14.75 -7.70 32.75
C SER B 52 14.69 -7.68 32.75
N SER B 53 14.75 -7.89 31.45
CA SER B 53 14.04 -8.97 30.81
C SER B 53 14.86 -10.27 30.82
N VAL B 54 15.83 -10.32 31.72
CA VAL B 54 16.65 -11.52 31.91
C VAL B 54 16.59 -11.90 33.40
N GLY B 55 16.06 -13.11 33.66
CA GLY B 55 15.90 -13.68 34.99
C GLY B 55 15.05 -14.95 35.04
N ARG B 56 15.20 -15.71 36.12
CA ARG B 56 14.49 -17.00 36.30
C ARG B 56 12.96 -16.95 36.38
N PHE B 57 12.42 -15.91 37.00
CA PHE B 57 10.98 -15.85 37.15
C PHE B 57 10.29 -15.85 35.78
N ILE B 58 10.88 -15.29 34.71
CA ILE B 58 10.15 -15.24 33.41
C ILE B 58 9.78 -16.62 32.89
N VAL B 59 10.78 -17.48 32.88
N VAL B 59 10.79 -17.47 32.86
CA VAL B 59 10.61 -18.86 32.47
CA VAL B 59 10.61 -18.85 32.45
C VAL B 59 9.74 -19.56 33.50
C VAL B 59 9.77 -19.57 33.50
N GLU B 60 9.96 -19.28 34.78
CA GLU B 60 9.10 -19.96 35.75
C GLU B 60 7.66 -19.52 35.61
N PHE B 61 7.47 -18.21 35.44
CA PHE B 61 6.09 -17.78 35.29
C PHE B 61 5.41 -18.45 34.09
N GLU B 62 6.16 -18.48 32.99
CA GLU B 62 5.69 -19.06 31.73
C GLU B 62 5.43 -20.54 31.94
N LYS B 63 6.31 -21.21 32.66
CA LYS B 63 6.04 -22.63 32.83
C LYS B 63 4.75 -22.93 33.57
N ALA B 64 4.59 -22.15 34.62
CA ALA B 64 3.48 -22.30 35.51
C ALA B 64 2.18 -21.85 34.88
N PHE B 65 2.22 -20.78 34.08
CA PHE B 65 1.00 -20.29 33.41
C PHE B 65 0.61 -21.35 32.36
N ALA B 66 1.59 -21.85 31.61
CA ALA B 66 1.27 -22.93 30.65
C ALA B 66 0.63 -24.10 31.41
N ASP B 67 1.23 -24.51 32.51
CA ASP B 67 0.67 -25.65 33.22
C ASP B 67 -0.72 -25.26 33.70
N TYR B 68 -0.89 -24.03 34.17
CA TYR B 68 -2.22 -23.71 34.60
C TYR B 68 -3.31 -23.74 33.49
N CYS B 69 -2.93 -23.50 32.24
CA CYS B 69 -3.92 -23.50 31.17
C CYS B 69 -4.00 -24.82 30.43
N GLY B 70 -3.10 -25.73 30.77
CA GLY B 70 -3.00 -27.04 30.16
C GLY B 70 -2.56 -27.00 28.72
N VAL B 71 -1.63 -26.10 28.43
CA VAL B 71 -1.12 -25.92 27.07
C VAL B 71 0.36 -26.09 27.16
N LYS B 72 0.93 -26.35 26.01
CA LYS B 72 2.36 -26.59 25.97
C LYS B 72 3.22 -25.37 26.17
N HIS B 73 2.89 -24.24 25.54
CA HIS B 73 3.80 -23.11 25.57
C HIS B 73 3.22 -21.80 26.13
N ALA B 74 4.01 -21.05 26.90
CA ALA B 74 3.57 -19.72 27.36
C ALA B 74 4.74 -18.75 27.03
N ILE B 75 4.40 -17.62 26.39
CA ILE B 75 5.32 -16.55 25.98
C ILE B 75 4.94 -15.29 26.74
N ALA B 76 5.71 -14.96 27.76
CA ALA B 76 5.46 -13.72 28.51
C ALA B 76 5.77 -12.45 27.75
N CYS B 77 4.87 -11.47 27.81
CA CYS B 77 5.15 -10.23 27.07
C CYS B 77 4.94 -9.05 28.02
N ASN B 78 5.29 -7.89 27.49
CA ASN B 78 5.10 -6.60 28.11
C ASN B 78 3.70 -6.14 28.41
N ASN B 79 2.70 -6.52 27.62
CA ASN B 79 1.31 -6.20 28.00
C ASN B 79 0.37 -7.04 27.15
N GLY B 80 -0.92 -7.14 27.48
CA GLY B 80 -1.80 -7.95 26.65
C GLY B 80 -2.06 -7.42 25.22
N THR B 81 -1.68 -6.17 24.94
CA THR B 81 -1.79 -5.58 23.60
C THR B 81 -0.65 -6.01 22.67
N THR B 82 0.55 -6.00 23.21
CA THR B 82 1.69 -6.41 22.41
C THR B 82 1.64 -7.94 22.29
N ALA B 83 0.94 -8.62 23.20
CA ALA B 83 0.78 -10.09 23.14
C ALA B 83 -0.06 -10.32 21.87
N LEU B 84 -1.18 -9.60 21.78
CA LEU B 84 -2.05 -9.74 20.59
C LEU B 84 -1.27 -9.39 19.34
N HIS B 85 -0.53 -8.29 19.36
CA HIS B 85 0.14 -8.03 18.10
C HIS B 85 1.13 -9.13 17.69
N LEU B 86 1.91 -9.51 18.67
CA LEU B 86 2.90 -10.53 18.47
C LEU B 86 2.26 -11.83 18.00
N ALA B 87 1.20 -12.27 18.68
CA ALA B 87 0.55 -13.50 18.21
C ALA B 87 0.07 -13.33 16.78
N LEU B 88 -0.56 -12.22 16.45
CA LEU B 88 -1.06 -12.16 15.08
C LEU B 88 0.09 -12.12 14.10
N VAL B 89 1.15 -11.36 14.40
CA VAL B 89 2.23 -11.34 13.45
C VAL B 89 2.82 -12.74 13.27
N ALA B 90 3.05 -13.41 14.39
CA ALA B 90 3.68 -14.70 14.28
C ALA B 90 2.79 -15.67 13.48
N MET B 91 1.49 -15.43 13.53
CA MET B 91 0.56 -16.29 12.77
C MET B 91 0.58 -16.02 11.26
N GLY B 92 1.27 -14.94 10.89
CA GLY B 92 1.34 -14.50 9.49
C GLY B 92 0.26 -13.53 8.99
N ILE B 93 -0.44 -12.88 9.90
CA ILE B 93 -1.50 -11.93 9.57
C ILE B 93 -0.77 -10.72 9.00
N GLY B 94 -1.21 -10.16 7.87
CA GLY B 94 -0.47 -9.05 7.27
C GLY B 94 -1.33 -8.29 6.30
N PRO B 95 -0.74 -7.36 5.51
CA PRO B 95 -1.57 -6.62 4.54
C PRO B 95 -2.47 -7.50 3.67
N GLY B 96 -3.75 -7.14 3.66
CA GLY B 96 -4.72 -7.86 2.84
C GLY B 96 -5.59 -8.85 3.61
N ASP B 97 -5.00 -9.47 4.60
CA ASP B 97 -5.75 -10.44 5.40
C ASP B 97 -6.88 -9.76 6.15
N GLU B 98 -7.92 -10.55 6.42
CA GLU B 98 -9.06 -10.18 7.25
C GLU B 98 -9.08 -11.01 8.53
N VAL B 99 -9.45 -10.41 9.65
CA VAL B 99 -9.50 -11.16 10.89
C VAL B 99 -10.85 -10.77 11.45
N ILE B 100 -11.69 -11.75 11.83
CA ILE B 100 -12.99 -11.36 12.37
C ILE B 100 -12.88 -11.06 13.86
N VAL B 101 -13.37 -9.89 14.25
CA VAL B 101 -13.22 -9.40 15.62
C VAL B 101 -14.56 -8.85 16.04
N PRO B 102 -14.98 -9.03 17.30
CA PRO B 102 -16.31 -8.50 17.64
C PRO B 102 -16.18 -7.01 17.74
N SER B 103 -17.25 -6.28 17.42
CA SER B 103 -17.18 -4.81 17.54
C SER B 103 -17.20 -4.51 19.03
N LEU B 104 -17.91 -5.32 19.82
CA LEU B 104 -17.98 -5.03 21.25
C LEU B 104 -16.76 -5.66 21.87
N THR B 105 -15.74 -4.84 22.13
CA THR B 105 -14.51 -5.34 22.75
C THR B 105 -13.62 -4.22 23.24
N TYR B 106 -12.50 -4.57 23.84
CA TYR B 106 -11.54 -3.53 24.20
C TYR B 106 -10.76 -3.27 22.90
N ILE B 107 -10.53 -2.00 22.55
CA ILE B 107 -9.90 -1.63 21.27
C ILE B 107 -8.65 -2.37 20.77
N ALA B 108 -7.81 -2.77 21.72
CA ALA B 108 -6.57 -3.52 21.51
C ALA B 108 -6.91 -4.72 20.59
N SER B 109 -8.10 -5.28 20.77
CA SER B 109 -8.47 -6.39 19.91
C SER B 109 -8.43 -6.01 18.43
N ALA B 110 -9.00 -4.87 18.02
CA ALA B 110 -9.02 -4.54 16.60
C ALA B 110 -7.72 -3.82 16.33
N ASN B 111 -7.24 -3.06 17.32
CA ASN B 111 -5.96 -2.39 17.03
C ASN B 111 -4.85 -3.37 16.61
N SER B 112 -4.75 -4.47 17.32
CA SER B 112 -3.75 -5.46 17.01
C SER B 112 -3.81 -5.94 15.59
N VAL B 113 -5.03 -6.08 15.09
CA VAL B 113 -5.14 -6.43 13.68
C VAL B 113 -4.55 -5.30 12.81
N THR B 114 -4.94 -4.03 13.06
CA THR B 114 -4.45 -2.90 12.29
C THR B 114 -2.91 -2.78 12.33
N TYR B 115 -2.29 -3.03 13.47
CA TYR B 115 -0.85 -2.93 13.49
C TYR B 115 -0.19 -3.81 12.41
N CYS B 116 -0.83 -4.93 12.09
CA CYS B 116 -0.28 -5.90 11.14
C CYS B 116 -0.46 -5.45 9.72
N GLY B 117 -1.24 -4.38 9.52
CA GLY B 117 -1.55 -4.00 8.13
C GLY B 117 -2.84 -4.75 7.70
N ALA B 118 -3.46 -5.52 8.58
CA ALA B 118 -4.68 -6.32 8.25
C ALA B 118 -5.99 -5.59 8.52
N THR B 119 -7.07 -6.21 8.02
CA THR B 119 -8.36 -5.58 8.15
C THR B 119 -9.35 -6.26 9.11
N PRO B 120 -9.79 -5.58 10.17
CA PRO B 120 -10.78 -6.20 11.06
C PRO B 120 -12.12 -6.28 10.34
N VAL B 121 -12.82 -7.41 10.53
CA VAL B 121 -14.16 -7.64 9.96
C VAL B 121 -14.99 -7.87 11.23
N LEU B 122 -15.76 -6.84 11.62
CA LEU B 122 -16.52 -6.79 12.85
C LEU B 122 -17.74 -7.71 12.78
N VAL B 123 -18.10 -8.29 13.91
CA VAL B 123 -19.22 -9.21 13.90
C VAL B 123 -20.01 -8.86 15.18
N ASP B 124 -21.32 -9.14 15.18
CA ASP B 124 -22.13 -8.83 16.37
C ASP B 124 -21.84 -9.81 17.50
N ASN B 125 -22.42 -9.48 18.66
CA ASN B 125 -22.21 -10.32 19.82
C ASN B 125 -23.60 -10.78 20.32
N ASP B 126 -23.60 -11.62 21.34
CA ASP B 126 -24.82 -12.11 22.00
C ASP B 126 -25.31 -11.10 23.03
N PRO B 127 -26.62 -10.90 23.06
CA PRO B 127 -27.18 -9.92 23.98
C PRO B 127 -27.13 -10.34 25.46
N ARG B 128 -26.81 -11.59 25.75
CA ARG B 128 -26.75 -12.02 27.15
C ARG B 128 -25.39 -12.21 27.72
N THR B 129 -24.51 -12.80 26.92
CA THR B 129 -23.14 -13.08 27.34
C THR B 129 -22.16 -11.99 26.89
N PHE B 130 -22.64 -11.08 26.03
CA PHE B 130 -21.86 -9.98 25.45
C PHE B 130 -20.85 -10.49 24.45
N ASN B 131 -20.87 -11.78 24.17
CA ASN B 131 -19.79 -12.37 23.39
C ASN B 131 -20.14 -12.68 21.93
N LEU B 132 -19.07 -12.80 21.16
CA LEU B 132 -19.14 -13.06 19.74
C LEU B 132 -20.24 -14.00 19.42
N ASP B 133 -21.05 -13.61 18.45
CA ASP B 133 -22.17 -14.42 18.00
C ASP B 133 -21.79 -15.39 16.91
N ALA B 134 -21.56 -16.65 17.28
CA ALA B 134 -21.09 -17.67 16.34
C ALA B 134 -22.03 -17.77 15.16
N ALA B 135 -23.34 -17.60 15.39
CA ALA B 135 -24.30 -17.67 14.28
C ALA B 135 -24.07 -16.62 13.23
N LYS B 136 -23.23 -15.64 13.51
CA LYS B 136 -23.04 -14.60 12.53
C LYS B 136 -21.67 -14.68 11.87
N LEU B 137 -20.88 -15.69 12.21
CA LEU B 137 -19.58 -15.77 11.58
C LEU B 137 -19.56 -16.06 10.09
N GLU B 138 -20.26 -17.12 9.75
CA GLU B 138 -20.18 -17.62 8.39
C GLU B 138 -20.46 -16.54 7.33
N ALA B 139 -21.54 -15.78 7.48
CA ALA B 139 -21.78 -14.77 6.50
C ALA B 139 -20.54 -13.91 6.36
N LEU B 140 -19.64 -13.83 7.35
CA LEU B 140 -18.51 -12.88 7.10
C LEU B 140 -17.22 -13.32 6.48
N ILE B 141 -17.12 -14.61 6.26
CA ILE B 141 -15.90 -15.14 5.71
C ILE B 141 -15.83 -14.82 4.22
N THR B 142 -14.65 -14.40 3.78
CA THR B 142 -14.33 -14.09 2.39
C THR B 142 -13.00 -14.70 1.99
N PRO B 143 -12.63 -14.52 0.75
CA PRO B 143 -11.38 -15.15 0.40
C PRO B 143 -10.23 -14.53 1.19
N ARG B 144 -10.44 -13.42 1.88
CA ARG B 144 -9.29 -12.80 2.57
C ARG B 144 -9.17 -13.17 4.06
N THR B 145 -10.22 -13.81 4.55
CA THR B 145 -10.23 -14.14 5.96
C THR B 145 -9.14 -15.09 6.34
N LYS B 146 -8.46 -14.74 7.43
CA LYS B 146 -7.41 -15.64 7.90
C LYS B 146 -7.59 -16.13 9.31
N ALA B 147 -8.31 -15.42 10.17
CA ALA B 147 -8.42 -15.83 11.58
C ALA B 147 -9.70 -15.23 12.13
N ILE B 148 -10.11 -15.80 13.24
CA ILE B 148 -11.24 -15.28 13.98
C ILE B 148 -10.74 -15.07 15.40
N MET B 149 -11.14 -13.93 15.96
CA MET B 149 -10.76 -13.58 17.31
C MET B 149 -11.91 -13.53 18.30
N PRO B 150 -12.22 -14.68 18.89
CA PRO B 150 -13.23 -14.72 19.94
C PRO B 150 -12.65 -13.97 21.15
N VAL B 151 -13.42 -13.07 21.77
CA VAL B 151 -12.89 -12.32 22.92
C VAL B 151 -13.73 -12.74 24.14
N HIS B 152 -13.21 -13.33 25.21
CA HIS B 152 -14.02 -13.77 26.36
C HIS B 152 -14.31 -12.68 27.38
N LEU B 153 -15.31 -11.86 27.05
CA LEU B 153 -15.57 -10.72 27.90
C LEU B 153 -16.09 -11.07 29.31
N TYR B 154 -15.57 -10.27 30.25
CA TYR B 154 -16.00 -10.20 31.63
C TYR B 154 -15.77 -11.44 32.49
N GLY B 155 -15.08 -12.41 31.89
CA GLY B 155 -14.77 -13.64 32.60
C GLY B 155 -15.39 -14.86 31.97
N GLN B 156 -16.15 -14.62 30.90
CA GLN B 156 -16.93 -15.68 30.27
C GLN B 156 -16.45 -16.03 28.90
N ILE B 157 -16.16 -17.32 28.75
CA ILE B 157 -15.70 -17.87 27.45
C ILE B 157 -16.78 -17.91 26.36
N CYS B 158 -16.40 -17.53 25.14
CA CYS B 158 -17.31 -17.51 24.02
C CYS B 158 -17.75 -18.94 23.81
N ASP B 159 -18.86 -19.12 23.09
CA ASP B 159 -19.29 -20.48 22.80
C ASP B 159 -18.32 -21.05 21.78
N MET B 160 -17.26 -21.69 22.27
CA MET B 160 -16.18 -22.14 21.39
C MET B 160 -16.43 -23.22 20.37
N ASP B 161 -17.23 -24.22 20.72
CA ASP B 161 -17.50 -25.33 19.81
C ASP B 161 -17.94 -24.90 18.40
N PRO B 162 -18.99 -24.09 18.35
CA PRO B 162 -19.42 -23.65 17.01
C PRO B 162 -18.42 -22.71 16.30
N ILE B 163 -17.72 -21.87 17.06
CA ILE B 163 -16.73 -20.98 16.47
C ILE B 163 -15.64 -21.90 15.91
N LEU B 164 -15.19 -22.90 16.64
CA LEU B 164 -14.16 -23.80 16.09
C LEU B 164 -14.60 -24.58 14.89
N GLU B 165 -15.88 -24.91 14.87
CA GLU B 165 -16.43 -25.71 13.80
C GLU B 165 -16.50 -24.86 12.56
N VAL B 166 -16.92 -23.62 12.73
CA VAL B 166 -16.93 -22.77 11.55
C VAL B 166 -15.50 -22.58 11.01
N ALA B 167 -14.57 -22.39 11.93
CA ALA B 167 -13.17 -22.16 11.59
C ALA B 167 -12.56 -23.30 10.79
N ARG B 168 -12.69 -24.49 11.35
CA ARG B 168 -12.16 -25.73 10.80
C ARG B 168 -12.57 -25.90 9.36
N ARG B 169 -13.87 -25.72 9.15
CA ARG B 169 -14.55 -25.85 7.88
C ARG B 169 -14.02 -24.88 6.86
N HIS B 170 -13.36 -23.81 7.32
CA HIS B 170 -12.86 -22.77 6.46
C HIS B 170 -11.34 -22.56 6.55
N ASN B 171 -10.70 -23.49 7.24
CA ASN B 171 -9.27 -23.47 7.38
C ASN B 171 -8.80 -22.09 7.83
N LEU B 172 -9.46 -21.65 8.89
CA LEU B 172 -9.15 -20.37 9.52
C LEU B 172 -8.45 -20.67 10.84
N LEU B 173 -7.69 -19.71 11.35
CA LEU B 173 -7.06 -19.87 12.66
C LEU B 173 -8.02 -19.23 13.64
N VAL B 174 -7.86 -19.58 14.92
CA VAL B 174 -8.66 -18.93 15.94
C VAL B 174 -7.65 -18.38 16.96
N ILE B 175 -7.79 -17.11 17.31
CA ILE B 175 -6.98 -16.58 18.38
C ILE B 175 -7.90 -16.10 19.51
N GLU B 176 -7.83 -16.63 20.73
CA GLU B 176 -8.68 -16.12 21.82
C GLU B 176 -8.03 -14.88 22.44
N ASP B 177 -8.79 -13.81 22.66
CA ASP B 177 -8.28 -12.66 23.41
C ASP B 177 -8.91 -13.01 24.75
N ALA B 178 -8.08 -13.59 25.62
CA ALA B 178 -8.57 -14.17 26.86
C ALA B 178 -8.17 -13.31 28.02
N ALA B 179 -7.89 -12.05 27.69
CA ALA B 179 -7.36 -11.10 28.68
C ALA B 179 -8.22 -10.96 29.92
N GLU B 180 -9.54 -11.11 29.82
CA GLU B 180 -10.45 -10.86 30.93
C GLU B 180 -10.95 -12.18 31.52
N ALA B 181 -10.30 -13.28 31.16
CA ALA B 181 -10.82 -14.58 31.59
C ALA B 181 -9.76 -15.55 32.12
N VAL B 182 -8.73 -15.13 32.86
CA VAL B 182 -7.80 -16.17 33.28
CA VAL B 182 -7.77 -16.12 33.35
C VAL B 182 -8.57 -17.09 34.21
N GLY B 183 -8.39 -18.42 34.07
CA GLY B 183 -9.07 -19.40 34.93
C GLY B 183 -10.45 -19.90 34.51
N ALA B 184 -11.02 -19.24 33.51
CA ALA B 184 -12.34 -19.62 33.01
C ALA B 184 -12.15 -20.96 32.32
N THR B 185 -13.22 -21.75 32.21
CA THR B 185 -13.11 -23.01 31.48
C THR B 185 -14.31 -23.16 30.57
N TYR B 186 -14.16 -24.00 29.56
CA TYR B 186 -15.25 -24.28 28.66
C TYR B 186 -15.18 -25.78 28.39
N ARG B 187 -16.20 -26.52 28.83
CA ARG B 187 -16.27 -27.95 28.61
C ARG B 187 -14.95 -28.63 28.88
N GLY B 188 -14.47 -28.38 30.10
CA GLY B 188 -13.26 -29.00 30.61
C GLY B 188 -11.92 -28.40 30.22
N LYS B 189 -11.94 -27.36 29.42
CA LYS B 189 -10.69 -26.77 28.99
C LYS B 189 -10.58 -25.36 29.50
N LYS B 190 -9.35 -24.99 29.83
CA LYS B 190 -9.11 -23.65 30.34
C LYS B 190 -9.08 -22.66 29.17
N SER B 191 -9.40 -21.41 29.48
CA SER B 191 -9.22 -20.40 28.47
C SER B 191 -7.74 -20.45 28.23
N GLY B 192 -7.41 -20.12 26.99
CA GLY B 192 -6.04 -20.06 26.52
C GLY B 192 -5.67 -21.35 25.80
N SER B 193 -6.44 -22.43 25.94
CA SER B 193 -6.03 -23.69 25.31
C SER B 193 -7.01 -24.09 24.21
N LEU B 194 -7.90 -23.18 23.86
CA LEU B 194 -8.95 -23.56 22.90
C LEU B 194 -8.74 -23.22 21.43
N GLY B 195 -8.15 -22.08 21.12
CA GLY B 195 -7.91 -21.70 19.73
C GLY B 195 -6.49 -22.12 19.37
N ASP B 196 -6.01 -21.66 18.22
CA ASP B 196 -4.61 -21.89 17.84
C ASP B 196 -3.63 -21.18 18.75
N CYS B 197 -4.06 -20.10 19.42
CA CYS B 197 -3.24 -19.38 20.39
C CYS B 197 -4.23 -18.48 21.12
N ALA B 198 -3.83 -17.84 22.21
CA ALA B 198 -4.71 -17.02 23.03
C ALA B 198 -3.84 -15.96 23.70
N THR B 199 -4.37 -14.80 24.01
CA THR B 199 -3.53 -13.80 24.69
C THR B 199 -4.21 -13.44 25.99
N PHE B 200 -3.41 -13.00 26.94
CA PHE B 200 -3.93 -12.65 28.26
C PHE B 200 -3.30 -11.31 28.62
N SER B 201 -3.96 -10.56 29.48
CA SER B 201 -3.40 -9.30 29.96
C SER B 201 -3.21 -9.39 31.47
N PHE B 202 -2.18 -8.72 31.98
CA PHE B 202 -1.97 -8.72 33.44
C PHE B 202 -1.90 -7.30 33.95
N PHE B 203 -2.60 -6.41 33.25
CA PHE B 203 -2.71 -5.03 33.72
C PHE B 203 -3.27 -5.09 35.13
N GLY B 204 -3.12 -4.00 35.87
CA GLY B 204 -3.49 -3.86 37.28
C GLY B 204 -4.93 -4.11 37.71
N ASN B 205 -5.88 -3.99 36.76
CA ASN B 205 -7.31 -4.27 37.09
C ASN B 205 -7.69 -5.73 36.77
N1 LLP B 206 -8.17 -7.08 25.19
C2 LLP B 206 -9.04 -7.17 26.15
C2' LLP B 206 -10.36 -7.90 25.89
C3 LLP B 206 -8.75 -6.66 27.40
O3 LLP B 206 -9.62 -6.78 28.42
C4 LLP B 206 -7.55 -6.03 27.68
C4' LLP B 206 -7.24 -5.54 29.05
C5 LLP B 206 -6.63 -5.93 26.60
C6 LLP B 206 -7.01 -6.47 25.39
C5' LLP B 206 -5.31 -5.20 26.68
OP4 LLP B 206 -4.27 -5.79 27.44
P LLP B 206 -3.29 -4.63 28.05
OP1 LLP B 206 -2.41 -3.94 26.91
OP2 LLP B 206 -2.36 -5.54 28.97
OP3 LLP B 206 -4.09 -3.59 28.94
N LLP B 206 -6.76 -6.53 36.25
CA LLP B 206 -7.19 -7.88 35.87
CB LLP B 206 -6.47 -8.35 34.58
CG LLP B 206 -6.16 -7.29 33.51
CD LLP B 206 -7.23 -7.21 32.41
CE LLP B 206 -7.23 -5.94 31.52
NZ LLP B 206 -7.56 -6.26 30.07
C LLP B 206 -7.17 -8.91 37.00
O LLP B 206 -6.67 -8.65 38.07
N ILE B 207 -7.73 -10.10 36.78
CA ILE B 207 -7.77 -11.12 37.85
C ILE B 207 -6.43 -11.42 38.51
N ILE B 208 -5.39 -11.56 37.70
CA ILE B 208 -4.10 -11.72 38.28
C ILE B 208 -3.32 -10.60 37.57
N THR B 209 -2.40 -9.97 38.30
CA THR B 209 -1.70 -8.84 37.73
C THR B 209 -0.16 -8.93 37.75
N THR B 210 0.48 -8.13 36.90
CA THR B 210 1.94 -7.98 36.93
C THR B 210 2.14 -6.51 36.87
N GLY B 211 1.07 -5.76 37.13
CA GLY B 211 1.23 -4.33 36.95
C GLY B 211 0.93 -4.06 35.44
N GLU B 212 1.87 -4.32 34.52
CA GLU B 212 1.50 -4.25 33.09
C GLU B 212 2.15 -5.57 32.70
N GLY B 213 1.52 -6.34 31.83
CA GLY B 213 2.22 -7.58 31.44
C GLY B 213 1.20 -8.41 30.63
N GLY B 214 1.68 -9.40 29.88
CA GLY B 214 0.80 -10.16 29.00
C GLY B 214 1.42 -11.51 28.76
N MET B 215 0.71 -12.40 28.07
CA MET B 215 1.21 -13.76 27.83
C MET B 215 0.49 -14.25 26.58
N ILE B 216 1.12 -15.14 25.83
CA ILE B 216 0.51 -15.82 24.68
C ILE B 216 0.57 -17.31 25.02
N THR B 217 -0.57 -18.00 24.90
CA THR B 217 -0.54 -19.44 25.13
C THR B 217 -0.75 -20.16 23.77
N THR B 218 -0.07 -21.29 23.62
CA THR B 218 -0.27 -22.10 22.42
C THR B 218 0.33 -23.47 22.64
N ASN B 219 -0.19 -24.40 21.84
CA ASN B 219 0.31 -25.78 21.84
C ASN B 219 1.14 -26.03 20.62
N ASP B 220 1.29 -25.02 19.77
CA ASP B 220 2.05 -25.23 18.52
C ASP B 220 3.51 -24.83 18.59
N ASP B 221 4.39 -25.82 18.37
CA ASP B 221 5.82 -25.60 18.46
C ASP B 221 6.25 -24.49 17.55
N ASP B 222 5.82 -24.54 16.30
CA ASP B 222 6.29 -23.50 15.36
C ASP B 222 5.91 -22.06 15.70
N LEU B 223 4.63 -21.91 15.97
CA LEU B 223 4.07 -20.62 16.33
C LEU B 223 4.84 -20.06 17.54
N ALA B 224 5.09 -20.92 18.53
CA ALA B 224 5.76 -20.48 19.75
C ALA B 224 7.17 -19.99 19.45
N ALA B 225 7.88 -20.72 18.60
CA ALA B 225 9.25 -20.34 18.34
C ALA B 225 9.25 -19.02 17.66
N LYS B 226 8.33 -18.88 16.73
CA LYS B 226 8.30 -17.63 15.95
C LYS B 226 8.04 -16.50 16.94
N MET B 227 7.13 -16.70 17.87
CA MET B 227 6.76 -15.62 18.81
C MET B 227 7.95 -15.20 19.66
N ARG B 228 8.72 -16.16 20.19
CA ARG B 228 9.89 -15.85 21.01
C ARG B 228 10.93 -15.23 20.12
N LEU B 229 11.04 -15.64 18.87
CA LEU B 229 12.06 -14.91 18.09
C LEU B 229 11.72 -13.41 17.89
N LEU B 230 10.43 -13.18 17.68
CA LEU B 230 9.96 -11.83 17.40
C LEU B 230 9.94 -10.93 18.62
N ARG B 231 9.59 -11.55 19.73
CA ARG B 231 9.53 -10.86 21.03
C ARG B 231 10.87 -10.30 21.38
N GLY B 232 11.92 -11.06 21.06
CA GLY B 232 13.33 -10.72 21.34
C GLY B 232 14.09 -9.94 20.26
N GLN B 233 13.44 -8.91 19.74
CA GLN B 233 13.98 -8.02 18.69
C GLN B 233 14.31 -8.78 17.40
N GLY B 234 13.91 -10.05 17.31
CA GLY B 234 14.22 -10.84 16.13
C GLY B 234 15.71 -11.23 15.97
N MET B 235 16.45 -11.11 17.05
CA MET B 235 17.88 -11.42 17.03
C MET B 235 18.06 -12.91 16.95
N ASP B 236 19.12 -13.33 16.28
CA ASP B 236 19.44 -14.75 16.25
C ASP B 236 20.24 -15.14 17.49
N PRO B 237 19.69 -16.13 18.18
CA PRO B 237 20.29 -16.71 19.38
C PRO B 237 21.80 -16.93 19.32
N ASN B 238 22.34 -17.37 18.18
CA ASN B 238 23.77 -17.61 18.06
C ASN B 238 24.67 -16.49 17.51
N ARG B 239 24.07 -15.36 17.12
CA ARG B 239 24.91 -14.28 16.62
C ARG B 239 24.58 -12.88 17.15
N ARG B 240 25.43 -12.41 18.05
CA ARG B 240 25.32 -11.13 18.75
C ARG B 240 25.10 -10.05 17.70
N TYR B 241 23.97 -9.36 17.79
CA TYR B 241 23.66 -8.31 16.83
C TYR B 241 23.42 -8.87 15.44
N TRP B 242 23.00 -10.13 15.35
CA TRP B 242 22.58 -10.73 14.08
C TRP B 242 21.07 -10.94 14.06
N PHE B 243 20.43 -10.18 13.17
CA PHE B 243 19.00 -10.17 13.08
C PHE B 243 18.49 -10.66 11.74
N PRO B 244 17.81 -11.80 11.74
CA PRO B 244 17.32 -12.29 10.45
C PRO B 244 15.98 -11.74 9.98
N ILE B 245 15.21 -11.19 10.93
N ILE B 245 15.25 -11.11 10.90
CA ILE B 245 13.90 -10.64 10.67
CA ILE B 245 13.97 -10.50 10.57
C ILE B 245 13.75 -9.37 11.50
C ILE B 245 13.85 -9.26 11.40
N VAL B 246 12.77 -8.55 11.15
CA VAL B 246 12.40 -7.35 11.95
C VAL B 246 11.52 -7.89 13.10
N GLY B 247 12.01 -7.61 14.31
CA GLY B 247 11.36 -8.02 15.54
C GLY B 247 10.85 -6.80 16.29
N PHE B 248 10.55 -7.06 17.56
CA PHE B 248 9.98 -6.04 18.44
C PHE B 248 10.66 -6.14 19.80
N ASN B 249 10.42 -5.17 20.68
CA ASN B 249 10.93 -5.34 22.04
C ASN B 249 9.67 -5.49 22.86
N TYR B 250 9.24 -6.74 22.99
CA TYR B 250 8.02 -7.14 23.70
C TYR B 250 8.22 -8.05 24.95
N ARG B 251 9.46 -8.06 25.41
N ARG B 251 9.48 -8.15 25.39
CA ARG B 251 9.80 -8.85 26.58
CA ARG B 251 9.92 -8.95 26.54
C ARG B 251 9.17 -8.36 27.88
C ARG B 251 9.37 -8.43 27.88
N MET B 252 8.90 -9.31 28.76
CA MET B 252 8.41 -8.95 30.10
C MET B 252 9.67 -8.86 30.98
N THR B 253 9.63 -8.08 32.07
CA THR B 253 10.77 -8.07 32.97
C THR B 253 10.69 -9.13 34.03
N ASN B 254 11.84 -9.36 34.63
CA ASN B 254 11.93 -10.32 35.72
C ASN B 254 11.04 -9.88 36.86
N ILE B 255 10.94 -8.57 37.05
CA ILE B 255 10.07 -8.12 38.14
C ILE B 255 8.59 -8.35 37.85
N GLN B 256 8.16 -8.15 36.60
CA GLN B 256 6.75 -8.43 36.22
C GLN B 256 6.46 -9.88 36.41
N ALA B 257 7.41 -10.72 36.01
CA ALA B 257 7.22 -12.18 36.12
C ALA B 257 7.13 -12.64 37.58
N ALA B 258 7.99 -12.05 38.40
CA ALA B 258 7.97 -12.40 39.82
C ALA B 258 6.60 -12.18 40.46
N ILE B 259 6.02 -11.00 40.18
CA ILE B 259 4.73 -10.59 40.70
C ILE B 259 3.63 -11.53 40.20
N GLY B 260 3.81 -11.88 38.95
CA GLY B 260 2.94 -12.76 38.18
C GLY B 260 2.97 -14.16 38.76
N LEU B 261 4.16 -14.70 38.94
CA LEU B 261 4.27 -16.05 39.48
C LEU B 261 3.62 -16.05 40.86
N ALA B 262 3.92 -15.09 41.72
CA ALA B 262 3.28 -15.00 43.02
C ALA B 262 1.73 -14.95 42.93
N GLN B 263 1.20 -14.14 42.02
CA GLN B 263 -0.26 -14.04 41.90
C GLN B 263 -0.87 -15.40 41.44
N LEU B 264 -0.19 -16.01 40.48
CA LEU B 264 -0.68 -17.28 40.00
C LEU B 264 -0.68 -18.34 41.10
N GLU B 265 0.28 -18.22 42.02
CA GLU B 265 0.27 -19.21 43.08
C GLU B 265 -1.03 -19.15 43.84
N ARG B 266 -1.65 -17.97 43.93
CA ARG B 266 -2.90 -17.86 44.70
C ARG B 266 -4.06 -17.64 43.75
N VAL B 267 -3.93 -18.13 42.53
CA VAL B 267 -5.02 -17.90 41.59
C VAL B 267 -6.38 -18.39 42.07
N ASP B 268 -6.44 -19.55 42.72
CA ASP B 268 -7.74 -20.09 43.15
C ASP B 268 -8.29 -19.21 44.26
N GLU B 269 -7.39 -18.64 45.07
CA GLU B 269 -7.89 -17.77 46.11
C GLU B 269 -8.52 -16.52 45.51
N HIS B 270 -7.84 -16.02 44.50
CA HIS B 270 -8.24 -14.81 43.82
C HIS B 270 -9.65 -15.06 43.21
N LEU B 271 -9.79 -16.22 42.61
CA LEU B 271 -11.03 -16.56 41.92
C LEU B 271 -12.19 -16.73 42.93
N ALA B 272 -11.88 -17.27 44.11
CA ALA B 272 -12.86 -17.53 45.17
C ALA B 272 -13.32 -16.20 45.72
N ALA B 273 -12.42 -15.24 45.59
CA ALA B 273 -12.72 -13.91 46.10
C ALA B 273 -13.72 -13.19 45.24
N ARG B 274 -13.60 -13.34 43.92
CA ARG B 274 -14.59 -12.71 43.07
C ARG B 274 -15.91 -13.48 43.15
N GLU B 275 -15.81 -14.75 43.51
CA GLU B 275 -17.03 -15.54 43.63
C GLU B 275 -17.76 -15.02 44.86
N ARG B 276 -16.99 -14.59 45.86
CA ARG B 276 -17.63 -14.11 47.08
C ARG B 276 -18.32 -12.79 46.79
N VAL B 277 -17.62 -11.91 46.07
CA VAL B 277 -18.20 -10.64 45.64
C VAL B 277 -19.45 -10.81 44.76
N VAL B 278 -19.39 -11.74 43.83
CA VAL B 278 -20.51 -11.91 42.93
C VAL B 278 -21.68 -12.48 43.70
N GLY B 279 -21.39 -13.40 44.62
CA GLY B 279 -22.47 -13.99 45.43
C GLY B 279 -23.19 -12.85 46.15
N TRP B 280 -22.46 -11.85 46.66
CA TRP B 280 -23.14 -10.77 47.37
C TRP B 280 -24.06 -9.90 46.48
N TYR B 281 -23.58 -9.56 45.30
CA TYR B 281 -24.46 -8.85 44.35
C TYR B 281 -25.65 -9.77 44.06
N GLU B 282 -25.37 -11.04 43.74
CA GLU B 282 -26.50 -11.88 43.34
C GLU B 282 -27.56 -12.05 44.36
N GLN B 283 -27.19 -11.97 45.64
CA GLN B 283 -28.24 -12.19 46.63
C GLN B 283 -28.96 -10.93 47.06
N LYS B 284 -28.46 -9.77 46.66
CA LYS B 284 -29.06 -8.49 47.03
C LYS B 284 -29.78 -7.90 45.82
N LEU B 285 -29.68 -8.53 44.65
CA LEU B 285 -30.29 -7.91 43.46
C LEU B 285 -31.75 -7.44 43.40
N ALA B 286 -32.65 -8.20 44.03
CA ALA B 286 -34.09 -7.89 44.00
C ALA B 286 -34.38 -6.44 44.37
N ARG B 287 -33.56 -5.87 45.25
CA ARG B 287 -33.82 -4.48 45.56
C ARG B 287 -33.80 -3.65 44.31
N LEU B 288 -33.17 -4.13 43.23
CA LEU B 288 -33.12 -3.30 42.02
C LEU B 288 -34.20 -3.68 41.02
N GLY B 289 -34.89 -4.78 41.30
CA GLY B 289 -35.98 -5.10 40.41
C GLY B 289 -35.55 -5.14 38.96
N ASN B 290 -36.49 -4.90 38.07
CA ASN B 290 -36.22 -4.96 36.64
C ASN B 290 -35.31 -3.86 36.11
N ARG B 291 -34.83 -3.02 37.02
CA ARG B 291 -34.01 -1.86 36.70
C ARG B 291 -32.64 -2.26 36.20
N VAL B 292 -32.26 -3.53 36.38
CA VAL B 292 -30.99 -3.90 35.78
C VAL B 292 -31.25 -5.29 35.31
N THR B 293 -30.48 -5.81 34.36
CA THR B 293 -30.59 -7.21 34.00
C THR B 293 -29.24 -7.77 34.43
N LYS B 294 -29.25 -8.83 35.24
CA LYS B 294 -27.99 -9.37 35.74
C LYS B 294 -27.21 -10.18 34.72
N PRO B 295 -25.89 -10.27 34.90
CA PRO B 295 -25.05 -11.02 33.97
C PRO B 295 -25.54 -12.45 33.86
N HIS B 296 -25.89 -12.78 32.62
CA HIS B 296 -26.35 -14.13 32.32
C HIS B 296 -25.13 -15.08 32.34
N VAL B 297 -25.24 -16.29 32.85
CA VAL B 297 -24.12 -17.24 32.92
C VAL B 297 -24.38 -18.43 32.00
N ALA B 298 -23.65 -18.53 30.90
CA ALA B 298 -23.77 -19.67 30.00
C ALA B 298 -23.30 -20.88 30.85
N LEU B 299 -23.96 -22.03 30.71
CA LEU B 299 -23.64 -23.24 31.47
C LEU B 299 -22.52 -24.09 30.85
N THR B 300 -21.60 -23.44 30.15
CA THR B 300 -20.57 -24.19 29.42
C THR B 300 -19.22 -24.37 30.13
N GLY B 301 -19.04 -23.74 31.28
CA GLY B 301 -17.77 -23.88 32.01
C GLY B 301 -17.78 -22.80 33.09
N ARG B 302 -16.65 -22.57 33.72
CA ARG B 302 -16.62 -21.56 34.76
C ARG B 302 -16.60 -20.16 34.20
N HIS B 303 -17.44 -19.30 34.79
CA HIS B 303 -17.46 -17.88 34.42
C HIS B 303 -16.71 -17.21 35.58
N VAL B 304 -15.53 -16.65 35.31
CA VAL B 304 -14.68 -16.04 36.36
C VAL B 304 -15.00 -14.63 36.88
N PHE B 305 -15.97 -13.99 36.25
CA PHE B 305 -16.37 -12.65 36.69
C PHE B 305 -15.24 -11.67 36.93
N TRP B 306 -14.54 -11.34 35.85
CA TRP B 306 -13.54 -10.31 35.92
C TRP B 306 -14.34 -9.07 36.35
N MET B 307 -15.47 -8.78 35.68
CA MET B 307 -16.28 -7.62 36.14
C MET B 307 -17.68 -8.12 36.18
N TYR B 308 -18.46 -7.70 37.19
CA TYR B 308 -19.89 -8.09 37.31
C TYR B 308 -20.62 -6.99 36.52
N THR B 309 -21.20 -7.36 35.39
CA THR B 309 -21.78 -6.48 34.37
C THR B 309 -23.29 -6.60 34.16
N VAL B 310 -24.00 -5.48 34.33
CA VAL B 310 -25.45 -5.44 34.20
C VAL B 310 -25.82 -4.58 33.00
N ARG B 311 -27.03 -4.77 32.53
CA ARG B 311 -27.61 -3.92 31.45
C ARG B 311 -28.69 -3.14 32.21
N LEU B 312 -28.68 -1.83 32.05
CA LEU B 312 -29.68 -1.03 32.74
C LEU B 312 -30.98 -1.20 31.97
N GLY B 313 -32.10 -1.13 32.67
CA GLY B 313 -33.44 -1.27 32.07
C GLY B 313 -33.83 -0.18 31.07
N GLU B 314 -34.46 -0.61 29.98
CA GLU B 314 -34.82 0.30 28.89
C GLU B 314 -35.60 1.48 29.42
N GLY B 315 -36.35 1.19 30.49
CA GLY B 315 -37.27 2.16 31.05
C GLY B 315 -36.78 3.30 31.91
N LEU B 316 -35.51 3.31 32.30
CA LEU B 316 -35.11 4.44 33.12
C LEU B 316 -35.15 5.77 32.38
N SER B 317 -35.29 6.83 33.16
CA SER B 317 -35.27 8.19 32.68
C SER B 317 -33.80 8.56 32.60
N THR B 318 -33.00 8.02 33.50
CA THR B 318 -31.60 8.37 33.45
C THR B 318 -30.86 7.58 32.36
N THR B 319 -29.64 8.03 32.09
CA THR B 319 -28.79 7.46 31.04
C THR B 319 -27.68 6.68 31.73
N ARG B 320 -27.15 5.66 31.07
CA ARG B 320 -26.06 4.85 31.60
C ARG B 320 -24.94 5.80 32.05
N ASP B 321 -24.63 6.79 31.20
CA ASP B 321 -23.59 7.77 31.51
C ASP B 321 -23.84 8.63 32.73
N GLN B 322 -25.10 8.99 32.95
CA GLN B 322 -25.38 9.81 34.09
C GLN B 322 -25.30 8.91 35.29
N VAL B 323 -25.70 7.67 35.12
CA VAL B 323 -25.64 6.72 36.22
C VAL B 323 -24.21 6.65 36.80
N ILE B 324 -23.22 6.56 35.92
CA ILE B 324 -21.83 6.49 36.36
C ILE B 324 -21.41 7.75 37.11
N LYS B 325 -21.93 8.89 36.67
CA LYS B 325 -21.61 10.20 37.25
C LYS B 325 -22.23 10.33 38.65
N ASP B 326 -23.43 9.78 38.78
CA ASP B 326 -24.15 9.81 40.06
C ASP B 326 -23.43 8.88 41.04
N LEU B 327 -23.08 7.68 40.56
CA LEU B 327 -22.40 6.73 41.43
C LEU B 327 -21.09 7.30 41.90
N ASP B 328 -20.42 7.96 40.97
CA ASP B 328 -19.15 8.57 41.33
C ASP B 328 -19.29 9.54 42.51
N ALA B 329 -20.27 10.41 42.40
CA ALA B 329 -20.58 11.36 43.44
C ALA B 329 -20.91 10.61 44.71
N LEU B 330 -21.46 9.41 44.57
CA LEU B 330 -21.76 8.57 45.73
C LEU B 330 -20.49 7.87 46.25
N GLY B 331 -19.34 8.13 45.60
CA GLY B 331 -18.01 7.60 45.97
C GLY B 331 -17.73 6.21 45.41
N ILE B 332 -18.47 5.86 44.36
N ILE B 332 -18.46 5.88 44.36
CA ILE B 332 -18.30 4.55 43.76
CA ILE B 332 -18.33 4.57 43.73
C ILE B 332 -17.82 4.69 42.33
C ILE B 332 -17.88 4.63 42.28
N GLU B 333 -16.74 3.98 42.02
CA GLU B 333 -16.20 3.92 40.67
C GLU B 333 -16.93 2.86 39.85
N SER B 334 -17.08 3.09 38.54
CA SER B 334 -17.74 2.06 37.72
C SER B 334 -17.31 2.35 36.31
N ARG B 335 -17.59 1.44 35.38
CA ARG B 335 -17.19 1.62 33.99
C ARG B 335 -18.31 1.22 33.06
N PRO B 336 -18.29 1.80 31.86
CA PRO B 336 -19.30 1.42 30.91
C PRO B 336 -18.86 0.19 30.15
N VAL B 337 -19.83 -0.57 29.67
CA VAL B 337 -19.47 -1.63 28.76
C VAL B 337 -18.84 -0.87 27.60
N PHE B 338 -17.86 -1.46 26.92
CA PHE B 338 -17.21 -0.72 25.86
C PHE B 338 -18.04 0.01 24.79
N HIS B 339 -17.51 1.11 24.25
CA HIS B 339 -18.21 1.65 23.07
C HIS B 339 -17.84 0.75 21.91
N PRO B 340 -18.80 0.26 21.13
CA PRO B 340 -18.38 -0.63 20.04
C PRO B 340 -17.38 0.00 19.04
N MET B 341 -16.46 -0.80 18.51
CA MET B 341 -15.53 -0.26 17.54
C MET B 341 -16.08 0.65 16.45
N HIS B 342 -17.13 0.19 15.76
CA HIS B 342 -17.67 0.88 14.60
C HIS B 342 -18.43 2.16 14.91
N ILE B 343 -18.50 2.53 16.18
CA ILE B 343 -19.12 3.82 16.51
C ILE B 343 -18.04 4.85 16.82
N MET B 344 -16.79 4.44 16.92
CA MET B 344 -15.69 5.36 17.17
C MET B 344 -14.88 5.70 15.92
N PRO B 345 -14.23 6.87 15.94
CA PRO B 345 -13.52 7.38 14.77
C PRO B 345 -12.59 6.40 14.03
N PRO B 346 -11.75 5.67 14.76
CA PRO B 346 -10.79 4.77 14.13
C PRO B 346 -11.43 3.69 13.34
N TYR B 347 -12.60 3.24 13.77
CA TYR B 347 -13.25 2.15 13.08
C TYR B 347 -14.65 2.41 12.49
N ALA B 348 -15.10 3.66 12.49
CA ALA B 348 -16.42 3.95 11.93
C ALA B 348 -16.46 3.52 10.46
N HIS B 349 -15.31 3.52 9.80
CA HIS B 349 -15.39 3.04 8.43
C HIS B 349 -15.73 1.56 8.36
N LEU B 350 -15.82 0.85 9.48
CA LEU B 350 -16.09 -0.59 9.38
C LEU B 350 -17.52 -1.02 9.74
N ALA B 351 -18.33 0.00 10.05
CA ALA B 351 -19.72 -0.17 10.44
C ALA B 351 -20.50 -0.95 9.42
N THR B 352 -21.44 -1.79 9.90
CA THR B 352 -22.36 -2.52 9.07
C THR B 352 -23.69 -2.36 9.80
N ASP B 353 -24.75 -2.82 9.14
CA ASP B 353 -26.10 -2.71 9.67
C ASP B 353 -26.45 -3.88 10.59
N ASP B 354 -25.48 -4.75 10.83
CA ASP B 354 -25.70 -5.93 11.64
C ASP B 354 -24.79 -5.99 12.86
N LEU B 355 -24.71 -4.86 13.55
CA LEU B 355 -23.93 -4.70 14.77
C LEU B 355 -24.85 -4.04 15.80
N LYS B 356 -26.14 -4.34 15.70
CA LYS B 356 -27.12 -3.78 16.62
C LYS B 356 -27.02 -4.20 18.08
N ILE B 357 -26.59 -5.44 18.40
CA ILE B 357 -26.56 -5.88 19.80
C ILE B 357 -25.38 -5.19 20.50
N ALA B 358 -24.29 -5.06 19.75
CA ALA B 358 -23.13 -4.38 20.29
C ALA B 358 -23.54 -2.96 20.68
N GLU B 359 -24.22 -2.31 19.74
CA GLU B 359 -24.65 -0.92 19.97
C GLU B 359 -25.46 -0.85 21.25
N ALA B 360 -26.48 -1.72 21.36
CA ALA B 360 -27.37 -1.76 22.54
C ALA B 360 -26.66 -2.02 23.86
N CYS B 361 -25.66 -2.90 23.79
CA CYS B 361 -24.91 -3.24 24.99
C CYS B 361 -24.02 -2.09 25.41
N GLY B 362 -23.44 -1.42 24.39
CA GLY B 362 -22.53 -0.31 24.63
C GLY B 362 -23.36 0.82 25.22
N VAL B 363 -24.62 0.81 24.83
CA VAL B 363 -25.50 1.89 25.29
C VAL B 363 -25.90 1.72 26.76
N ASP B 364 -26.40 0.54 27.10
CA ASP B 364 -26.96 0.28 28.43
C ASP B 364 -26.06 -0.52 29.40
N GLY B 365 -24.90 -1.03 28.96
CA GLY B 365 -23.95 -1.84 29.78
C GLY B 365 -23.10 -1.10 30.85
N LEU B 366 -23.04 -1.66 32.06
CA LEU B 366 -22.29 -1.06 33.17
C LEU B 366 -21.51 -2.12 33.98
N ASN B 367 -20.19 -1.93 34.14
CA ASN B 367 -19.34 -2.82 34.94
C ASN B 367 -19.37 -2.26 36.34
N LEU B 368 -19.75 -3.11 37.29
CA LEU B 368 -19.74 -2.68 38.68
C LEU B 368 -18.43 -3.11 39.32
N PRO B 369 -18.06 -2.41 40.40
CA PRO B 369 -16.85 -2.77 41.17
C PRO B 369 -16.84 -4.28 41.46
N THR B 370 -15.72 -4.89 41.07
CA THR B 370 -15.46 -6.33 41.20
C THR B 370 -14.00 -6.57 41.42
N HIS B 371 -13.63 -6.85 42.68
CA HIS B 371 -12.25 -7.16 42.99
C HIS B 371 -12.11 -7.81 44.37
N ALA B 372 -10.95 -8.39 44.66
CA ALA B 372 -10.82 -9.19 45.86
C ALA B 372 -10.90 -8.48 47.18
N GLY B 373 -10.73 -7.17 47.15
CA GLY B 373 -10.80 -6.42 48.38
C GLY B 373 -12.16 -5.84 48.72
N LEU B 374 -13.21 -6.14 47.95
CA LEU B 374 -14.52 -5.54 48.29
C LEU B 374 -15.18 -6.30 49.41
N THR B 375 -15.77 -5.57 50.34
CA THR B 375 -16.44 -6.24 51.47
C THR B 375 -17.96 -6.28 51.22
N GLU B 376 -18.68 -7.00 52.05
CA GLU B 376 -20.12 -7.03 51.84
C GLU B 376 -20.69 -5.66 52.08
N ALA B 377 -20.05 -4.87 52.93
CA ALA B 377 -20.57 -3.53 53.15
C ALA B 377 -20.35 -2.71 51.89
N ASP B 378 -19.23 -2.95 51.22
CA ASP B 378 -19.01 -2.24 49.96
C ASP B 378 -20.18 -2.59 49.04
N ILE B 379 -20.40 -3.87 48.83
CA ILE B 379 -21.45 -4.29 47.92
C ILE B 379 -22.80 -3.72 48.31
N ASP B 380 -23.04 -3.63 49.62
CA ASP B 380 -24.31 -3.07 50.11
C ASP B 380 -24.43 -1.61 49.65
N ARG B 381 -23.31 -0.88 49.68
CA ARG B 381 -23.29 0.50 49.24
C ARG B 381 -23.53 0.63 47.76
N VAL B 382 -22.93 -0.26 46.99
CA VAL B 382 -23.13 -0.21 45.54
C VAL B 382 -24.60 -0.42 45.23
N ILE B 383 -25.24 -1.35 45.94
CA ILE B 383 -26.63 -1.65 45.71
C ILE B 383 -27.47 -0.45 46.16
N ALA B 384 -27.18 0.03 47.35
CA ALA B 384 -27.95 1.19 47.80
C ALA B 384 -27.82 2.32 46.81
N ALA B 385 -26.59 2.67 46.45
CA ALA B 385 -26.40 3.74 45.49
C ALA B 385 -27.26 3.60 44.24
N LEU B 386 -27.24 2.43 43.62
CA LEU B 386 -27.96 2.22 42.38
C LEU B 386 -29.44 2.31 42.64
N ASP B 387 -29.85 1.78 43.79
CA ASP B 387 -31.27 1.81 44.06
C ASP B 387 -31.68 3.28 43.95
N GLN B 388 -30.84 4.12 44.53
CA GLN B 388 -31.11 5.56 44.51
C GLN B 388 -30.98 6.17 43.12
N VAL B 389 -29.88 5.88 42.40
CA VAL B 389 -29.61 6.46 41.08
C VAL B 389 -30.34 5.98 39.82
N LEU B 390 -30.91 4.79 39.87
CA LEU B 390 -31.64 4.26 38.74
C LEU B 390 -33.13 4.66 38.76
N VAL B 391 -33.36 5.82 38.14
CA VAL B 391 -34.67 6.41 37.92
C VAL B 391 -34.89 6.60 36.40
N PRO C 25 -16.15 -22.71 -47.92
CA PRO C 25 -16.67 -21.45 -47.40
C PRO C 25 -16.77 -21.59 -45.87
N ARG C 26 -15.69 -21.31 -45.17
CA ARG C 26 -15.76 -21.43 -43.71
C ARG C 26 -16.74 -20.46 -43.07
N ILE C 27 -17.28 -20.86 -41.94
CA ILE C 27 -18.25 -20.11 -41.17
C ILE C 27 -17.68 -19.36 -39.94
N SER C 28 -17.32 -18.08 -40.05
CA SER C 28 -16.79 -17.31 -38.91
C SER C 28 -17.79 -17.09 -37.77
N VAL C 29 -17.32 -17.09 -36.54
CA VAL C 29 -18.20 -16.93 -35.37
C VAL C 29 -18.89 -15.57 -35.27
N ALA C 30 -18.15 -14.51 -35.61
CA ALA C 30 -18.64 -13.11 -35.65
C ALA C 30 -17.94 -12.44 -36.81
N ALA C 31 -18.54 -11.34 -37.25
CA ALA C 31 -17.97 -10.60 -38.37
C ALA C 31 -18.77 -9.33 -38.50
N PRO C 32 -18.07 -8.23 -38.74
CA PRO C 32 -18.77 -6.97 -38.90
C PRO C 32 -19.53 -6.95 -40.19
N ARG C 33 -20.44 -6.02 -40.34
CA ARG C 33 -21.18 -5.91 -41.58
C ARG C 33 -21.26 -4.43 -41.82
N LEU C 34 -20.32 -4.00 -42.65
CA LEU C 34 -20.16 -2.60 -43.01
C LEU C 34 -21.00 -2.28 -44.23
N ASP C 35 -22.31 -2.45 -44.10
CA ASP C 35 -23.23 -2.23 -45.22
C ASP C 35 -23.90 -0.85 -45.22
N GLY C 36 -23.31 0.10 -44.51
CA GLY C 36 -23.91 1.44 -44.45
C GLY C 36 -22.90 2.42 -45.08
N ASN C 37 -22.74 3.54 -44.41
CA ASN C 37 -21.89 4.64 -44.83
C ASN C 37 -20.49 4.71 -44.19
N GLU C 38 -20.07 3.58 -43.65
CA GLU C 38 -18.80 3.47 -42.96
C GLU C 38 -17.74 3.96 -43.91
N ARG C 39 -17.67 3.35 -45.10
CA ARG C 39 -16.65 3.73 -46.08
C ARG C 39 -16.68 5.21 -46.42
N ASP C 40 -17.89 5.76 -46.63
CA ASP C 40 -17.94 7.18 -46.94
C ASP C 40 -17.48 8.10 -45.80
N TYR C 41 -17.89 7.83 -44.56
CA TYR C 41 -17.51 8.69 -43.44
C TYR C 41 -16.01 8.60 -43.23
N VAL C 42 -15.45 7.42 -43.49
CA VAL C 42 -14.00 7.26 -43.33
C VAL C 42 -13.19 8.09 -44.33
N LEU C 43 -13.59 7.98 -45.60
CA LEU C 43 -12.97 8.72 -46.69
C LEU C 43 -13.12 10.20 -46.38
N GLU C 44 -14.23 10.56 -45.75
CA GLU C 44 -14.33 11.95 -45.32
C GLU C 44 -13.19 12.33 -44.35
N CYS C 45 -12.81 11.44 -43.43
CA CYS C 45 -11.77 11.79 -42.47
C CYS C 45 -10.49 11.85 -43.25
N MET C 46 -10.25 10.89 -44.14
CA MET C 46 -9.02 10.97 -44.93
C MET C 46 -8.97 12.20 -45.86
N ASP C 47 -10.06 12.53 -46.53
CA ASP C 47 -9.96 13.68 -47.44
C ASP C 47 -9.82 15.00 -46.68
N THR C 48 -10.39 15.13 -45.50
CA THR C 48 -10.25 16.38 -44.79
C THR C 48 -9.02 16.35 -43.91
N THR C 49 -8.44 15.17 -43.78
CA THR C 49 -7.27 14.90 -42.94
C THR C 49 -7.56 14.95 -41.43
N TRP C 50 -8.81 14.79 -41.00
CA TRP C 50 -9.16 14.76 -39.59
C TRP C 50 -9.20 13.27 -39.28
N ILE C 51 -8.01 12.72 -38.99
CA ILE C 51 -7.88 11.28 -38.73
C ILE C 51 -7.56 10.92 -37.28
N SER C 52 -7.33 11.96 -36.48
CA SER C 52 -6.93 11.89 -35.10
C SER C 52 -8.11 11.82 -34.17
N SER C 53 -7.84 12.11 -32.88
CA SER C 53 -8.89 12.03 -31.87
C SER C 53 -9.53 13.40 -31.77
N VAL C 54 -9.51 14.09 -32.90
CA VAL C 54 -10.17 15.37 -33.02
C VAL C 54 -10.91 15.39 -34.38
N GLY C 55 -12.23 15.49 -34.29
CA GLY C 55 -13.08 15.55 -35.48
C GLY C 55 -14.55 15.57 -35.09
N ARG C 56 -15.39 16.00 -36.02
CA ARG C 56 -16.81 16.06 -35.75
C ARG C 56 -17.46 14.71 -35.71
N PHE C 57 -16.84 13.66 -36.23
CA PHE C 57 -17.55 12.40 -36.09
C PHE C 57 -17.61 12.01 -34.60
N ILE C 58 -16.59 12.33 -33.83
CA ILE C 58 -16.62 11.89 -32.42
C ILE C 58 -17.86 12.42 -31.69
N VAL C 59 -18.05 13.72 -31.85
CA VAL C 59 -19.16 14.42 -31.20
C VAL C 59 -20.49 13.94 -31.76
N GLU C 60 -20.57 13.75 -33.08
CA GLU C 60 -21.83 13.31 -33.65
C GLU C 60 -22.15 11.91 -33.14
N PHE C 61 -21.14 11.05 -33.13
CA PHE C 61 -21.39 9.68 -32.69
C PHE C 61 -21.81 9.61 -31.23
N GLU C 62 -21.15 10.41 -30.41
CA GLU C 62 -21.52 10.44 -29.01
C GLU C 62 -22.99 10.81 -28.85
N LYS C 63 -23.38 11.91 -29.46
CA LYS C 63 -24.74 12.44 -29.35
C LYS C 63 -25.77 11.44 -29.85
N ALA C 64 -25.45 10.84 -30.98
CA ALA C 64 -26.36 9.84 -31.54
C ALA C 64 -26.45 8.65 -30.62
N PHE C 65 -25.30 8.24 -30.10
CA PHE C 65 -25.34 7.08 -29.24
C PHE C 65 -26.20 7.34 -28.00
N ALA C 66 -25.96 8.50 -27.38
CA ALA C 66 -26.61 8.84 -26.11
C ALA C 66 -28.13 8.82 -26.30
N ASP C 67 -28.50 9.47 -27.41
CA ASP C 67 -29.90 9.48 -27.77
C ASP C 67 -30.39 8.05 -28.00
N TYR C 68 -29.65 7.22 -28.71
CA TYR C 68 -30.17 5.86 -28.88
C TYR C 68 -30.35 5.11 -27.54
N CYS C 69 -29.52 5.38 -26.53
CA CYS C 69 -29.63 4.67 -25.24
C CYS C 69 -30.60 5.38 -24.33
N GLY C 70 -30.91 6.61 -24.70
CA GLY C 70 -31.84 7.41 -23.93
C GLY C 70 -31.15 7.94 -22.69
N VAL C 71 -29.92 8.41 -22.85
CA VAL C 71 -29.17 8.93 -21.69
C VAL C 71 -28.66 10.27 -22.11
N LYS C 72 -28.21 11.05 -21.15
CA LYS C 72 -27.77 12.41 -21.41
C LYS C 72 -26.41 12.53 -22.04
N HIS C 73 -25.45 11.77 -21.52
CA HIS C 73 -24.08 11.89 -21.99
C HIS C 73 -23.56 10.57 -22.54
N ALA C 74 -22.63 10.69 -23.50
CA ALA C 74 -21.90 9.56 -24.11
C ALA C 74 -20.45 10.02 -24.28
N ILE C 75 -19.50 9.20 -23.81
CA ILE C 75 -18.08 9.53 -23.85
C ILE C 75 -17.40 8.37 -24.59
N ALA C 76 -16.94 8.68 -25.78
CA ALA C 76 -16.30 7.75 -26.73
C ALA C 76 -14.89 7.47 -26.22
N CYS C 77 -14.49 6.20 -26.26
CA CYS C 77 -13.19 5.76 -25.75
C CYS C 77 -12.51 4.91 -26.80
N ASN C 78 -11.21 4.66 -26.61
CA ASN C 78 -10.58 3.80 -27.58
C ASN C 78 -10.89 2.29 -27.54
N ASN C 79 -11.54 1.73 -26.50
CA ASN C 79 -11.94 0.32 -26.46
C ASN C 79 -12.89 0.12 -25.29
N GLY C 80 -13.60 -1.00 -25.17
CA GLY C 80 -14.51 -1.14 -24.04
C GLY C 80 -13.76 -1.39 -22.71
N THR C 81 -12.49 -1.72 -22.83
CA THR C 81 -11.71 -1.99 -21.63
C THR C 81 -11.35 -0.69 -20.95
N THR C 82 -10.79 0.20 -21.75
CA THR C 82 -10.42 1.48 -21.22
C THR C 82 -11.67 2.28 -20.80
N ALA C 83 -12.80 1.92 -21.39
CA ALA C 83 -14.10 2.53 -21.05
C ALA C 83 -14.47 2.12 -19.61
N LEU C 84 -14.31 0.83 -19.30
CA LEU C 84 -14.57 0.40 -17.94
C LEU C 84 -13.56 1.06 -17.00
N HIS C 85 -12.28 1.03 -17.35
CA HIS C 85 -11.24 1.59 -16.45
C HIS C 85 -11.59 3.04 -16.12
N LEU C 86 -11.89 3.79 -17.17
CA LEU C 86 -12.22 5.21 -17.02
C LEU C 86 -13.47 5.50 -16.16
N ALA C 87 -14.58 4.80 -16.42
CA ALA C 87 -15.86 4.86 -15.68
C ALA C 87 -15.54 4.62 -14.18
N LEU C 88 -14.86 3.51 -13.92
CA LEU C 88 -14.48 3.28 -12.53
C LEU C 88 -13.61 4.35 -11.95
N VAL C 89 -12.61 4.79 -12.69
CA VAL C 89 -11.81 5.72 -11.96
C VAL C 89 -12.62 6.98 -11.71
N ALA C 90 -13.40 7.37 -12.72
CA ALA C 90 -14.14 8.63 -12.60
C ALA C 90 -15.15 8.49 -11.45
N MET C 91 -15.57 7.27 -11.17
CA MET C 91 -16.47 7.09 -10.04
C MET C 91 -15.80 7.08 -8.66
N GLY C 92 -14.50 7.27 -8.59
CA GLY C 92 -13.83 7.27 -7.31
C GLY C 92 -13.36 5.91 -6.82
N ILE C 93 -13.46 4.89 -7.66
CA ILE C 93 -12.97 3.57 -7.30
C ILE C 93 -11.45 3.48 -7.16
N GLY C 94 -10.97 3.00 -6.01
CA GLY C 94 -9.51 2.94 -5.83
C GLY C 94 -9.11 1.92 -4.81
N PRO C 95 -7.87 2.03 -4.34
CA PRO C 95 -7.33 1.06 -3.41
C PRO C 95 -8.19 0.93 -2.17
N GLY C 96 -8.42 -0.32 -1.81
CA GLY C 96 -9.22 -0.54 -0.63
C GLY C 96 -10.70 -0.62 -0.90
N ASP C 97 -11.14 -0.37 -2.13
CA ASP C 97 -12.56 -0.45 -2.41
C ASP C 97 -12.81 -1.81 -2.98
N GLU C 98 -14.08 -2.20 -2.92
CA GLU C 98 -14.54 -3.47 -3.47
C GLU C 98 -15.59 -3.21 -4.57
N VAL C 99 -15.51 -4.02 -5.63
CA VAL C 99 -16.47 -3.96 -6.70
C VAL C 99 -16.94 -5.37 -6.90
N ILE C 100 -18.26 -5.47 -6.83
CA ILE C 100 -18.93 -6.70 -7.13
C ILE C 100 -19.08 -6.98 -8.60
N VAL C 101 -18.52 -8.14 -8.98
CA VAL C 101 -18.44 -8.52 -10.39
C VAL C 101 -18.64 -10.04 -10.56
N PRO C 102 -19.47 -10.46 -11.52
CA PRO C 102 -19.70 -11.90 -11.71
C PRO C 102 -18.43 -12.63 -12.09
N SER C 103 -18.23 -13.83 -11.58
CA SER C 103 -17.02 -14.53 -12.00
C SER C 103 -17.10 -14.90 -13.48
N LEU C 104 -18.33 -15.10 -13.95
CA LEU C 104 -18.57 -15.52 -15.32
C LEU C 104 -18.66 -14.30 -16.20
N THR C 105 -17.55 -13.91 -16.84
CA THR C 105 -17.62 -12.74 -17.71
C THR C 105 -16.33 -12.67 -18.51
N TYR C 106 -16.20 -11.63 -19.35
CA TYR C 106 -14.97 -11.32 -20.08
C TYR C 106 -14.10 -10.67 -19.02
N ILE C 107 -12.88 -11.16 -18.96
CA ILE C 107 -11.88 -10.75 -17.99
C ILE C 107 -11.72 -9.26 -17.80
N ALA C 108 -12.04 -8.45 -18.81
CA ALA C 108 -11.90 -7.00 -18.66
C ALA C 108 -12.74 -6.44 -17.51
N SER C 109 -13.89 -7.08 -17.23
CA SER C 109 -14.76 -6.62 -16.16
C SER C 109 -14.00 -6.59 -14.86
N ALA C 110 -13.23 -7.66 -14.65
CA ALA C 110 -12.44 -7.72 -13.43
C ALA C 110 -11.13 -6.95 -13.55
N ASN C 111 -10.48 -7.06 -14.71
CA ASN C 111 -9.22 -6.31 -14.86
C ASN C 111 -9.40 -4.82 -14.63
N SER C 112 -10.54 -4.33 -15.07
CA SER C 112 -10.78 -2.92 -14.89
C SER C 112 -10.72 -2.56 -13.42
N VAL C 113 -11.36 -3.37 -12.62
CA VAL C 113 -11.30 -3.06 -11.20
C VAL C 113 -9.87 -3.17 -10.65
N THR C 114 -9.12 -4.18 -11.06
CA THR C 114 -7.75 -4.33 -10.58
C THR C 114 -6.94 -3.08 -10.96
N TYR C 115 -7.08 -2.59 -12.21
CA TYR C 115 -6.36 -1.38 -12.63
C TYR C 115 -6.45 -0.23 -11.63
N CYS C 116 -7.58 -0.12 -10.96
CA CYS C 116 -7.86 0.97 -10.00
C CYS C 116 -7.18 0.74 -8.67
N GLY C 117 -6.73 -0.49 -8.48
CA GLY C 117 -6.06 -0.83 -7.23
C GLY C 117 -7.13 -1.35 -6.31
N ALA C 118 -8.30 -1.56 -6.90
CA ALA C 118 -9.47 -2.09 -6.18
C ALA C 118 -9.60 -3.60 -6.21
N THR C 119 -10.51 -4.13 -5.41
CA THR C 119 -10.66 -5.58 -5.31
C THR C 119 -11.94 -6.15 -5.90
N PRO C 120 -11.84 -7.04 -6.88
CA PRO C 120 -13.09 -7.58 -7.41
C PRO C 120 -13.70 -8.49 -6.32
N VAL C 121 -15.03 -8.55 -6.17
CA VAL C 121 -15.66 -9.48 -5.24
C VAL C 121 -16.63 -10.23 -6.16
N LEU C 122 -16.31 -11.48 -6.50
CA LEU C 122 -17.02 -12.28 -7.48
C LEU C 122 -18.34 -12.79 -6.95
N VAL C 123 -19.32 -12.83 -7.84
CA VAL C 123 -20.63 -13.32 -7.51
C VAL C 123 -21.08 -14.34 -8.58
N ASP C 124 -21.90 -15.31 -8.14
CA ASP C 124 -22.36 -16.32 -9.07
C ASP C 124 -23.42 -15.77 -10.02
N ASN C 125 -23.63 -16.49 -11.11
CA ASN C 125 -24.62 -16.10 -12.10
C ASN C 125 -25.82 -17.07 -12.14
N ASP C 126 -26.82 -16.73 -12.96
CA ASP C 126 -28.04 -17.53 -13.22
C ASP C 126 -27.69 -18.59 -14.26
N PRO C 127 -28.11 -19.84 -13.96
CA PRO C 127 -27.80 -21.00 -14.79
C PRO C 127 -28.46 -21.00 -16.14
N ARG C 128 -29.42 -20.10 -16.28
CA ARG C 128 -30.17 -19.98 -17.51
C ARG C 128 -29.82 -18.80 -18.37
N THR C 129 -29.85 -17.61 -17.75
CA THR C 129 -29.48 -16.39 -18.46
C THR C 129 -27.99 -16.11 -18.47
N PHE C 130 -27.22 -16.79 -17.62
CA PHE C 130 -25.77 -16.61 -17.53
C PHE C 130 -25.43 -15.32 -16.80
N ASN C 131 -26.44 -14.58 -16.39
CA ASN C 131 -26.20 -13.32 -15.78
C ASN C 131 -26.21 -13.27 -14.26
N LEU C 132 -25.57 -12.21 -13.79
CA LEU C 132 -25.45 -11.95 -12.39
C LEU C 132 -26.69 -12.40 -11.64
N ASP C 133 -26.45 -13.15 -10.58
CA ASP C 133 -27.55 -13.62 -9.75
C ASP C 133 -27.84 -12.67 -8.63
N ALA C 134 -28.96 -11.96 -8.76
CA ALA C 134 -29.27 -10.90 -7.82
C ALA C 134 -29.49 -11.37 -6.41
N ALA C 135 -29.86 -12.64 -6.31
CA ALA C 135 -30.15 -13.24 -5.01
C ALA C 135 -28.87 -13.46 -4.21
N LYS C 136 -27.75 -13.52 -4.92
CA LYS C 136 -26.51 -13.73 -4.21
C LYS C 136 -25.79 -12.45 -3.86
N LEU C 137 -26.35 -11.28 -4.13
CA LEU C 137 -25.68 -9.99 -3.88
C LEU C 137 -25.50 -9.42 -2.47
N GLU C 138 -26.61 -9.24 -1.78
CA GLU C 138 -26.57 -8.61 -0.49
C GLU C 138 -25.55 -9.27 0.41
N ALA C 139 -25.43 -10.58 0.26
CA ALA C 139 -24.50 -11.29 1.13
C ALA C 139 -23.04 -10.86 0.93
N LEU C 140 -22.72 -10.34 -0.25
CA LEU C 140 -21.35 -10.04 -0.60
C LEU C 140 -20.97 -8.64 -0.27
N ILE C 141 -21.95 -7.89 0.18
CA ILE C 141 -21.73 -6.49 0.49
C ILE C 141 -20.96 -6.37 1.79
N THR C 142 -19.98 -5.49 1.85
CA THR C 142 -19.17 -5.25 3.03
C THR C 142 -18.95 -3.76 3.17
N PRO C 143 -18.21 -3.39 4.20
CA PRO C 143 -18.01 -1.98 4.38
C PRO C 143 -17.22 -1.36 3.23
N ARG C 144 -16.44 -2.17 2.52
CA ARG C 144 -15.61 -1.67 1.40
C ARG C 144 -16.28 -1.64 0.04
N THR C 145 -17.48 -2.20 -0.06
CA THR C 145 -18.18 -2.29 -1.34
C THR C 145 -18.57 -0.90 -1.84
N LYS C 146 -18.18 -0.56 -3.06
CA LYS C 146 -18.54 0.75 -3.58
C LYS C 146 -19.47 0.64 -4.78
N ALA C 147 -19.37 -0.45 -5.50
CA ALA C 147 -20.17 -0.64 -6.72
C ALA C 147 -20.38 -2.09 -7.02
N ILE C 148 -21.33 -2.30 -7.95
CA ILE C 148 -21.68 -3.63 -8.48
C ILE C 148 -21.62 -3.53 -10.00
N MET C 149 -21.11 -4.56 -10.66
CA MET C 149 -20.96 -4.53 -12.10
C MET C 149 -21.74 -5.66 -12.77
N PRO C 150 -23.01 -5.40 -13.03
CA PRO C 150 -23.77 -6.44 -13.67
C PRO C 150 -23.32 -6.32 -15.09
N VAL C 151 -23.14 -7.49 -15.71
CA VAL C 151 -22.70 -7.65 -17.07
C VAL C 151 -23.80 -8.24 -17.93
N HIS C 152 -24.17 -7.58 -19.02
CA HIS C 152 -25.24 -8.08 -19.87
C HIS C 152 -24.74 -9.16 -20.78
N LEU C 153 -24.59 -10.41 -20.32
CA LEU C 153 -23.97 -11.34 -21.26
C LEU C 153 -24.75 -11.77 -22.49
N TYR C 154 -24.06 -11.78 -23.63
CA TYR C 154 -24.63 -12.30 -24.88
C TYR C 154 -25.80 -11.58 -25.53
N GLY C 155 -26.02 -10.34 -25.11
CA GLY C 155 -27.13 -9.54 -25.63
C GLY C 155 -28.35 -9.45 -24.70
N GLN C 156 -28.23 -10.06 -23.52
CA GLN C 156 -29.33 -10.10 -22.55
C GLN C 156 -29.00 -9.29 -21.30
N ILE C 157 -29.93 -8.41 -20.92
CA ILE C 157 -29.74 -7.50 -19.78
C ILE C 157 -30.00 -8.22 -18.47
N CYS C 158 -29.26 -7.88 -17.42
CA CYS C 158 -29.50 -8.61 -16.16
C CYS C 158 -30.84 -8.22 -15.55
N ASP C 159 -31.28 -8.94 -14.52
CA ASP C 159 -32.52 -8.56 -13.85
C ASP C 159 -32.21 -7.38 -12.94
N MET C 160 -32.26 -6.21 -13.55
CA MET C 160 -31.85 -4.99 -12.91
C MET C 160 -32.68 -4.37 -11.81
N ASP C 161 -33.97 -4.69 -11.77
CA ASP C 161 -34.70 -4.03 -10.71
C ASP C 161 -34.23 -4.44 -9.32
N PRO C 162 -34.10 -5.75 -9.12
CA PRO C 162 -33.58 -6.29 -7.87
C PRO C 162 -32.18 -5.75 -7.63
N ILE C 163 -31.35 -5.74 -8.68
CA ILE C 163 -29.97 -5.23 -8.57
C ILE C 163 -29.96 -3.76 -8.17
N LEU C 164 -30.74 -2.99 -8.89
CA LEU C 164 -30.77 -1.59 -8.50
C LEU C 164 -31.27 -1.35 -7.04
N GLU C 165 -32.26 -2.08 -6.53
CA GLU C 165 -32.75 -1.86 -5.16
C GLU C 165 -31.69 -2.13 -4.05
N VAL C 166 -30.98 -3.23 -4.22
CA VAL C 166 -29.95 -3.59 -3.26
C VAL C 166 -28.95 -2.45 -3.16
N ALA C 167 -28.51 -2.01 -4.33
CA ALA C 167 -27.55 -0.93 -4.42
C ALA C 167 -28.13 0.35 -3.83
N ARG C 168 -29.45 0.52 -3.98
CA ARG C 168 -30.02 1.75 -3.47
C ARG C 168 -29.90 1.66 -1.97
N ARG C 169 -30.37 0.54 -1.48
CA ARG C 169 -30.36 0.25 -0.08
C ARG C 169 -29.00 0.47 0.52
N HIS C 170 -27.97 -0.13 -0.08
CA HIS C 170 -26.66 -0.04 0.49
C HIS C 170 -25.91 1.12 -0.05
N ASN C 171 -26.65 1.97 -0.74
CA ASN C 171 -26.01 3.16 -1.24
C ASN C 171 -24.76 2.86 -2.06
N LEU C 172 -24.92 1.98 -3.05
CA LEU C 172 -23.76 1.65 -3.88
C LEU C 172 -23.98 2.16 -5.28
N LEU C 173 -22.90 2.27 -6.03
CA LEU C 173 -23.06 2.67 -7.42
C LEU C 173 -23.30 1.42 -8.28
N VAL C 174 -23.89 1.60 -9.46
CA VAL C 174 -24.03 0.46 -10.34
C VAL C 174 -23.47 0.86 -11.72
N ILE C 175 -22.62 0.01 -12.29
CA ILE C 175 -22.06 0.30 -13.60
C ILE C 175 -22.30 -0.91 -14.48
N GLU C 176 -23.13 -0.74 -15.50
CA GLU C 176 -23.34 -1.88 -16.40
C GLU C 176 -22.19 -2.04 -17.41
N ASP C 177 -21.79 -3.29 -17.61
CA ASP C 177 -20.78 -3.64 -18.61
C ASP C 177 -21.79 -4.20 -19.61
N ALA C 178 -22.19 -3.28 -20.50
CA ALA C 178 -23.18 -3.52 -21.56
C ALA C 178 -22.61 -3.89 -22.92
N ALA C 179 -21.31 -4.16 -22.95
CA ALA C 179 -20.47 -4.43 -24.12
C ALA C 179 -21.08 -5.34 -25.19
N GLU C 180 -21.84 -6.34 -24.75
CA GLU C 180 -22.47 -7.33 -25.63
C GLU C 180 -23.93 -7.03 -25.87
N ALA C 181 -24.43 -5.86 -25.47
CA ALA C 181 -25.87 -5.61 -25.46
C ALA C 181 -26.39 -4.29 -25.94
N VAL C 182 -25.75 -3.75 -26.97
CA VAL C 182 -26.20 -2.47 -27.51
C VAL C 182 -27.60 -2.71 -28.04
N GLY C 183 -28.59 -1.87 -27.72
CA GLY C 183 -29.93 -2.09 -28.26
C GLY C 183 -30.83 -3.03 -27.48
N ALA C 184 -30.30 -3.55 -26.37
CA ALA C 184 -31.09 -4.43 -25.53
C ALA C 184 -31.94 -3.53 -24.67
N THR C 185 -33.06 -4.05 -24.13
CA THR C 185 -33.96 -3.20 -23.35
C THR C 185 -34.49 -3.98 -22.17
N TYR C 186 -34.80 -3.27 -21.11
CA TYR C 186 -35.29 -3.90 -19.89
C TYR C 186 -36.37 -2.99 -19.35
N ARG C 187 -37.61 -3.46 -19.52
CA ARG C 187 -38.72 -2.70 -19.02
C ARG C 187 -38.81 -1.28 -19.57
N GLY C 188 -38.64 -1.14 -20.88
CA GLY C 188 -38.72 0.18 -21.50
C GLY C 188 -37.43 1.02 -21.59
N LYS C 189 -36.38 0.57 -20.91
CA LYS C 189 -35.08 1.27 -20.94
C LYS C 189 -34.06 0.43 -21.70
N LYS C 190 -33.18 1.11 -22.42
CA LYS C 190 -32.13 0.46 -23.19
C LYS C 190 -30.94 0.21 -22.25
N SER C 191 -30.14 -0.77 -22.66
CA SER C 191 -28.88 -1.08 -21.97
C SER C 191 -28.15 0.26 -21.93
N GLY C 192 -27.44 0.53 -20.85
CA GLY C 192 -26.70 1.79 -20.76
C GLY C 192 -27.44 2.94 -20.05
N SER C 193 -28.72 2.78 -19.71
CA SER C 193 -29.42 3.88 -19.09
C SER C 193 -29.93 3.40 -17.76
N LEU C 194 -29.48 2.22 -17.33
CA LEU C 194 -29.98 1.65 -16.08
C LEU C 194 -29.09 1.86 -14.85
N GLY C 195 -27.78 1.74 -15.02
CA GLY C 195 -26.91 1.93 -13.86
C GLY C 195 -26.54 3.40 -13.76
N ASP C 196 -25.67 3.77 -12.82
CA ASP C 196 -25.14 5.13 -12.70
C ASP C 196 -24.34 5.52 -13.97
N CYS C 197 -23.70 4.55 -14.64
CA CYS C 197 -23.01 4.66 -15.92
C CYS C 197 -22.97 3.26 -16.46
N ALA C 198 -22.49 3.13 -17.69
CA ALA C 198 -22.48 1.87 -18.39
C ALA C 198 -21.37 1.96 -19.43
N THR C 199 -20.82 0.81 -19.80
CA THR C 199 -19.81 0.87 -20.83
C THR C 199 -20.21 -0.11 -21.94
N PHE C 200 -19.62 0.11 -23.10
CA PHE C 200 -19.87 -0.73 -24.28
C PHE C 200 -18.56 -0.92 -25.01
N SER C 201 -18.45 -1.96 -25.85
CA SER C 201 -17.26 -2.14 -26.66
C SER C 201 -17.68 -2.10 -28.13
N PHE C 202 -16.82 -1.64 -29.04
CA PHE C 202 -17.18 -1.66 -30.48
C PHE C 202 -16.14 -2.48 -31.24
N PHE C 203 -15.61 -3.48 -30.53
CA PHE C 203 -14.65 -4.42 -31.08
C PHE C 203 -15.32 -5.06 -32.29
N GLY C 204 -14.51 -5.58 -33.21
CA GLY C 204 -14.97 -6.17 -34.48
C GLY C 204 -16.06 -7.24 -34.47
N ASN C 205 -16.15 -8.00 -33.38
CA ASN C 205 -17.17 -9.04 -33.33
C ASN C 205 -18.42 -8.53 -32.61
N1 LLP C 206 -16.63 -6.74 -21.20
C2 LLP C 206 -17.45 -7.50 -21.89
C2' LLP C 206 -18.62 -8.18 -21.16
C3 LLP C 206 -17.27 -7.66 -23.27
O3 LLP C 206 -18.12 -8.47 -23.98
C4 LLP C 206 -16.20 -6.98 -23.91
C4' LLP C 206 -16.03 -7.06 -25.39
C5 LLP C 206 -15.31 -6.21 -23.10
C6 LLP C 206 -15.56 -6.14 -21.75
C5' LLP C 206 -14.07 -5.52 -23.67
OP4 LLP C 206 -14.32 -4.61 -24.72
P LLP C 206 -13.03 -4.35 -25.70
OP1 LLP C 206 -13.60 -3.26 -26.74
OP2 LLP C 206 -11.72 -3.79 -24.91
OP3 LLP C 206 -12.62 -5.73 -26.41
N LLP C 206 -18.42 -7.28 -32.18
CA LLP C 206 -19.58 -6.74 -31.46
CB LLP C 206 -19.18 -5.66 -30.42
CG LLP C 206 -18.02 -6.36 -29.66
CD LLP C 206 -18.28 -6.83 -28.20
CE LLP C 206 -17.02 -7.50 -27.60
NZ LLP C 206 -17.03 -7.40 -26.12
C LLP C 206 -20.82 -6.38 -32.30
O LLP C 206 -20.78 -6.29 -33.53
N ILE C 207 -21.95 -6.19 -31.66
CA ILE C 207 -23.18 -5.87 -32.39
C ILE C 207 -22.91 -4.76 -33.38
N ILE C 208 -22.39 -3.64 -32.88
CA ILE C 208 -21.92 -2.55 -33.75
C ILE C 208 -20.42 -2.38 -33.51
N THR C 209 -19.70 -2.05 -34.57
CA THR C 209 -18.27 -1.96 -34.42
C THR C 209 -17.61 -0.68 -34.94
N THR C 210 -16.42 -0.41 -34.41
CA THR C 210 -15.57 0.70 -34.87
C THR C 210 -14.19 0.08 -35.07
N GLY C 211 -14.12 -1.23 -35.11
CA GLY C 211 -12.81 -1.90 -35.26
C GLY C 211 -12.36 -2.19 -33.82
N GLU C 212 -12.00 -1.11 -33.12
CA GLU C 212 -11.74 -1.11 -31.69
C GLU C 212 -12.35 0.18 -31.25
N GLY C 213 -13.05 0.22 -30.11
CA GLY C 213 -13.55 1.47 -29.60
C GLY C 213 -14.56 1.12 -28.46
N GLY C 214 -14.94 2.10 -27.66
CA GLY C 214 -15.88 1.93 -26.56
C GLY C 214 -16.59 3.25 -26.26
N MET C 215 -17.53 3.24 -25.31
CA MET C 215 -18.29 4.44 -24.97
C MET C 215 -18.63 4.21 -23.52
N ILE C 216 -18.91 5.31 -22.83
CA ILE C 216 -19.41 5.21 -21.48
C ILE C 216 -20.64 6.10 -21.58
N THR C 217 -21.79 5.57 -21.12
CA THR C 217 -23.01 6.38 -21.08
C THR C 217 -23.34 6.67 -19.60
N THR C 218 -23.98 7.82 -19.38
CA THR C 218 -24.40 8.29 -18.06
C THR C 218 -25.39 9.45 -18.11
N ASN C 219 -26.12 9.62 -17.01
CA ASN C 219 -27.06 10.74 -16.90
C ASN C 219 -26.42 11.85 -16.06
N ASP C 220 -25.36 11.50 -15.33
CA ASP C 220 -24.65 12.41 -14.44
C ASP C 220 -23.64 13.39 -15.03
N ASP C 221 -23.81 14.67 -14.73
CA ASP C 221 -22.93 15.69 -15.28
C ASP C 221 -21.50 15.69 -14.75
N ASP C 222 -21.35 15.56 -13.44
CA ASP C 222 -20.03 15.65 -12.85
C ASP C 222 -19.25 14.41 -13.26
N LEU C 223 -19.96 13.31 -13.39
CA LEU C 223 -19.37 12.03 -13.75
C LEU C 223 -18.86 12.14 -15.17
N ALA C 224 -19.71 12.67 -16.05
CA ALA C 224 -19.34 12.85 -17.45
C ALA C 224 -18.16 13.80 -17.60
N ALA C 225 -18.22 14.91 -16.88
CA ALA C 225 -17.08 15.85 -16.92
C ALA C 225 -15.74 15.21 -16.49
N LYS C 226 -15.77 14.39 -15.44
CA LYS C 226 -14.53 13.74 -14.96
C LYS C 226 -14.03 12.74 -15.97
N MET C 227 -14.98 12.01 -16.58
CA MET C 227 -14.60 11.04 -17.60
C MET C 227 -13.89 11.74 -18.72
N ARG C 228 -14.46 12.85 -19.17
CA ARG C 228 -13.86 13.51 -20.33
C ARG C 228 -12.51 14.13 -19.94
N LEU C 229 -12.43 14.58 -18.71
CA LEU C 229 -11.20 15.23 -18.29
C LEU C 229 -10.08 14.19 -18.30
N LEU C 230 -10.41 13.05 -17.70
CA LEU C 230 -9.47 11.96 -17.55
C LEU C 230 -9.13 11.34 -18.88
N ARG C 231 -10.12 11.28 -19.76
CA ARG C 231 -9.98 10.71 -21.07
C ARG C 231 -8.96 11.47 -21.86
N GLY C 232 -8.95 12.79 -21.69
CA GLY C 232 -8.04 13.64 -22.45
C GLY C 232 -6.77 13.96 -21.72
N GLN C 233 -6.07 12.89 -21.29
CA GLN C 233 -4.78 13.04 -20.57
C GLN C 233 -4.84 14.00 -19.40
N GLY C 234 -6.00 14.19 -18.79
CA GLY C 234 -6.20 15.09 -17.64
C GLY C 234 -5.80 16.56 -17.90
N MET C 235 -5.85 16.99 -19.16
CA MET C 235 -5.39 18.35 -19.44
C MET C 235 -6.58 19.28 -19.21
N ASP C 236 -6.39 20.47 -18.66
CA ASP C 236 -7.57 21.33 -18.43
C ASP C 236 -8.26 21.74 -19.74
N PRO C 237 -9.52 21.34 -19.92
CA PRO C 237 -10.23 21.70 -21.15
C PRO C 237 -10.20 23.23 -21.28
N ASN C 238 -10.42 23.92 -20.15
CA ASN C 238 -10.44 25.37 -20.03
C ASN C 238 -9.05 25.98 -19.80
N ARG C 239 -8.05 25.15 -19.53
CA ARG C 239 -6.69 25.64 -19.31
C ARG C 239 -5.80 24.76 -20.16
N ARG C 240 -5.32 25.30 -21.27
CA ARG C 240 -4.50 24.42 -22.13
C ARG C 240 -3.04 24.27 -21.72
N TYR C 241 -2.45 23.09 -21.98
CA TYR C 241 -1.04 22.74 -21.66
C TYR C 241 -0.81 22.48 -20.15
N TRP C 242 -1.87 22.67 -19.36
CA TRP C 242 -1.81 22.48 -17.92
C TRP C 242 -2.63 21.24 -17.58
N PHE C 243 -2.07 20.44 -16.67
CA PHE C 243 -2.70 19.17 -16.26
C PHE C 243 -2.94 19.19 -14.77
N PRO C 244 -4.20 19.18 -14.35
CA PRO C 244 -4.50 19.27 -12.93
C PRO C 244 -4.49 17.93 -12.24
N ILE C 245 -4.58 16.85 -13.02
CA ILE C 245 -4.59 15.52 -12.44
C ILE C 245 -3.95 14.59 -13.44
N VAL C 246 -3.74 13.35 -12.98
CA VAL C 246 -3.15 12.30 -13.84
C VAL C 246 -4.30 11.71 -14.62
N GLY C 247 -4.12 11.78 -15.93
CA GLY C 247 -5.12 11.29 -16.86
C GLY C 247 -4.52 10.19 -17.72
N PHE C 248 -5.30 9.81 -18.73
CA PHE C 248 -5.02 8.71 -19.60
C PHE C 248 -5.17 9.19 -21.05
N ASN C 249 -4.64 8.41 -21.99
CA ASN C 249 -4.92 8.79 -23.36
C ASN C 249 -5.92 7.70 -23.82
N TYR C 250 -7.19 7.94 -23.54
CA TYR C 250 -8.25 6.99 -23.89
C TYR C 250 -9.25 7.46 -24.96
N ARG C 251 -8.85 8.44 -25.74
CA ARG C 251 -9.67 9.09 -26.78
C ARG C 251 -9.94 8.16 -27.96
N MET C 252 -11.12 8.29 -28.56
CA MET C 252 -11.43 7.59 -29.81
C MET C 252 -10.97 8.48 -31.00
N THR C 253 -10.63 7.88 -32.14
CA THR C 253 -10.21 8.70 -33.29
C THR C 253 -11.43 9.12 -34.13
N ASN C 254 -11.33 10.17 -34.95
CA ASN C 254 -12.49 10.57 -35.78
C ASN C 254 -12.88 9.37 -36.65
N ILE C 255 -11.83 8.63 -37.07
CA ILE C 255 -11.98 7.51 -38.00
C ILE C 255 -12.86 6.45 -37.36
N GLN C 256 -12.54 6.19 -36.09
CA GLN C 256 -13.33 5.22 -35.34
C GLN C 256 -14.75 5.69 -35.18
N ALA C 257 -14.95 6.95 -34.80
CA ALA C 257 -16.27 7.53 -34.57
C ALA C 257 -17.07 7.52 -35.88
N ALA C 258 -16.35 7.73 -36.98
CA ALA C 258 -16.95 7.73 -38.33
C ALA C 258 -17.64 6.38 -38.60
N ILE C 259 -16.89 5.29 -38.46
CA ILE C 259 -17.41 3.94 -38.63
C ILE C 259 -18.56 3.65 -37.68
N GLY C 260 -18.43 4.09 -36.44
CA GLY C 260 -19.48 3.83 -35.47
C GLY C 260 -20.76 4.60 -35.76
N LEU C 261 -20.61 5.81 -36.25
CA LEU C 261 -21.84 6.56 -36.55
C LEU C 261 -22.57 5.84 -37.69
N ALA C 262 -21.83 5.49 -38.74
CA ALA C 262 -22.44 4.77 -39.85
C ALA C 262 -23.11 3.46 -39.40
N GLN C 263 -22.49 2.78 -38.46
CA GLN C 263 -23.06 1.54 -37.94
C GLN C 263 -24.33 1.79 -37.15
N LEU C 264 -24.29 2.82 -36.30
CA LEU C 264 -25.46 3.11 -35.49
C LEU C 264 -26.65 3.50 -36.40
N GLU C 265 -26.33 3.99 -37.58
CA GLU C 265 -27.34 4.42 -38.52
C GLU C 265 -28.26 3.30 -38.93
N ARG C 266 -27.67 2.12 -39.00
CA ARG C 266 -28.37 0.90 -39.38
C ARG C 266 -28.53 -0.04 -38.16
N VAL C 267 -28.55 0.51 -36.95
CA VAL C 267 -28.56 -0.42 -35.85
C VAL C 267 -29.76 -1.35 -35.87
N ASP C 268 -30.90 -0.80 -36.21
CA ASP C 268 -32.10 -1.63 -36.26
C ASP C 268 -32.02 -2.79 -37.25
N GLU C 269 -31.42 -2.49 -38.40
CA GLU C 269 -31.21 -3.43 -39.49
C GLU C 269 -30.25 -4.46 -38.94
N HIS C 270 -29.14 -4.04 -38.34
CA HIS C 270 -28.25 -5.05 -37.78
C HIS C 270 -29.01 -5.93 -36.78
N LEU C 271 -29.75 -5.33 -35.88
CA LEU C 271 -30.48 -6.13 -34.90
C LEU C 271 -31.45 -7.07 -35.55
N ALA C 272 -32.13 -6.57 -36.55
CA ALA C 272 -33.12 -7.38 -37.23
C ALA C 272 -32.50 -8.66 -37.79
N ALA C 273 -31.31 -8.52 -38.35
CA ALA C 273 -30.63 -9.64 -38.97
C ALA C 273 -30.27 -10.70 -37.94
N ARG C 274 -29.91 -10.26 -36.74
CA ARG C 274 -29.58 -11.21 -35.70
C ARG C 274 -30.85 -11.97 -35.36
N GLU C 275 -31.93 -11.23 -35.16
CA GLU C 275 -33.23 -11.82 -34.81
C GLU C 275 -33.52 -12.95 -35.78
N ARG C 276 -33.25 -12.66 -37.03
CA ARG C 276 -33.46 -13.60 -38.11
C ARG C 276 -32.60 -14.82 -37.97
N VAL C 277 -31.32 -14.60 -37.72
CA VAL C 277 -30.39 -15.70 -37.57
C VAL C 277 -30.81 -16.56 -36.37
N VAL C 278 -31.26 -15.90 -35.32
CA VAL C 278 -31.66 -16.60 -34.11
C VAL C 278 -32.83 -17.55 -34.40
N GLY C 279 -33.78 -17.07 -35.19
CA GLY C 279 -34.99 -17.81 -35.57
C GLY C 279 -34.60 -19.09 -36.27
N TRP C 280 -33.59 -19.00 -37.12
CA TRP C 280 -33.11 -20.20 -37.78
C TRP C 280 -32.61 -21.21 -36.76
N TYR C 281 -31.83 -20.74 -35.78
CA TYR C 281 -31.33 -21.67 -34.79
C TYR C 281 -32.52 -22.24 -34.09
N GLU C 282 -33.29 -21.33 -33.50
CA GLU C 282 -34.48 -21.67 -32.73
C GLU C 282 -35.22 -22.81 -33.40
N GLN C 283 -35.51 -22.61 -34.67
CA GLN C 283 -36.24 -23.64 -35.35
C GLN C 283 -35.48 -24.94 -35.47
N LYS C 284 -34.45 -24.92 -36.30
CA LYS C 284 -33.60 -26.09 -36.54
C LYS C 284 -33.06 -26.80 -35.30
N LEU C 285 -33.01 -26.08 -34.20
CA LEU C 285 -32.48 -26.67 -32.97
C LEU C 285 -33.21 -27.97 -32.64
N ALA C 286 -34.51 -27.98 -32.91
CA ALA C 286 -35.40 -29.08 -32.56
C ALA C 286 -34.71 -30.42 -32.75
N ARG C 287 -33.94 -30.56 -33.82
CA ARG C 287 -33.22 -31.81 -34.09
C ARG C 287 -31.99 -32.12 -33.22
N LEU C 288 -32.06 -31.83 -31.92
CA LEU C 288 -30.95 -32.09 -31.00
C LEU C 288 -31.35 -32.54 -29.57
N GLY C 289 -32.64 -32.61 -29.32
CA GLY C 289 -33.18 -33.03 -28.02
C GLY C 289 -32.65 -32.21 -26.86
N ASN C 290 -32.16 -32.90 -25.84
CA ASN C 290 -31.60 -32.17 -24.71
C ASN C 290 -30.07 -32.27 -24.76
N ARG C 291 -29.60 -32.82 -25.87
CA ARG C 291 -28.17 -32.93 -26.17
C ARG C 291 -27.64 -31.50 -26.07
N VAL C 292 -28.54 -30.54 -26.18
CA VAL C 292 -28.22 -29.14 -25.99
C VAL C 292 -29.35 -28.49 -25.26
N THR C 293 -29.03 -27.28 -24.82
CA THR C 293 -29.96 -26.41 -24.12
C THR C 293 -29.89 -25.06 -24.81
N LYS C 294 -31.07 -24.64 -25.28
CA LYS C 294 -31.30 -23.41 -26.00
C LYS C 294 -31.28 -22.26 -25.03
N PRO C 295 -30.78 -21.15 -25.52
CA PRO C 295 -30.70 -19.97 -24.68
C PRO C 295 -32.01 -19.49 -24.09
N HIS C 296 -32.10 -19.46 -22.76
CA HIS C 296 -33.29 -18.94 -22.11
C HIS C 296 -33.35 -17.46 -22.39
N VAL C 297 -34.57 -16.99 -22.57
CA VAL C 297 -34.79 -15.60 -22.89
C VAL C 297 -35.71 -14.99 -21.90
N ALA C 298 -35.19 -14.20 -20.99
CA ALA C 298 -36.03 -13.54 -19.99
C ALA C 298 -36.97 -12.58 -20.68
N LEU C 299 -38.17 -12.44 -20.09
CA LEU C 299 -39.22 -11.61 -20.64
C LEU C 299 -39.21 -10.17 -20.14
N THR C 300 -38.05 -9.71 -19.71
CA THR C 300 -37.96 -8.35 -19.18
C THR C 300 -37.74 -7.27 -20.23
N GLY C 301 -37.49 -7.66 -21.47
CA GLY C 301 -37.23 -6.67 -22.52
C GLY C 301 -36.53 -7.42 -23.65
N ARG C 302 -35.83 -6.80 -24.49
CA ARG C 302 -35.31 -7.37 -25.73
C ARG C 302 -33.91 -7.90 -25.66
N HIS C 303 -33.67 -9.04 -26.07
CA HIS C 303 -32.39 -9.75 -25.95
C HIS C 303 -31.84 -9.65 -27.34
N VAL C 304 -30.67 -9.03 -27.49
CA VAL C 304 -30.14 -8.81 -28.81
C VAL C 304 -29.30 -9.97 -29.32
N PHE C 305 -29.12 -10.99 -28.49
CA PHE C 305 -28.31 -12.11 -28.99
C PHE C 305 -27.05 -11.71 -29.69
N TRP C 306 -26.07 -11.24 -28.92
CA TRP C 306 -24.80 -10.92 -29.55
C TRP C 306 -24.28 -12.29 -29.97
N MET C 307 -24.55 -13.28 -29.13
CA MET C 307 -24.14 -14.64 -29.45
C MET C 307 -25.29 -15.57 -29.09
N TYR C 308 -25.49 -16.60 -29.90
CA TYR C 308 -26.49 -17.65 -29.66
C TYR C 308 -25.66 -18.73 -28.93
N THR C 309 -25.92 -18.80 -27.63
CA THR C 309 -25.21 -19.65 -26.67
C THR C 309 -26.12 -20.79 -26.17
N VAL C 310 -25.64 -22.02 -26.30
CA VAL C 310 -26.36 -23.21 -25.83
C VAL C 310 -25.45 -23.82 -24.78
N ARG C 311 -26.04 -24.61 -23.91
CA ARG C 311 -25.23 -25.32 -22.92
C ARG C 311 -25.35 -26.75 -23.37
N LEU C 312 -24.26 -27.42 -23.71
CA LEU C 312 -24.38 -28.80 -24.10
C LEU C 312 -25.16 -29.63 -23.08
N GLY C 313 -25.42 -30.89 -23.41
CA GLY C 313 -26.19 -31.80 -22.58
C GLY C 313 -25.22 -32.59 -21.71
N GLU C 314 -25.65 -32.85 -20.47
CA GLU C 314 -24.82 -33.53 -19.49
C GLU C 314 -24.37 -34.92 -19.94
N GLY C 315 -25.33 -35.72 -20.40
CA GLY C 315 -25.07 -37.09 -20.84
C GLY C 315 -24.00 -37.16 -21.93
N LEU C 316 -23.94 -36.13 -22.77
CA LEU C 316 -22.94 -36.16 -23.83
C LEU C 316 -21.64 -36.82 -23.34
N SER C 317 -21.10 -37.70 -24.17
CA SER C 317 -19.85 -38.36 -23.83
C SER C 317 -18.66 -37.51 -24.23
N THR C 318 -18.87 -36.60 -25.19
CA THR C 318 -17.79 -35.72 -25.68
C THR C 318 -17.50 -34.50 -24.80
N THR C 319 -16.43 -33.78 -25.13
CA THR C 319 -16.08 -32.60 -24.36
C THR C 319 -16.48 -31.33 -25.11
N ARG C 320 -16.78 -30.27 -24.35
CA ARG C 320 -17.15 -28.99 -24.95
C ARG C 320 -16.03 -28.55 -25.88
N ASP C 321 -14.81 -28.57 -25.36
CA ASP C 321 -13.68 -28.20 -26.21
C ASP C 321 -13.62 -29.18 -27.38
N GLN C 322 -14.11 -30.39 -27.16
CA GLN C 322 -14.11 -31.39 -28.23
C GLN C 322 -15.12 -30.91 -29.26
N VAL C 323 -16.32 -30.57 -28.80
CA VAL C 323 -17.33 -30.09 -29.72
C VAL C 323 -16.83 -28.94 -30.57
N ILE C 324 -16.15 -27.99 -29.92
CA ILE C 324 -15.58 -26.81 -30.59
C ILE C 324 -14.50 -27.28 -31.55
N LYS C 325 -13.88 -28.41 -31.22
CA LYS C 325 -12.80 -28.96 -32.03
C LYS C 325 -13.35 -29.65 -33.28
N ASP C 326 -14.39 -30.45 -33.06
CA ASP C 326 -15.06 -31.18 -34.13
C ASP C 326 -15.58 -30.18 -35.16
N LEU C 327 -16.06 -29.04 -34.68
CA LEU C 327 -16.56 -28.00 -35.57
C LEU C 327 -15.51 -27.28 -36.41
N ASP C 328 -14.48 -26.74 -35.76
CA ASP C 328 -13.52 -26.02 -36.58
C ASP C 328 -13.09 -26.85 -37.74
N ALA C 329 -12.85 -28.11 -37.39
CA ALA C 329 -12.37 -29.12 -38.31
C ALA C 329 -13.27 -29.07 -39.54
N LEU C 330 -14.56 -28.97 -39.25
CA LEU C 330 -15.62 -28.87 -40.26
C LEU C 330 -15.86 -27.47 -40.81
N GLY C 331 -14.85 -26.59 -40.72
CA GLY C 331 -14.94 -25.22 -41.23
C GLY C 331 -15.93 -24.32 -40.50
N ILE C 332 -16.39 -24.77 -39.33
CA ILE C 332 -17.31 -24.03 -38.49
C ILE C 332 -16.57 -23.53 -37.22
N GLU C 333 -16.43 -22.22 -37.05
CA GLU C 333 -15.77 -21.61 -35.88
C GLU C 333 -16.73 -21.15 -34.74
N SER C 334 -16.41 -21.56 -33.51
CA SER C 334 -17.20 -21.24 -32.31
C SER C 334 -16.31 -20.87 -31.11
N ARG C 335 -16.94 -20.50 -30.01
CA ARG C 335 -16.20 -20.06 -28.82
C ARG C 335 -16.84 -20.68 -27.60
N PRO C 336 -16.04 -20.90 -26.57
CA PRO C 336 -16.62 -21.45 -25.36
C PRO C 336 -17.14 -20.29 -24.48
N VAL C 337 -18.14 -20.56 -23.63
CA VAL C 337 -18.60 -19.57 -22.66
C VAL C 337 -17.33 -19.28 -21.84
N PHE C 338 -17.18 -18.08 -21.32
CA PHE C 338 -15.99 -17.69 -20.59
C PHE C 338 -15.59 -18.63 -19.45
N HIS C 339 -14.28 -18.86 -19.28
CA HIS C 339 -13.74 -19.61 -18.15
C HIS C 339 -13.92 -18.54 -17.09
N PRO C 340 -14.65 -18.83 -16.02
CA PRO C 340 -14.79 -17.79 -15.01
C PRO C 340 -13.46 -17.33 -14.37
N MET C 341 -13.48 -16.11 -13.88
CA MET C 341 -12.32 -15.55 -13.24
C MET C 341 -11.62 -16.45 -12.24
N HIS C 342 -12.38 -16.99 -11.29
CA HIS C 342 -11.79 -17.75 -10.18
C HIS C 342 -11.01 -19.00 -10.47
N ILE C 343 -11.11 -19.46 -11.70
CA ILE C 343 -10.40 -20.67 -12.07
C ILE C 343 -9.14 -20.32 -12.82
N MET C 344 -8.94 -19.05 -13.12
CA MET C 344 -7.75 -18.65 -13.86
C MET C 344 -6.69 -18.07 -12.95
N PRO C 345 -5.47 -18.08 -13.43
CA PRO C 345 -4.40 -17.67 -12.55
C PRO C 345 -4.59 -16.30 -11.95
N PRO C 346 -5.06 -15.29 -12.69
CA PRO C 346 -5.09 -13.95 -12.13
C PRO C 346 -6.08 -13.78 -11.02
N TYR C 347 -7.10 -14.63 -11.02
CA TYR C 347 -8.17 -14.45 -10.06
C TYR C 347 -8.46 -15.68 -9.21
N ALA C 348 -7.55 -16.64 -9.22
CA ALA C 348 -7.81 -17.82 -8.43
C ALA C 348 -7.87 -17.48 -6.96
N HIS C 349 -7.21 -16.42 -6.52
CA HIS C 349 -7.27 -16.20 -5.08
C HIS C 349 -8.60 -15.62 -4.62
N LEU C 350 -9.50 -15.41 -5.58
CA LEU C 350 -10.73 -14.74 -5.26
C LEU C 350 -11.83 -15.79 -5.24
N ALA C 351 -11.41 -17.05 -5.42
CA ALA C 351 -12.37 -18.17 -5.41
C ALA C 351 -13.23 -18.25 -4.13
N THR C 352 -14.49 -18.64 -4.28
CA THR C 352 -15.30 -18.91 -3.12
C THR C 352 -15.97 -20.23 -3.40
N ASP C 353 -16.63 -20.75 -2.37
CA ASP C 353 -17.32 -22.02 -2.47
C ASP C 353 -18.64 -21.84 -3.21
N ASP C 354 -19.03 -20.60 -3.46
CA ASP C 354 -20.31 -20.36 -4.07
C ASP C 354 -20.35 -19.78 -5.50
N LEU C 355 -19.59 -20.36 -6.42
CA LEU C 355 -19.59 -19.83 -7.79
C LEU C 355 -19.75 -21.06 -8.64
N LYS C 356 -20.61 -21.94 -8.15
CA LYS C 356 -20.83 -23.21 -8.82
C LYS C 356 -21.49 -23.12 -10.19
N ILE C 357 -22.48 -22.25 -10.29
CA ILE C 357 -23.15 -21.99 -11.57
C ILE C 357 -22.12 -21.51 -12.62
N ALA C 358 -21.28 -20.55 -12.27
CA ALA C 358 -20.22 -20.15 -13.22
C ALA C 358 -19.37 -21.35 -13.64
N GLU C 359 -18.88 -22.17 -12.71
CA GLU C 359 -18.08 -23.26 -13.23
C GLU C 359 -18.88 -24.13 -14.16
N ALA C 360 -20.16 -24.33 -13.82
CA ALA C 360 -21.03 -25.18 -14.65
C ALA C 360 -21.15 -24.67 -16.08
N CYS C 361 -21.50 -23.40 -16.17
CA CYS C 361 -21.69 -22.73 -17.44
C CYS C 361 -20.36 -22.70 -18.15
N GLY C 362 -19.27 -22.49 -17.43
CA GLY C 362 -18.02 -22.43 -18.14
C GLY C 362 -17.67 -23.81 -18.66
N VAL C 363 -18.23 -24.83 -18.00
CA VAL C 363 -17.97 -26.21 -18.38
C VAL C 363 -18.67 -26.62 -19.67
N ASP C 364 -19.97 -26.37 -19.74
CA ASP C 364 -20.78 -26.79 -20.87
C ASP C 364 -21.33 -25.69 -21.80
N GLY C 365 -20.80 -24.47 -21.73
CA GLY C 365 -21.29 -23.41 -22.62
C GLY C 365 -20.64 -23.28 -24.01
N LEU C 366 -21.47 -23.02 -25.00
CA LEU C 366 -20.93 -22.83 -26.35
C LEU C 366 -21.58 -21.67 -27.14
N ASN C 367 -20.73 -20.79 -27.65
CA ASN C 367 -21.21 -19.64 -28.43
C ASN C 367 -21.34 -20.15 -29.84
N LEU C 368 -22.53 -20.17 -30.43
CA LEU C 368 -22.57 -20.64 -31.81
C LEU C 368 -22.45 -19.42 -32.70
N PRO C 369 -21.85 -19.58 -33.87
CA PRO C 369 -21.69 -18.46 -34.80
C PRO C 369 -22.94 -17.59 -34.85
N THR C 370 -22.75 -16.31 -34.54
CA THR C 370 -23.91 -15.43 -34.54
C THR C 370 -23.59 -14.07 -35.13
N HIS C 371 -24.07 -13.82 -36.34
CA HIS C 371 -23.84 -12.55 -37.01
C HIS C 371 -24.72 -12.33 -38.25
N ALA C 372 -24.84 -11.05 -38.61
CA ALA C 372 -25.70 -10.54 -39.67
C ALA C 372 -25.51 -11.17 -41.04
N GLY C 373 -24.25 -11.46 -41.39
CA GLY C 373 -23.95 -12.07 -42.69
C GLY C 373 -24.27 -13.57 -42.83
N LEU C 374 -24.79 -14.17 -41.77
CA LEU C 374 -25.10 -15.60 -41.79
C LEU C 374 -26.39 -15.92 -42.50
N THR C 375 -26.34 -16.95 -43.35
CA THR C 375 -27.51 -17.43 -44.11
C THR C 375 -28.04 -18.75 -43.56
N GLU C 376 -29.30 -19.08 -43.82
CA GLU C 376 -29.86 -20.33 -43.31
C GLU C 376 -28.90 -21.44 -43.63
N ALA C 377 -28.47 -21.46 -44.88
CA ALA C 377 -27.52 -22.48 -45.34
C ALA C 377 -26.49 -22.62 -44.22
N ASP C 378 -25.77 -21.52 -44.00
CA ASP C 378 -24.77 -21.50 -42.97
C ASP C 378 -25.28 -22.18 -41.69
N ILE C 379 -26.51 -21.85 -41.29
CA ILE C 379 -27.13 -22.36 -40.04
C ILE C 379 -27.43 -23.84 -40.09
N ASP C 380 -27.91 -24.27 -41.24
CA ASP C 380 -28.21 -25.67 -41.51
C ASP C 380 -26.87 -26.37 -41.29
N ARG C 381 -25.91 -25.88 -42.07
CA ARG C 381 -24.53 -26.33 -42.07
C ARG C 381 -23.96 -26.29 -40.66
N VAL C 382 -24.50 -25.39 -39.83
CA VAL C 382 -24.03 -25.34 -38.46
C VAL C 382 -24.69 -26.50 -37.74
N ILE C 383 -26.03 -26.47 -37.68
CA ILE C 383 -26.80 -27.53 -37.03
C ILE C 383 -26.40 -28.91 -37.53
N ALA C 384 -25.91 -28.99 -38.76
CA ALA C 384 -25.50 -30.26 -39.33
C ALA C 384 -24.52 -30.91 -38.34
N ALA C 385 -23.27 -30.44 -38.36
CA ALA C 385 -22.23 -30.95 -37.47
C ALA C 385 -22.69 -31.19 -36.02
N LEU C 386 -23.39 -30.21 -35.47
CA LEU C 386 -23.94 -30.30 -34.12
C LEU C 386 -24.57 -31.67 -33.94
N ASP C 387 -25.52 -32.00 -34.81
CA ASP C 387 -26.19 -33.29 -34.77
C ASP C 387 -25.18 -34.43 -34.68
N GLN C 388 -24.19 -34.36 -35.56
CA GLN C 388 -23.12 -35.35 -35.67
C GLN C 388 -21.87 -35.24 -34.80
N VAL C 389 -21.61 -34.04 -34.28
CA VAL C 389 -20.43 -33.78 -33.46
C VAL C 389 -20.67 -33.96 -31.95
N LEU C 390 -21.95 -33.96 -31.59
CA LEU C 390 -22.45 -34.13 -30.22
C LEU C 390 -22.87 -35.53 -29.81
N VAL C 391 -21.98 -36.22 -29.12
CA VAL C 391 -22.26 -37.57 -28.63
C VAL C 391 -22.23 -37.61 -27.10
N PRO D 25 -5.63 33.00 -43.60
CA PRO D 25 -4.90 31.81 -44.09
C PRO D 25 -3.87 31.18 -43.14
N ARG D 26 -4.40 30.68 -42.03
CA ARG D 26 -3.66 30.08 -40.94
C ARG D 26 -2.51 29.07 -41.09
N ILE D 27 -1.49 29.36 -40.30
CA ILE D 27 -0.29 28.58 -40.25
C ILE D 27 -0.37 27.73 -38.98
N SER D 28 -0.61 26.43 -39.13
CA SER D 28 -0.76 25.56 -37.97
C SER D 28 0.60 25.06 -37.57
N VAL D 29 0.78 24.76 -36.29
CA VAL D 29 2.03 24.21 -35.77
C VAL D 29 2.36 22.84 -36.35
N ALA D 30 1.34 22.02 -36.51
CA ALA D 30 1.61 20.71 -37.03
C ALA D 30 0.43 20.33 -37.90
N ALA D 31 0.67 19.38 -38.80
CA ALA D 31 -0.33 18.93 -39.76
C ALA D 31 0.22 17.69 -40.45
N PRO D 32 -0.57 16.62 -40.52
CA PRO D 32 -0.08 15.38 -41.11
C PRO D 32 0.02 15.68 -42.58
N ARG D 33 0.72 14.84 -43.34
CA ARG D 33 0.84 14.98 -44.78
C ARG D 33 0.58 13.57 -45.30
N LEU D 34 -0.68 13.37 -45.68
CA LEU D 34 -1.16 12.08 -46.13
C LEU D 34 -1.08 12.06 -47.62
N ASP D 35 0.15 12.18 -48.10
CA ASP D 35 0.46 12.24 -49.52
C ASP D 35 1.05 10.92 -50.03
N GLY D 36 0.56 9.79 -49.55
CA GLY D 36 1.10 8.48 -49.95
C GLY D 36 -0.04 7.48 -50.19
N ASN D 37 0.20 6.24 -49.78
CA ASN D 37 -0.79 5.16 -49.84
C ASN D 37 -1.83 5.11 -48.74
N GLU D 38 -1.89 6.16 -47.92
CA GLU D 38 -2.86 6.18 -46.81
C GLU D 38 -4.27 5.87 -47.23
N ARG D 39 -4.82 6.68 -48.13
CA ARG D 39 -6.19 6.54 -48.56
C ARG D 39 -6.41 5.16 -49.13
N ASP D 40 -5.47 4.79 -49.99
CA ASP D 40 -5.61 3.50 -50.65
C ASP D 40 -5.56 2.37 -49.66
N TYR D 41 -4.58 2.45 -48.75
CA TYR D 41 -4.47 1.41 -47.72
C TYR D 41 -5.68 1.39 -46.79
N VAL D 42 -6.22 2.55 -46.41
CA VAL D 42 -7.43 2.59 -45.59
C VAL D 42 -8.61 1.91 -46.31
N LEU D 43 -8.78 2.30 -47.58
CA LEU D 43 -9.84 1.75 -48.40
C LEU D 43 -9.71 0.22 -48.44
N GLU D 44 -8.48 -0.25 -48.50
CA GLU D 44 -8.25 -1.69 -48.55
C GLU D 44 -8.73 -2.33 -47.29
N CYS D 45 -8.55 -1.67 -46.15
CA CYS D 45 -9.04 -2.23 -44.91
C CYS D 45 -10.58 -2.32 -44.91
N MET D 46 -11.17 -1.21 -45.33
CA MET D 46 -12.60 -1.05 -45.32
C MET D 46 -13.18 -2.09 -46.27
N ASP D 47 -12.60 -2.14 -47.45
CA ASP D 47 -13.06 -3.06 -48.48
C ASP D 47 -12.99 -4.56 -48.11
N THR D 48 -11.87 -4.96 -47.53
CA THR D 48 -11.64 -6.33 -47.08
C THR D 48 -12.37 -6.58 -45.79
N THR D 49 -12.81 -5.48 -45.17
CA THR D 49 -13.52 -5.48 -43.91
C THR D 49 -12.64 -5.70 -42.67
N TRP D 50 -11.32 -5.71 -42.84
CA TRP D 50 -10.51 -5.88 -41.64
C TRP D 50 -10.24 -4.51 -41.05
N ILE D 51 -11.12 -4.13 -40.15
CA ILE D 51 -10.94 -2.82 -39.53
C ILE D 51 -10.51 -2.80 -38.06
N SER D 52 -10.45 -3.99 -37.47
CA SER D 52 -10.13 -4.11 -36.06
C SER D 52 -8.63 -4.29 -35.87
N SER D 53 -8.25 -4.76 -34.67
CA SER D 53 -6.84 -5.02 -34.38
C SER D 53 -6.38 -6.34 -35.04
N VAL D 54 -7.21 -6.81 -35.95
CA VAL D 54 -6.92 -8.01 -36.71
C VAL D 54 -6.66 -7.48 -38.13
N GLY D 55 -5.69 -8.04 -38.82
CA GLY D 55 -5.39 -7.61 -40.19
C GLY D 55 -3.87 -7.54 -40.54
N ARG D 56 -3.59 -7.61 -41.83
CA ARG D 56 -2.22 -7.62 -42.34
C ARG D 56 -1.27 -6.43 -42.14
N PHE D 57 -1.81 -5.20 -42.15
CA PHE D 57 -0.99 -3.99 -42.00
C PHE D 57 -0.21 -3.85 -40.66
N ILE D 58 -0.76 -4.43 -39.59
CA ILE D 58 -0.16 -4.32 -38.26
C ILE D 58 1.25 -4.91 -38.22
N VAL D 59 1.37 -6.14 -38.71
CA VAL D 59 2.68 -6.81 -38.72
C VAL D 59 3.59 -6.21 -39.79
N GLU D 60 2.97 -5.79 -40.88
CA GLU D 60 3.75 -5.15 -41.93
C GLU D 60 4.31 -3.85 -41.38
N PHE D 61 3.48 -3.08 -40.69
CA PHE D 61 3.97 -1.83 -40.14
C PHE D 61 5.05 -2.10 -39.09
N GLU D 62 4.82 -3.08 -38.22
CA GLU D 62 5.79 -3.42 -37.18
C GLU D 62 7.12 -3.81 -37.83
N LYS D 63 7.02 -4.68 -38.83
CA LYS D 63 8.23 -5.16 -39.48
C LYS D 63 9.03 -4.06 -40.13
N ALA D 64 8.32 -3.23 -40.86
CA ALA D 64 8.96 -2.14 -41.54
C ALA D 64 9.46 -1.12 -40.53
N PHE D 65 8.76 -0.89 -39.42
CA PHE D 65 9.25 0.07 -38.40
C PHE D 65 10.54 -0.45 -37.72
N ALA D 66 10.50 -1.75 -37.44
CA ALA D 66 11.63 -2.39 -36.78
C ALA D 66 12.86 -2.22 -37.66
N ASP D 67 12.69 -2.60 -38.93
CA ASP D 67 13.73 -2.50 -39.94
C ASP D 67 14.24 -1.10 -39.92
N TYR D 68 13.31 -0.15 -39.97
CA TYR D 68 13.69 1.25 -40.01
C TYR D 68 14.51 1.72 -38.82
N CYS D 69 14.20 1.16 -37.66
CA CYS D 69 14.91 1.59 -36.45
C CYS D 69 16.17 0.75 -36.27
N GLY D 70 16.26 -0.32 -37.04
CA GLY D 70 17.40 -1.23 -36.95
C GLY D 70 17.32 -2.16 -35.74
N VAL D 71 16.10 -2.50 -35.31
CA VAL D 71 15.94 -3.36 -34.16
C VAL D 71 15.24 -4.65 -34.57
N LYS D 72 15.20 -5.65 -33.68
CA LYS D 72 14.59 -6.93 -33.99
C LYS D 72 13.11 -6.93 -33.79
N HIS D 73 12.60 -6.05 -32.93
CA HIS D 73 11.15 -6.12 -32.64
C HIS D 73 10.42 -4.79 -32.51
N ALA D 74 9.20 -4.73 -33.05
CA ALA D 74 8.39 -3.50 -32.99
C ALA D 74 7.01 -3.98 -32.61
N ILE D 75 6.44 -3.39 -31.56
CA ILE D 75 5.12 -3.75 -31.00
C ILE D 75 4.20 -2.52 -31.10
N ALA D 76 3.31 -2.57 -32.09
CA ALA D 76 2.37 -1.48 -32.38
C ALA D 76 1.37 -1.45 -31.23
N CYS D 77 1.06 -0.23 -30.81
CA CYS D 77 0.15 0.03 -29.70
C CYS D 77 -0.90 1.06 -30.14
N ASN D 78 -1.97 1.22 -29.36
CA ASN D 78 -3.00 2.17 -29.69
C ASN D 78 -2.59 3.63 -29.50
N ASN D 79 -1.60 3.93 -28.65
CA ASN D 79 -1.05 5.29 -28.54
C ASN D 79 0.34 5.28 -27.91
N GLY D 80 1.00 6.43 -27.83
CA GLY D 80 2.36 6.47 -27.25
C GLY D 80 2.41 6.40 -25.71
N THR D 81 1.29 6.75 -25.08
CA THR D 81 1.13 6.75 -23.63
C THR D 81 0.97 5.30 -23.18
N THR D 82 0.07 4.58 -23.84
CA THR D 82 -0.13 3.16 -23.55
C THR D 82 1.11 2.40 -23.95
N ALA D 83 1.87 2.86 -24.94
CA ALA D 83 3.10 2.15 -25.28
C ALA D 83 4.02 2.28 -24.09
N LEU D 84 4.12 3.49 -23.55
CA LEU D 84 5.03 3.68 -22.43
C LEU D 84 4.60 2.79 -21.26
N HIS D 85 3.33 2.81 -20.95
CA HIS D 85 2.82 2.03 -19.83
C HIS D 85 3.16 0.58 -20.05
N LEU D 86 2.75 0.05 -21.20
CA LEU D 86 3.02 -1.35 -21.56
C LEU D 86 4.49 -1.74 -21.45
N ALA D 87 5.38 -0.84 -21.88
CA ALA D 87 6.78 -1.18 -21.82
C ALA D 87 7.30 -1.35 -20.37
N LEU D 88 6.91 -0.37 -19.54
CA LEU D 88 7.30 -0.36 -18.13
C LEU D 88 6.79 -1.60 -17.40
N VAL D 89 5.54 -1.95 -17.67
CA VAL D 89 4.99 -3.07 -16.99
C VAL D 89 5.73 -4.29 -17.53
N ALA D 90 6.01 -4.34 -18.82
CA ALA D 90 6.77 -5.48 -19.34
C ALA D 90 8.11 -5.57 -18.65
N MET D 91 8.71 -4.43 -18.40
CA MET D 91 10.04 -4.42 -17.79
C MET D 91 10.02 -4.76 -16.30
N GLY D 92 8.81 -4.88 -15.76
CA GLY D 92 8.66 -5.21 -14.35
C GLY D 92 8.66 -4.05 -13.37
N ILE D 93 8.37 -2.85 -13.87
CA ILE D 93 8.35 -1.68 -13.01
C ILE D 93 7.05 -1.72 -12.22
N GLY D 94 7.13 -1.48 -10.91
CA GLY D 94 5.88 -1.59 -10.15
C GLY D 94 6.09 -0.86 -8.81
N PRO D 95 5.16 -1.09 -7.88
CA PRO D 95 5.22 -0.41 -6.61
C PRO D 95 6.56 -0.57 -5.93
N GLY D 96 7.02 0.55 -5.40
CA GLY D 96 8.31 0.55 -4.73
C GLY D 96 9.50 0.93 -5.63
N ASP D 97 9.30 0.84 -6.94
CA ASP D 97 10.38 1.09 -7.90
C ASP D 97 10.46 2.56 -8.21
N GLU D 98 11.69 3.01 -8.50
CA GLU D 98 11.90 4.37 -8.90
C GLU D 98 12.35 4.43 -10.36
N VAL D 99 11.86 5.43 -11.08
CA VAL D 99 12.21 5.58 -12.48
C VAL D 99 12.61 7.05 -12.69
N ILE D 100 13.83 7.27 -13.16
CA ILE D 100 14.32 8.64 -13.35
C ILE D 100 13.73 9.22 -14.61
N VAL D 101 13.09 10.38 -14.49
CA VAL D 101 12.42 10.95 -15.66
C VAL D 101 12.71 12.44 -15.65
N PRO D 102 12.92 13.07 -16.82
CA PRO D 102 13.15 14.51 -16.79
C PRO D 102 11.85 15.22 -16.36
N SER D 103 11.97 16.28 -15.57
CA SER D 103 10.79 17.11 -15.29
C SER D 103 10.33 17.81 -16.58
N LEU D 104 11.29 18.20 -17.44
CA LEU D 104 10.82 18.79 -18.70
C LEU D 104 10.54 17.72 -19.76
N THR D 105 9.27 17.40 -19.98
CA THR D 105 8.89 16.42 -20.98
C THR D 105 7.35 16.46 -20.99
N TYR D 106 6.76 15.71 -21.90
CA TYR D 106 5.29 15.61 -21.94
C TYR D 106 4.73 14.72 -20.77
N ILE D 107 3.70 15.19 -20.07
CA ILE D 107 3.17 14.42 -18.93
C ILE D 107 3.13 12.90 -18.96
N ALA D 108 2.73 12.33 -20.10
CA ALA D 108 2.71 10.89 -20.28
C ALA D 108 3.98 10.22 -19.83
N SER D 109 5.15 10.86 -19.96
CA SER D 109 6.34 10.15 -19.52
C SER D 109 6.34 9.80 -18.05
N ALA D 110 5.79 10.70 -17.25
CA ALA D 110 5.73 10.50 -15.81
C ALA D 110 4.43 9.73 -15.47
N ASN D 111 3.32 9.97 -16.16
CA ASN D 111 2.07 9.26 -15.83
C ASN D 111 2.24 7.76 -16.01
N SER D 112 2.93 7.37 -17.09
CA SER D 112 3.19 5.97 -17.35
C SER D 112 3.85 5.27 -16.15
N VAL D 113 4.71 6.00 -15.44
CA VAL D 113 5.38 5.44 -14.27
C VAL D 113 4.38 5.28 -13.13
N THR D 114 3.58 6.34 -12.96
CA THR D 114 2.51 6.37 -11.98
C THR D 114 1.52 5.25 -12.13
N TYR D 115 1.17 4.93 -13.37
CA TYR D 115 0.20 3.87 -13.68
C TYR D 115 0.69 2.56 -13.11
N CYS D 116 1.97 2.30 -13.23
CA CYS D 116 2.68 1.15 -12.69
C CYS D 116 2.64 1.11 -11.17
N GLY D 117 2.39 2.21 -10.48
CA GLY D 117 2.45 2.22 -9.02
C GLY D 117 3.85 2.62 -8.57
N ALA D 118 4.72 2.90 -9.54
CA ALA D 118 6.10 3.30 -9.30
C ALA D 118 6.23 4.80 -9.09
N THR D 119 7.42 5.25 -8.67
CA THR D 119 7.65 6.66 -8.34
C THR D 119 8.60 7.37 -9.31
N PRO D 120 8.16 8.46 -9.92
CA PRO D 120 9.04 9.18 -10.84
C PRO D 120 10.03 9.92 -10.00
N VAL D 121 11.30 9.89 -10.44
CA VAL D 121 12.41 10.62 -9.80
C VAL D 121 12.86 11.62 -10.86
N LEU D 122 12.49 12.87 -10.63
CA LEU D 122 12.64 13.89 -11.65
C LEU D 122 14.09 14.39 -11.79
N VAL D 123 14.59 14.56 -13.01
CA VAL D 123 15.96 15.02 -13.17
C VAL D 123 15.98 16.26 -14.07
N ASP D 124 16.95 17.15 -13.88
CA ASP D 124 17.09 18.38 -14.69
C ASP D 124 17.63 18.11 -16.08
N ASN D 125 17.42 19.08 -16.96
CA ASN D 125 17.87 18.91 -18.33
C ASN D 125 18.94 19.94 -18.68
N ASP D 126 19.48 19.75 -19.88
CA ASP D 126 20.52 20.60 -20.49
C ASP D 126 19.85 21.86 -21.01
N PRO D 127 20.44 23.00 -20.71
CA PRO D 127 19.82 24.23 -21.21
C PRO D 127 19.83 24.41 -22.71
N ARG D 128 20.63 23.64 -23.45
CA ARG D 128 20.64 23.82 -24.87
C ARG D 128 19.82 22.82 -25.63
N THR D 129 19.93 21.58 -25.18
CA THR D 129 19.23 20.56 -25.92
C THR D 129 17.88 20.32 -25.34
N PHE D 130 17.61 20.87 -24.13
CA PHE D 130 16.36 20.62 -23.39
C PHE D 130 16.32 19.13 -22.94
N ASN D 131 17.37 18.35 -23.20
CA ASN D 131 17.27 16.91 -22.90
C ASN D 131 17.93 16.50 -21.59
N LEU D 132 17.56 15.33 -21.06
CA LEU D 132 18.11 14.84 -19.77
C LEU D 132 19.61 15.08 -19.67
N ASP D 133 20.02 15.72 -18.57
CA ASP D 133 21.43 16.06 -18.34
C ASP D 133 22.05 14.86 -17.61
N ALA D 134 22.83 14.05 -18.32
CA ALA D 134 23.43 12.84 -17.74
C ALA D 134 24.28 13.11 -16.51
N ALA D 135 24.84 14.33 -16.43
CA ALA D 135 25.70 14.73 -15.31
C ALA D 135 24.91 14.89 -14.01
N LYS D 136 23.59 14.76 -14.13
CA LYS D 136 22.75 14.88 -12.95
C LYS D 136 22.18 13.54 -12.49
N LEU D 137 22.40 12.46 -13.24
CA LEU D 137 21.80 11.19 -12.86
C LEU D 137 22.35 10.52 -11.64
N GLU D 138 23.66 10.46 -11.53
CA GLU D 138 24.28 9.70 -10.48
C GLU D 138 23.67 9.99 -9.12
N ALA D 139 23.62 11.26 -8.81
CA ALA D 139 23.14 11.72 -7.52
C ALA D 139 21.69 11.35 -7.26
N LEU D 140 20.94 10.95 -8.30
CA LEU D 140 19.53 10.62 -8.01
C LEU D 140 19.27 9.12 -7.85
N ILE D 141 20.29 8.30 -8.09
CA ILE D 141 20.15 6.85 -7.92
C ILE D 141 20.11 6.42 -6.42
N THR D 142 19.24 5.47 -6.10
CA THR D 142 19.03 4.92 -4.75
C THR D 142 18.75 3.42 -4.89
N PRO D 143 18.59 2.75 -3.77
CA PRO D 143 18.35 1.34 -3.84
C PRO D 143 17.13 0.98 -4.66
N ARG D 144 16.20 1.92 -4.86
CA ARG D 144 14.90 1.64 -5.53
C ARG D 144 14.84 1.83 -7.04
N THR D 145 15.84 2.58 -7.51
CA THR D 145 15.94 2.90 -8.92
C THR D 145 16.02 1.65 -9.78
N LYS D 146 15.11 1.53 -10.75
CA LYS D 146 15.12 0.40 -11.69
C LYS D 146 15.40 0.81 -13.10
N ALA D 147 14.98 2.01 -13.50
CA ALA D 147 15.18 2.47 -14.89
C ALA D 147 15.36 3.97 -14.98
N ILE D 148 15.87 4.38 -16.13
CA ILE D 148 16.08 5.78 -16.52
C ILE D 148 15.34 5.99 -17.84
N MET D 149 14.58 7.08 -17.97
CA MET D 149 13.78 7.34 -19.18
C MET D 149 14.23 8.59 -19.89
N PRO D 150 15.25 8.43 -20.72
CA PRO D 150 15.72 9.57 -21.46
C PRO D 150 14.62 9.99 -22.43
N VAL D 151 14.29 11.28 -22.53
CA VAL D 151 13.22 11.69 -23.51
C VAL D 151 13.87 12.54 -24.62
N HIS D 152 13.78 12.12 -25.89
CA HIS D 152 14.43 12.81 -27.03
C HIS D 152 13.50 13.94 -27.47
N LEU D 153 13.67 15.11 -26.87
CA LEU D 153 12.78 16.24 -27.12
C LEU D 153 12.97 16.91 -28.47
N TYR D 154 11.86 17.11 -29.18
CA TYR D 154 11.80 17.88 -30.42
C TYR D 154 12.52 17.29 -31.62
N GLY D 155 12.84 16.01 -31.53
CA GLY D 155 13.56 15.36 -32.62
C GLY D 155 15.03 15.11 -32.35
N GLN D 156 15.47 15.54 -31.17
CA GLN D 156 16.86 15.36 -30.79
C GLN D 156 17.01 14.24 -29.76
N ILE D 157 17.92 13.32 -30.06
CA ILE D 157 18.21 12.20 -29.16
C ILE D 157 19.13 12.68 -28.02
N CYS D 158 18.89 12.26 -26.78
CA CYS D 158 19.76 12.67 -25.67
C CYS D 158 21.19 12.09 -25.84
N ASP D 159 22.07 12.49 -24.93
CA ASP D 159 23.48 12.09 -24.98
C ASP D 159 23.59 10.72 -24.34
N MET D 160 23.17 9.76 -25.14
CA MET D 160 23.00 8.40 -24.73
C MET D 160 24.22 7.72 -24.20
N ASP D 161 25.38 8.00 -24.74
CA ASP D 161 26.54 7.24 -24.23
C ASP D 161 26.81 7.35 -22.74
N PRO D 162 26.85 8.59 -22.27
CA PRO D 162 27.06 8.84 -20.85
C PRO D 162 25.84 8.36 -20.07
N ILE D 163 24.66 8.56 -20.65
CA ILE D 163 23.47 8.02 -19.96
C ILE D 163 23.57 6.49 -19.80
N LEU D 164 23.94 5.78 -20.87
CA LEU D 164 24.06 4.32 -20.82
C LEU D 164 25.21 3.88 -19.91
N GLU D 165 26.27 4.67 -19.86
CA GLU D 165 27.40 4.30 -19.00
C GLU D 165 26.99 4.32 -17.51
N VAL D 166 26.27 5.38 -17.15
CA VAL D 166 25.80 5.50 -15.79
C VAL D 166 24.82 4.34 -15.50
N ALA D 167 23.89 4.08 -16.42
CA ALA D 167 22.91 2.98 -16.19
C ALA D 167 23.58 1.62 -15.98
N ARG D 168 24.48 1.30 -16.90
CA ARG D 168 25.21 0.03 -16.87
C ARG D 168 25.98 -0.18 -15.53
N ARG D 169 26.56 0.91 -15.02
CA ARG D 169 27.27 0.91 -13.75
C ARG D 169 26.32 0.63 -12.59
N HIS D 170 25.03 0.88 -12.78
CA HIS D 170 24.03 0.65 -11.72
C HIS D 170 23.07 -0.45 -12.06
N ASN D 171 23.33 -1.14 -13.17
CA ASN D 171 22.41 -2.21 -13.54
C ASN D 171 20.96 -1.65 -13.64
N LEU D 172 20.80 -0.53 -14.32
CA LEU D 172 19.50 0.09 -14.44
C LEU D 172 19.06 -0.16 -15.86
N LEU D 173 17.74 -0.27 -16.08
CA LEU D 173 17.26 -0.43 -17.44
C LEU D 173 17.12 0.97 -17.99
N VAL D 174 17.08 0.99 -19.31
CA VAL D 174 16.93 2.27 -19.97
C VAL D 174 15.78 2.22 -20.99
N ILE D 175 14.86 3.17 -20.85
CA ILE D 175 13.79 3.27 -21.79
C ILE D 175 13.67 4.66 -22.42
N GLU D 176 13.83 4.68 -23.73
CA GLU D 176 13.79 5.97 -24.41
C GLU D 176 12.33 6.26 -24.68
N ASP D 177 11.95 7.50 -24.40
CA ASP D 177 10.66 8.04 -24.83
C ASP D 177 11.06 8.80 -26.11
N ALA D 178 10.92 8.12 -27.25
CA ALA D 178 11.28 8.65 -28.55
C ALA D 178 10.10 9.15 -29.36
N ALA D 179 8.95 9.35 -28.68
CA ALA D 179 7.71 9.83 -29.31
C ALA D 179 7.95 11.01 -30.26
N GLU D 180 8.90 11.90 -30.01
CA GLU D 180 9.12 13.06 -30.85
C GLU D 180 10.31 13.00 -31.80
N ALA D 181 10.89 11.81 -31.91
CA ALA D 181 12.12 11.66 -32.66
C ALA D 181 12.20 10.51 -33.67
N VAL D 182 11.12 10.17 -34.35
CA VAL D 182 11.25 9.09 -35.34
C VAL D 182 12.28 9.48 -36.38
N GLY D 183 13.20 8.60 -36.80
CA GLY D 183 14.18 9.01 -37.81
C GLY D 183 15.46 9.67 -37.31
N ALA D 184 15.48 10.13 -36.06
CA ALA D 184 16.74 10.70 -35.50
C ALA D 184 17.85 9.65 -35.30
N THR D 185 19.10 10.07 -35.40
CA THR D 185 20.18 9.10 -35.17
C THR D 185 21.16 9.65 -34.14
N TYR D 186 21.97 8.77 -33.56
CA TYR D 186 22.98 9.13 -32.58
C TYR D 186 24.19 8.24 -32.86
N ARG D 187 25.29 8.81 -33.35
CA ARG D 187 26.45 7.95 -33.56
C ARG D 187 26.09 6.65 -34.26
N GLY D 188 25.39 6.80 -35.36
CA GLY D 188 25.03 5.71 -36.25
C GLY D 188 23.80 4.87 -35.95
N LYS D 189 23.22 5.06 -34.77
CA LYS D 189 22.06 4.25 -34.41
C LYS D 189 20.80 5.10 -34.43
N LYS D 190 19.66 4.51 -34.82
CA LYS D 190 18.39 5.26 -34.88
C LYS D 190 17.77 5.37 -33.49
N SER D 191 16.95 6.37 -33.24
CA SER D 191 16.31 6.39 -31.95
C SER D 191 15.51 5.09 -31.98
N GLY D 192 15.28 4.52 -30.79
CA GLY D 192 14.45 3.33 -30.69
C GLY D 192 15.30 2.11 -30.47
N SER D 193 16.59 2.28 -30.76
CA SER D 193 17.60 1.21 -30.70
C SER D 193 18.68 1.38 -29.64
N LEU D 194 18.59 2.40 -28.80
CA LEU D 194 19.63 2.61 -27.78
C LEU D 194 19.36 2.07 -26.39
N GLY D 195 18.14 2.21 -25.89
CA GLY D 195 17.85 1.70 -24.55
C GLY D 195 17.36 0.26 -24.58
N ASP D 196 17.04 -0.29 -23.41
CA ASP D 196 16.54 -1.66 -23.45
C ASP D 196 15.34 -1.75 -24.39
N CYS D 197 14.53 -0.69 -24.43
CA CYS D 197 13.38 -0.62 -25.33
C CYS D 197 13.13 0.88 -25.46
N ALA D 198 12.14 1.22 -26.29
CA ALA D 198 11.80 2.60 -26.56
C ALA D 198 10.36 2.70 -27.03
N THR D 199 9.81 3.90 -26.92
CA THR D 199 8.43 4.11 -27.35
C THR D 199 8.36 5.30 -28.33
N PHE D 200 7.35 5.27 -29.17
CA PHE D 200 7.13 6.32 -30.16
C PHE D 200 5.62 6.60 -30.12
N SER D 201 5.22 7.82 -30.50
CA SER D 201 3.82 8.26 -30.66
C SER D 201 3.52 8.54 -32.14
N PHE D 202 2.33 8.16 -32.60
CA PHE D 202 1.94 8.43 -34.02
C PHE D 202 0.71 9.30 -33.99
N PHE D 203 0.72 10.12 -32.95
CA PHE D 203 -0.35 11.05 -32.75
C PHE D 203 -0.33 12.09 -33.89
N GLY D 204 -1.52 12.57 -34.23
CA GLY D 204 -1.69 13.53 -35.31
C GLY D 204 -0.67 14.63 -35.58
N ASN D 205 0.06 15.14 -34.59
CA ASN D 205 1.04 16.20 -34.88
C ASN D 205 2.47 15.69 -35.01
N1 LLP D 206 5.81 11.33 -24.56
C2 LLP D 206 6.23 12.27 -25.40
C2' LLP D 206 7.60 12.93 -25.26
C3 LLP D 206 5.43 12.62 -26.48
O3 LLP D 206 5.87 13.55 -27.34
C4 LLP D 206 4.16 12.04 -26.66
C4' LLP D 206 3.35 12.37 -27.88
C5 LLP D 206 3.72 11.15 -25.66
C6 LLP D 206 4.60 10.81 -24.65
C5' LLP D 206 2.33 10.59 -25.70
OP4 LLP D 206 2.14 9.86 -26.92
P LLP D 206 0.60 9.86 -27.33
OP1 LLP D 206 0.44 8.90 -28.61
OP2 LLP D 206 -0.31 9.18 -26.22
OP3 LLP D 206 0.19 11.41 -27.52
N LLP D 206 2.65 14.36 -34.95
CA LLP D 206 3.96 13.73 -34.92
CB LLP D 206 4.02 12.51 -33.97
CG LLP D 206 3.40 12.66 -32.56
CD LLP D 206 4.20 13.26 -31.40
CE LLP D 206 3.25 13.19 -30.18
NZ LLP D 206 3.94 12.92 -28.89
C LLP D 206 4.63 13.58 -36.29
O LLP D 206 3.94 13.70 -37.31
N ILE D 207 5.94 13.34 -36.34
CA ILE D 207 6.66 13.23 -37.62
C ILE D 207 5.89 12.32 -38.56
N ILE D 208 5.48 11.19 -38.00
CA ILE D 208 4.60 10.28 -38.69
C ILE D 208 3.36 10.06 -37.85
N THR D 209 2.21 10.07 -38.51
CA THR D 209 0.96 9.91 -37.79
C THR D 209 0.13 8.69 -38.22
N THR D 210 -0.71 8.24 -37.29
CA THR D 210 -1.69 7.21 -37.55
C THR D 210 -2.99 7.77 -36.96
N GLY D 211 -3.02 9.07 -36.66
CA GLY D 211 -4.20 9.64 -36.01
C GLY D 211 -3.92 9.53 -34.49
N GLU D 212 -4.01 8.30 -33.98
CA GLU D 212 -3.60 7.97 -32.59
C GLU D 212 -2.85 6.69 -32.85
N GLY D 213 -1.78 6.42 -32.12
CA GLY D 213 -1.05 5.18 -32.36
C GLY D 213 0.29 5.25 -31.69
N GLY D 214 0.93 4.09 -31.43
CA GLY D 214 2.21 4.08 -30.73
C GLY D 214 3.00 2.85 -31.11
N MET D 215 4.27 2.80 -30.72
CA MET D 215 5.04 1.62 -31.07
C MET D 215 6.04 1.40 -29.96
N ILE D 216 6.36 0.14 -29.67
CA ILE D 216 7.45 -0.10 -28.72
C ILE D 216 8.50 -0.79 -29.57
N THR D 217 9.74 -0.34 -29.40
CA THR D 217 10.87 -1.00 -30.06
C THR D 217 11.83 -1.62 -29.03
N THR D 218 12.39 -2.76 -29.39
CA THR D 218 13.33 -3.48 -28.53
C THR D 218 14.15 -4.49 -29.35
N ASN D 219 15.31 -4.89 -28.82
CA ASN D 219 16.03 -6.00 -29.43
C ASN D 219 15.82 -7.26 -28.58
N ASP D 220 15.19 -7.11 -27.42
CA ASP D 220 15.01 -8.18 -26.44
C ASP D 220 13.83 -9.11 -26.62
N ASP D 221 14.17 -10.30 -27.07
CA ASP D 221 13.17 -11.35 -27.33
C ASP D 221 12.16 -11.52 -26.27
N ASP D 222 12.69 -11.75 -25.07
CA ASP D 222 11.85 -12.02 -23.93
C ASP D 222 10.96 -10.84 -23.68
N LEU D 223 11.55 -9.65 -23.71
CA LEU D 223 10.76 -8.46 -23.46
C LEU D 223 9.65 -8.30 -24.48
N ALA D 224 10.00 -8.40 -25.75
CA ALA D 224 9.04 -8.23 -26.86
C ALA D 224 7.91 -9.20 -26.61
N ALA D 225 8.28 -10.35 -26.07
CA ALA D 225 7.27 -11.36 -25.89
C ALA D 225 6.32 -10.97 -24.80
N LYS D 226 6.88 -10.45 -23.72
CA LYS D 226 5.99 -10.09 -22.63
C LYS D 226 5.08 -8.94 -23.03
N MET D 227 5.57 -7.99 -23.84
CA MET D 227 4.74 -6.85 -24.32
C MET D 227 3.57 -7.26 -25.20
N ARG D 228 3.78 -8.30 -26.00
CA ARG D 228 2.70 -8.76 -26.84
C ARG D 228 1.69 -9.51 -26.04
N LEU D 229 2.15 -10.32 -25.09
CA LEU D 229 1.21 -11.04 -24.24
C LEU D 229 0.33 -9.96 -23.56
N LEU D 230 0.96 -8.97 -22.95
CA LEU D 230 0.18 -7.97 -22.25
C LEU D 230 -0.68 -7.12 -23.18
N ARG D 231 -0.23 -6.81 -24.38
CA ARG D 231 -1.02 -5.92 -25.26
C ARG D 231 -2.36 -6.53 -25.67
N GLY D 232 -2.30 -7.85 -25.82
CA GLY D 232 -3.44 -8.65 -26.21
C GLY D 232 -4.17 -9.17 -24.99
N GLN D 233 -4.45 -8.30 -24.03
CA GLN D 233 -5.26 -8.66 -22.85
C GLN D 233 -4.76 -9.82 -21.97
N GLY D 234 -3.51 -10.21 -22.12
CA GLY D 234 -2.93 -11.28 -21.28
C GLY D 234 -3.48 -12.67 -21.59
N MET D 235 -4.12 -12.81 -22.75
CA MET D 235 -4.69 -14.10 -23.17
C MET D 235 -3.62 -14.98 -23.77
N ASP D 236 -3.70 -16.26 -23.39
CA ASP D 236 -2.80 -17.32 -23.82
C ASP D 236 -3.00 -17.50 -25.32
N PRO D 237 -1.92 -17.22 -26.04
CA PRO D 237 -2.03 -17.21 -27.49
C PRO D 237 -2.53 -18.55 -27.93
N ASN D 238 -2.08 -19.57 -27.23
CA ASN D 238 -2.43 -20.94 -27.56
C ASN D 238 -3.75 -21.42 -26.97
N ARG D 239 -4.30 -20.71 -26.00
CA ARG D 239 -5.56 -21.22 -25.41
C ARG D 239 -6.63 -20.14 -25.18
N ARG D 240 -7.73 -20.27 -25.92
CA ARG D 240 -8.84 -19.31 -25.95
C ARG D 240 -9.52 -18.88 -24.67
N TYR D 241 -9.45 -17.60 -24.40
CA TYR D 241 -10.09 -17.05 -23.22
C TYR D 241 -9.35 -17.57 -21.99
N TRP D 242 -8.13 -18.07 -22.17
CA TRP D 242 -7.38 -18.53 -21.01
C TRP D 242 -6.36 -17.42 -20.74
N PHE D 243 -6.41 -16.77 -19.56
CA PHE D 243 -5.60 -15.62 -19.23
C PHE D 243 -4.69 -15.87 -18.03
N PRO D 244 -3.39 -16.05 -18.28
CA PRO D 244 -2.44 -16.34 -17.21
C PRO D 244 -2.04 -15.11 -16.37
N ILE D 245 -2.22 -13.90 -16.91
CA ILE D 245 -1.84 -12.64 -16.24
C ILE D 245 -2.90 -11.58 -16.51
N VAL D 246 -2.82 -10.48 -15.77
CA VAL D 246 -3.72 -9.35 -16.02
C VAL D 246 -3.04 -8.59 -17.17
N GLY D 247 -3.76 -8.38 -18.25
CA GLY D 247 -3.23 -7.69 -19.41
C GLY D 247 -4.08 -6.46 -19.63
N PHE D 248 -3.87 -5.97 -20.84
CA PHE D 248 -4.49 -4.74 -21.33
C PHE D 248 -5.01 -4.86 -22.76
N ASN D 249 -5.85 -3.88 -23.11
CA ASN D 249 -6.27 -3.66 -24.50
C ASN D 249 -5.53 -2.46 -25.11
N TYR D 250 -4.35 -2.72 -25.65
CA TYR D 250 -3.51 -1.67 -26.16
C TYR D 250 -3.13 -1.95 -27.64
N ARG D 251 -3.97 -2.72 -28.30
CA ARG D 251 -3.72 -3.05 -29.70
C ARG D 251 -4.02 -1.88 -30.64
N MET D 252 -3.24 -1.83 -31.72
CA MET D 252 -3.48 -0.85 -32.78
C MET D 252 -4.47 -1.53 -33.78
N THR D 253 -5.31 -0.72 -34.42
CA THR D 253 -6.17 -1.28 -35.44
C THR D 253 -5.44 -1.40 -36.76
N ASN D 254 -6.06 -2.17 -37.66
CA ASN D 254 -5.50 -2.39 -39.00
C ASN D 254 -5.52 -1.12 -39.82
N ILE D 255 -6.49 -0.26 -39.56
CA ILE D 255 -6.57 0.99 -40.26
C ILE D 255 -5.44 1.94 -39.82
N GLN D 256 -5.16 1.99 -38.53
CA GLN D 256 -4.11 2.85 -38.01
C GLN D 256 -2.76 2.48 -38.59
N ALA D 257 -2.57 1.16 -38.66
CA ALA D 257 -1.37 0.51 -39.16
C ALA D 257 -1.21 0.72 -40.67
N ALA D 258 -2.31 0.80 -41.41
CA ALA D 258 -2.31 1.03 -42.89
C ALA D 258 -1.86 2.48 -43.08
N ILE D 259 -2.36 3.35 -42.19
CA ILE D 259 -1.93 4.74 -42.27
C ILE D 259 -0.44 4.86 -41.91
N GLY D 260 -0.03 4.17 -40.85
CA GLY D 260 1.37 4.23 -40.45
C GLY D 260 2.31 3.65 -41.51
N LEU D 261 1.91 2.54 -42.13
CA LEU D 261 2.73 1.92 -43.18
C LEU D 261 2.98 2.90 -44.29
N ALA D 262 1.92 3.60 -44.70
CA ALA D 262 2.01 4.56 -45.81
C ALA D 262 2.88 5.76 -45.42
N GLN D 263 2.69 6.23 -44.21
CA GLN D 263 3.49 7.34 -43.71
C GLN D 263 4.97 6.96 -43.67
N LEU D 264 5.26 5.78 -43.18
CA LEU D 264 6.65 5.39 -43.07
C LEU D 264 7.25 5.15 -44.44
N GLU D 265 6.40 4.79 -45.39
CA GLU D 265 6.89 4.49 -46.76
C GLU D 265 7.54 5.76 -47.26
N ARG D 266 7.08 6.91 -46.79
CA ARG D 266 7.66 8.17 -47.23
C ARG D 266 8.32 8.91 -46.08
N VAL D 267 8.83 8.21 -45.06
CA VAL D 267 9.54 8.89 -43.96
C VAL D 267 10.67 9.83 -44.40
N ASP D 268 11.54 9.36 -45.29
CA ASP D 268 12.64 10.20 -45.74
C ASP D 268 12.19 11.49 -46.44
N GLU D 269 11.18 11.39 -47.30
CA GLU D 269 10.62 12.59 -47.94
C GLU D 269 10.02 13.52 -46.88
N HIS D 270 9.26 12.97 -45.95
CA HIS D 270 8.67 13.79 -44.89
C HIS D 270 9.79 14.48 -44.09
N LEU D 271 10.82 13.71 -43.76
CA LEU D 271 11.96 14.22 -42.99
C LEU D 271 12.74 15.25 -43.82
N ALA D 272 12.89 14.95 -45.11
CA ALA D 272 13.59 15.83 -46.03
C ALA D 272 12.86 17.18 -46.05
N ALA D 273 11.54 17.03 -46.01
CA ALA D 273 10.62 18.13 -46.00
C ALA D 273 10.82 19.08 -44.82
N ARG D 274 10.86 18.50 -43.62
CA ARG D 274 11.02 19.26 -42.39
C ARG D 274 12.37 19.96 -42.35
N GLU D 275 13.34 19.32 -42.98
CA GLU D 275 14.70 19.82 -43.09
C GLU D 275 14.76 21.10 -43.94
N ARG D 276 13.97 21.13 -45.00
CA ARG D 276 13.84 22.27 -45.91
C ARG D 276 13.42 23.41 -44.99
N VAL D 277 12.31 23.19 -44.31
CA VAL D 277 11.78 24.17 -43.35
C VAL D 277 12.77 24.66 -42.30
N VAL D 278 13.50 23.74 -41.66
CA VAL D 278 14.42 24.19 -40.64
C VAL D 278 15.53 25.06 -41.23
N GLY D 279 15.87 24.67 -42.46
CA GLY D 279 16.83 25.38 -43.27
C GLY D 279 16.31 26.81 -43.39
N TRP D 280 15.05 27.00 -43.74
CA TRP D 280 14.57 28.38 -43.79
C TRP D 280 14.70 29.17 -42.48
N TYR D 281 14.25 28.61 -41.36
CA TYR D 281 14.38 29.24 -40.03
C TYR D 281 15.82 29.58 -39.69
N GLU D 282 16.75 28.70 -40.06
CA GLU D 282 18.17 28.93 -39.80
C GLU D 282 18.61 30.19 -40.54
N GLN D 283 18.44 30.16 -41.87
CA GLN D 283 18.78 31.30 -42.70
C GLN D 283 18.04 32.62 -42.38
N LYS D 284 16.79 32.54 -41.93
CA LYS D 284 16.06 33.77 -41.60
C LYS D 284 16.07 34.19 -40.15
N LEU D 285 16.51 33.30 -39.27
CA LEU D 285 16.41 33.62 -37.86
C LEU D 285 17.29 34.78 -37.43
N ALA D 286 18.43 34.99 -38.10
CA ALA D 286 19.35 36.08 -37.76
C ALA D 286 18.60 37.39 -37.71
N ARG D 287 17.64 37.51 -38.61
CA ARG D 287 16.80 38.72 -38.70
C ARG D 287 16.16 39.12 -37.35
N LEU D 288 16.15 38.19 -36.39
CA LEU D 288 15.60 38.51 -35.05
C LEU D 288 16.61 38.85 -33.99
N GLY D 289 17.91 38.76 -34.29
CA GLY D 289 18.95 39.14 -33.35
C GLY D 289 18.96 38.31 -32.07
N ASN D 290 19.44 38.92 -30.99
CA ASN D 290 19.58 38.32 -29.65
C ASN D 290 18.23 38.06 -29.01
N ARG D 291 17.18 38.35 -29.77
CA ARG D 291 15.78 38.20 -29.30
C ARG D 291 15.32 36.74 -29.03
N VAL D 292 16.08 35.78 -29.54
CA VAL D 292 15.74 34.39 -29.34
C VAL D 292 17.07 33.69 -29.46
N THR D 293 17.13 32.50 -28.92
CA THR D 293 18.33 31.69 -28.97
C THR D 293 17.75 30.50 -29.68
N LYS D 294 18.34 30.28 -30.86
CA LYS D 294 17.95 29.25 -31.79
C LYS D 294 18.25 27.91 -31.14
N PRO D 295 17.66 26.89 -31.73
CA PRO D 295 17.85 25.55 -31.22
C PRO D 295 19.24 25.04 -31.40
N HIS D 296 19.89 24.73 -30.29
CA HIS D 296 21.17 24.11 -30.43
C HIS D 296 21.13 22.62 -30.88
N VAL D 297 21.87 22.28 -31.94
CA VAL D 297 21.93 20.91 -32.46
C VAL D 297 23.26 20.24 -32.11
N ALA D 298 23.15 19.21 -31.28
CA ALA D 298 24.31 18.44 -30.87
C ALA D 298 24.80 17.70 -32.10
N LEU D 299 26.11 17.55 -32.23
CA LEU D 299 26.73 16.91 -33.39
C LEU D 299 26.90 15.42 -33.23
N THR D 300 25.89 14.77 -32.67
CA THR D 300 25.92 13.36 -32.35
C THR D 300 25.14 12.50 -33.33
N GLY D 301 24.48 13.17 -34.27
CA GLY D 301 23.69 12.50 -35.31
C GLY D 301 22.52 13.38 -35.82
N ARG D 302 21.50 12.77 -36.42
CA ARG D 302 20.38 13.51 -36.98
C ARG D 302 19.30 13.97 -35.99
N HIS D 303 19.04 15.28 -36.00
CA HIS D 303 18.02 15.92 -35.18
C HIS D 303 16.87 16.08 -36.17
N VAL D 304 15.77 15.33 -36.00
CA VAL D 304 14.64 15.39 -36.92
C VAL D 304 13.71 16.59 -36.77
N PHE D 305 14.03 17.47 -35.84
CA PHE D 305 13.24 18.67 -35.65
C PHE D 305 11.72 18.48 -35.72
N TRP D 306 11.15 17.79 -34.75
CA TRP D 306 9.69 17.67 -34.67
C TRP D 306 9.11 19.06 -34.48
N MET D 307 9.81 19.93 -33.76
CA MET D 307 9.36 21.30 -33.52
C MET D 307 10.64 22.09 -33.46
N TYR D 308 10.60 23.31 -34.00
CA TYR D 308 11.75 24.21 -34.00
C TYR D 308 11.58 25.07 -32.76
N THR D 309 12.47 24.91 -31.78
CA THR D 309 12.28 25.55 -30.49
C THR D 309 13.33 26.58 -30.20
N VAL D 310 12.88 27.77 -29.88
CA VAL D 310 13.78 28.86 -29.58
C VAL D 310 13.52 29.17 -28.12
N ARG D 311 14.49 29.85 -27.50
CA ARG D 311 14.33 30.30 -26.13
C ARG D 311 14.34 31.78 -26.34
N LEU D 312 13.32 32.45 -25.85
CA LEU D 312 13.28 33.88 -26.09
C LEU D 312 14.24 34.60 -25.17
N GLY D 313 14.97 35.58 -25.69
CA GLY D 313 15.89 36.31 -24.81
C GLY D 313 15.18 36.93 -23.60
N GLU D 314 15.80 36.82 -22.42
CA GLU D 314 15.19 37.38 -21.22
C GLU D 314 15.00 38.90 -21.19
N GLY D 315 15.75 39.61 -22.02
CA GLY D 315 15.67 41.06 -22.02
C GLY D 315 14.33 41.55 -22.52
N LEU D 316 13.69 40.72 -23.34
CA LEU D 316 12.41 41.03 -23.99
C LEU D 316 11.39 41.54 -22.98
N SER D 317 10.56 42.50 -23.41
CA SER D 317 9.60 43.04 -22.47
C SER D 317 8.37 42.16 -22.33
N THR D 318 8.00 41.58 -23.47
CA THR D 318 6.80 40.74 -23.55
C THR D 318 7.07 39.43 -22.86
N THR D 319 6.06 38.61 -22.61
CA THR D 319 6.31 37.31 -21.99
C THR D 319 6.05 36.25 -23.04
N ARG D 320 6.50 35.02 -22.75
CA ARG D 320 6.40 33.86 -23.65
C ARG D 320 4.94 33.60 -23.99
N ASP D 321 4.13 33.76 -22.96
CA ASP D 321 2.70 33.60 -23.11
C ASP D 321 2.00 34.63 -24.00
N GLN D 322 2.35 35.91 -23.85
CA GLN D 322 1.80 36.99 -24.70
C GLN D 322 2.19 36.71 -26.13
N VAL D 323 3.47 36.43 -26.29
CA VAL D 323 3.98 36.15 -27.60
C VAL D 323 3.06 35.12 -28.25
N ILE D 324 2.63 34.13 -27.48
CA ILE D 324 1.82 33.06 -28.08
C ILE D 324 0.57 33.67 -28.66
N LYS D 325 -0.01 34.54 -27.84
CA LYS D 325 -1.25 35.22 -28.14
C LYS D 325 -1.13 36.17 -29.32
N ASP D 326 -0.07 36.97 -29.26
CA ASP D 326 0.16 37.90 -30.34
C ASP D 326 0.33 37.20 -31.66
N LEU D 327 1.06 36.09 -31.66
CA LEU D 327 1.29 35.35 -32.90
C LEU D 327 -0.01 34.76 -33.41
N ASP D 328 -0.83 34.31 -32.48
CA ASP D 328 -2.08 33.68 -32.90
C ASP D 328 -2.96 34.68 -33.58
N ALA D 329 -3.01 35.85 -32.94
CA ALA D 329 -3.76 36.96 -33.52
C ALA D 329 -3.24 37.18 -34.95
N LEU D 330 -1.95 37.00 -35.20
CA LEU D 330 -1.36 37.14 -36.55
C LEU D 330 -1.60 35.88 -37.34
N GLY D 331 -2.43 35.02 -36.75
CA GLY D 331 -2.87 33.78 -37.39
C GLY D 331 -1.81 32.70 -37.49
N ILE D 332 -0.88 32.73 -36.54
CA ILE D 332 0.23 31.76 -36.49
C ILE D 332 0.21 30.99 -35.16
N GLU D 333 0.03 29.68 -35.29
CA GLU D 333 -0.06 28.79 -34.15
C GLU D 333 1.34 28.51 -33.62
N SER D 334 1.44 28.33 -32.31
CA SER D 334 2.72 28.04 -31.64
C SER D 334 2.36 27.50 -30.25
N ARG D 335 3.33 27.17 -29.43
CA ARG D 335 2.98 26.71 -28.10
C ARG D 335 4.17 26.74 -27.16
N PRO D 336 3.87 26.71 -25.87
CA PRO D 336 4.95 26.82 -24.90
C PRO D 336 5.72 25.54 -24.76
N VAL D 337 6.96 25.67 -24.33
CA VAL D 337 7.72 24.47 -24.03
C VAL D 337 6.91 23.84 -22.87
N PHE D 338 6.92 22.52 -22.73
CA PHE D 338 6.17 21.85 -21.64
C PHE D 338 6.36 22.49 -20.29
N HIS D 339 5.33 22.56 -19.46
CA HIS D 339 5.54 23.09 -18.09
C HIS D 339 6.24 21.89 -17.43
N PRO D 340 7.32 22.10 -16.66
CA PRO D 340 8.05 21.00 -15.99
C PRO D 340 7.03 20.28 -15.12
N MET D 341 7.17 18.95 -14.96
CA MET D 341 6.19 18.21 -14.14
C MET D 341 5.98 18.81 -12.77
N HIS D 342 7.09 19.11 -12.12
CA HIS D 342 7.08 19.55 -10.74
C HIS D 342 6.40 20.88 -10.50
N ILE D 343 5.86 21.51 -11.52
CA ILE D 343 5.23 22.80 -11.28
C ILE D 343 3.73 22.66 -11.41
N MET D 344 3.25 21.45 -11.71
CA MET D 344 1.83 21.19 -11.91
C MET D 344 1.27 20.37 -10.77
N PRO D 345 -0.03 20.50 -10.49
CA PRO D 345 -0.60 19.79 -9.36
C PRO D 345 -0.20 18.34 -9.15
N PRO D 346 -0.28 17.50 -10.20
CA PRO D 346 -0.01 16.06 -10.04
C PRO D 346 1.37 15.68 -9.53
N TYR D 347 2.37 16.48 -9.88
CA TYR D 347 3.73 16.14 -9.49
C TYR D 347 4.49 17.19 -8.74
N ALA D 348 3.78 18.12 -8.14
CA ALA D 348 4.45 19.17 -7.39
C ALA D 348 5.11 18.53 -6.19
N HIS D 349 4.55 17.44 -5.69
CA HIS D 349 5.14 16.79 -4.54
C HIS D 349 6.50 16.16 -4.85
N LEU D 350 6.88 16.15 -6.12
CA LEU D 350 8.15 15.60 -6.58
C LEU D 350 9.23 16.69 -6.81
N ALA D 351 8.90 17.95 -6.52
CA ALA D 351 9.83 19.04 -6.73
C ALA D 351 11.08 18.96 -5.86
N THR D 352 12.20 19.42 -6.40
CA THR D 352 13.47 19.39 -5.68
C THR D 352 14.07 20.73 -6.05
N ASP D 353 15.10 21.10 -5.30
CA ASP D 353 15.73 22.40 -5.54
C ASP D 353 16.65 22.29 -6.72
N ASP D 354 16.64 21.15 -7.40
CA ASP D 354 17.59 21.01 -8.50
C ASP D 354 17.01 20.77 -9.87
N LEU D 355 15.98 21.57 -10.20
CA LEU D 355 15.25 21.43 -11.48
C LEU D 355 15.11 22.78 -12.18
N LYS D 356 16.11 23.59 -11.88
CA LYS D 356 16.14 24.95 -12.31
C LYS D 356 16.23 25.11 -13.81
N ILE D 357 16.90 24.20 -14.48
CA ILE D 357 17.03 24.45 -15.91
C ILE D 357 15.68 24.23 -16.55
N ALA D 358 15.07 23.12 -16.16
CA ALA D 358 13.75 22.73 -16.60
C ALA D 358 12.82 23.95 -16.42
N GLU D 359 12.94 24.57 -15.26
CA GLU D 359 12.09 25.73 -15.01
C GLU D 359 12.28 26.88 -15.98
N ALA D 360 13.53 27.22 -16.23
CA ALA D 360 13.82 28.36 -17.08
C ALA D 360 13.40 28.11 -18.50
N CYS D 361 13.53 26.85 -18.90
CA CYS D 361 13.13 26.47 -20.23
C CYS D 361 11.61 26.54 -20.28
N GLY D 362 10.94 26.19 -19.18
CA GLY D 362 9.48 26.16 -19.26
C GLY D 362 9.02 27.58 -19.48
N VAL D 363 9.73 28.46 -18.79
CA VAL D 363 9.48 29.90 -18.88
C VAL D 363 9.75 30.52 -20.24
N ASP D 364 10.97 30.42 -20.76
CA ASP D 364 11.28 31.07 -22.06
C ASP D 364 11.15 30.28 -23.36
N GLY D 365 10.79 28.99 -23.28
CA GLY D 365 10.68 28.16 -24.49
C GLY D 365 9.46 28.24 -25.44
N LEU D 366 9.70 28.16 -26.75
CA LEU D 366 8.61 28.31 -27.70
C LEU D 366 8.75 27.43 -28.91
N ASN D 367 7.72 26.64 -29.15
CA ASN D 367 7.74 25.79 -30.29
C ASN D 367 7.21 26.56 -31.48
N LEU D 368 7.93 26.56 -32.59
CA LEU D 368 7.39 27.33 -33.69
C LEU D 368 6.88 26.32 -34.68
N PRO D 369 5.98 26.75 -35.53
CA PRO D 369 5.42 25.82 -36.51
C PRO D 369 6.47 25.00 -37.24
N THR D 370 6.29 23.69 -37.23
CA THR D 370 7.22 22.84 -37.95
C THR D 370 6.47 21.64 -38.47
N HIS D 371 6.23 21.67 -39.78
CA HIS D 371 5.64 20.56 -40.53
C HIS D 371 5.90 20.56 -42.03
N ALA D 372 5.78 19.37 -42.58
CA ALA D 372 6.10 19.14 -43.99
C ALA D 372 5.41 20.04 -44.99
N GLY D 373 4.19 20.48 -44.71
CA GLY D 373 3.52 21.34 -45.68
C GLY D 373 3.87 22.83 -45.66
N LEU D 374 4.74 23.28 -44.75
CA LEU D 374 5.06 24.70 -44.64
C LEU D 374 5.97 25.22 -45.76
N THR D 375 5.66 26.43 -46.21
CA THR D 375 6.37 26.99 -47.35
C THR D 375 7.38 28.05 -46.98
N GLU D 376 8.26 28.33 -47.93
CA GLU D 376 9.25 29.35 -47.64
C GLU D 376 8.60 30.66 -47.18
N ALA D 377 7.46 30.97 -47.82
CA ALA D 377 6.68 32.16 -47.51
C ALA D 377 6.19 32.18 -46.05
N ASP D 378 5.64 31.04 -45.69
CA ASP D 378 5.08 30.86 -44.36
C ASP D 378 6.15 31.23 -43.36
N ILE D 379 7.35 30.70 -43.55
CA ILE D 379 8.41 30.98 -42.59
C ILE D 379 8.73 32.46 -42.59
N ASP D 380 8.58 33.07 -43.76
CA ASP D 380 8.85 34.47 -43.91
C ASP D 380 7.81 35.12 -43.02
N ARG D 381 6.59 34.61 -43.13
CA ARG D 381 5.49 35.10 -42.33
C ARG D 381 5.80 34.93 -40.84
N VAL D 382 6.15 33.73 -40.42
CA VAL D 382 6.44 33.57 -38.99
C VAL D 382 7.57 34.50 -38.51
N ILE D 383 8.60 34.59 -39.34
CA ILE D 383 9.75 35.41 -39.02
C ILE D 383 9.40 36.87 -38.90
N ALA D 384 8.62 37.37 -39.86
CA ALA D 384 8.13 38.75 -39.78
C ALA D 384 7.31 38.98 -38.51
N ALA D 385 6.42 38.03 -38.21
CA ALA D 385 5.55 38.11 -37.04
C ALA D 385 6.33 38.22 -35.75
N LEU D 386 7.35 37.37 -35.66
CA LEU D 386 8.18 37.37 -34.46
C LEU D 386 8.90 38.70 -34.31
N ASP D 387 9.47 39.14 -35.43
CA ASP D 387 10.18 40.40 -35.41
C ASP D 387 9.25 41.47 -34.82
N GLN D 388 8.04 41.51 -35.33
CA GLN D 388 7.05 42.45 -34.81
C GLN D 388 6.73 42.15 -33.35
N VAL D 389 6.30 40.94 -33.03
CA VAL D 389 5.94 40.66 -31.66
C VAL D 389 7.01 40.53 -30.58
N LEU D 390 8.24 40.15 -30.92
CA LEU D 390 9.26 40.11 -29.88
C LEU D 390 9.78 41.48 -29.47
N VAL D 391 9.12 42.05 -28.50
CA VAL D 391 9.53 43.30 -27.96
C VAL D 391 9.50 42.98 -26.48
N4A GPD E . 20.29 -1.45 22.30
C4G GPD E . 20.58 -2.49 23.26
C5G GPD E . 21.75 -3.35 22.86
C6G GPD E . 22.88 -2.44 22.43
O5G GPD E . 22.08 -4.03 24.05
C3G GPD E . 19.39 -3.35 23.68
C2G GPD E . 19.79 -4.82 23.75
O2G GPD E . 18.80 -5.57 24.46
C1G GPD E . 21.19 -5.11 24.30
O1G GPD E . 21.73 -6.25 23.65
P2 GPD E . 22.75 -7.25 24.37
O3P GPD E . 24.13 -6.65 24.38
O4P GPD E . 22.62 -8.61 23.75
OPP GPD E . 22.16 -7.24 25.87
P GPD E . 22.39 -8.43 26.92
O1P GPD E . 23.50 -9.29 26.42
O2P GPD E . 21.10 -9.11 27.26
O5' GPD E . 22.89 -7.66 28.23
C5' GPD E . 23.97 -6.73 28.21
C4' GPD E . 24.70 -6.92 29.52
O4' GPD E . 23.98 -6.35 30.61
C3' GPD E . 24.79 -8.41 29.79
O3' GPD E . 26.08 -8.62 30.39
C2' GPD E . 23.69 -8.66 30.81
O2' GPD E . 24.02 -9.75 31.68
C1' GPD E . 23.61 -7.34 31.56
N9 GPD E . 22.27 -7.09 32.14
C8 GPD E . 21.16 -6.79 31.46
N7 GPD E . 20.14 -6.64 32.35
C4 GPD E . 21.98 -7.10 33.44
C5 GPD E . 20.64 -6.82 33.58
C6 GPD E . 20.07 -6.77 34.86
O6 GPD E . 18.88 -6.53 35.01
N3 GPD E . 22.72 -7.34 34.54
C2 GPD E . 22.16 -7.30 35.77
N1 GPD E . 20.85 -7.01 35.93
N2 GPD E . 22.94 -7.54 36.85
N4A GPD F . -8.28 -3.07 28.29
C4G GPD F . -8.32 -2.77 29.63
C5G GPD F . -9.53 -2.02 30.16
C6G GPD F . -10.63 -3.12 30.12
O5G GPD F . -8.98 -1.68 31.44
C3G GPD F . -7.09 -2.05 30.08
C2G GPD F . -7.26 -0.59 30.34
O2G GPD F . -5.94 -0.24 30.67
C1G GPD F . -8.18 -0.51 31.57
O1G GPD F . -8.82 0.80 31.51
P2 GPD F . -9.34 1.47 32.63
O3P GPD F . -10.60 0.87 33.15
O4P GPD F . -9.48 2.85 32.28
OPP GPD F . -8.09 1.40 33.67
P GPD F . -7.72 2.29 34.91
O1P GPD F . -8.69 3.21 35.04
O2P GPD F . -6.38 2.83 34.76
O5' GPD F . -7.72 1.28 36.13
C5' GPD F . -8.84 0.57 36.37
C4' GPD F . -9.08 0.35 37.84
O4' GPD F . -8.00 -0.44 38.34
C3' GPD F . -8.98 1.61 38.62
O3' GPD F . -9.77 1.83 39.75
C2' GPD F . -7.56 1.74 39.03
O2' GPD F . -7.24 2.55 40.07
C1' GPD F . -7.13 0.31 39.05
N9 GPD F . -5.71 0.04 39.20
C8 GPD F . -4.97 -0.18 38.11
N7 GPD F . -3.74 -0.45 38.45
C4 GPD F . -5.00 -0.21 40.23
C5 GPD F . -3.72 -0.51 39.75
C6 GPD F . -2.62 -0.82 40.60
O6 GPD F . -1.50 -1.08 40.21
N3 GPD F . -5.14 -0.20 41.55
C2 GPD F . -4.14 -0.47 42.36
N1 GPD F . -2.95 -0.73 41.97
N2 GPD F . -4.36 -0.42 43.61
C1 EDO G . -22.90 -4.68 4.80
O1 EDO G . -21.85 -3.80 5.18
C2 EDO G . -24.09 -4.49 5.72
O2 EDO G . -24.24 -3.19 6.30
N4A GPD H . -14.50 -9.26 -25.18
C4G GPD H . -14.23 -9.57 -26.55
C5G GPD H . -14.16 -11.06 -26.82
C6G GPD H . -15.43 -11.78 -26.39
O5G GPD H . -14.01 -11.18 -28.22
C3G GPD H . -12.99 -8.88 -27.07
C2G GPD H . -12.03 -9.88 -27.68
O2G GPD H . -11.05 -9.18 -28.41
C1G GPD H . -12.68 -10.90 -28.61
O1G GPD H . -11.98 -12.13 -28.49
P2 GPD H . -12.14 -13.27 -29.57
O3P GPD H . -13.43 -14.01 -29.44
O4P GPD H . -10.89 -14.04 -29.37
OPP GPD H . -12.12 -12.37 -30.89
P GPD H . -11.36 -12.69 -32.26
O1P GPD H . -11.10 -14.16 -32.36
O2P GPD H . -10.22 -11.75 -32.49
O5' GPD H . -12.51 -12.29 -33.29
C5' GPD H . -13.82 -12.83 -33.23
C4' GPD H . -14.33 -13.08 -34.65
O4' GPD H . -14.62 -11.83 -35.25
C3' GPD H . -13.23 -13.73 -35.47
O3' GPD H . -13.80 -14.53 -36.51
C2' GPD H . -12.55 -12.53 -36.08
O2' GPD H . -11.91 -12.87 -37.30
C1' GPD H . -13.72 -11.62 -36.34
N9 GPD H . -13.29 -10.22 -36.55
C8 GPD H . -12.78 -9.41 -35.61
N7 GPD H . -12.52 -8.23 -36.16
C4 GPD H . -13.35 -9.57 -37.70
C5 GPD H . -12.85 -8.30 -37.47
C6 GPD H . -12.78 -7.40 -38.51
O6 GPD H . -12.35 -6.25 -38.32
N3 GPD H . -13.76 -9.90 -38.95
C2 GPD H . -13.68 -9.01 -39.95
N1 GPD H . -13.22 -7.77 -39.72
N2 GPD H . -14.10 -9.35 -41.17
N4A GPD I . 2.83 14.40 -27.13
C4G GPD I . 1.97 15.45 -27.62
C5G GPD I . 2.27 16.75 -26.90
C6G GPD I . 3.71 17.21 -27.09
O5G GPD I . 1.37 17.83 -27.15
C3G GPD I . 0.54 14.98 -27.35
C2G GPD I . -0.40 16.17 -27.35
O2G GPD I . -1.51 15.94 -28.20
C1G GPD I . 0.21 17.45 -27.88
O1G GPD I . -0.84 18.34 -27.56
P2 GPD I . -1.45 19.46 -28.49
O3P GPD I . -0.29 20.27 -29.03
O4P GPD I . -2.46 20.12 -27.57
OPP GPD I . -2.19 18.59 -29.62
P GPD I . -3.16 19.20 -30.74
O1P GPD I . -3.41 20.65 -30.51
O2P GPD I . -4.37 18.31 -30.80
O5' GPD I . -2.37 18.97 -32.12
C5' GPD I . -1.27 19.79 -32.52
C4' GPD I . -1.52 20.24 -33.94
O4' GPD I . -1.71 19.10 -34.77
C3' GPD I . -2.82 21.04 -33.99
O3' GPD I . -2.60 22.14 -34.87
C2' GPD I . -3.81 20.11 -34.65
O2' GPD I . -4.71 20.85 -35.49
C1' GPD I . -2.93 19.22 -35.50
N9 GPD I . -3.54 17.90 -35.73
C8 GPD I . -3.63 16.90 -34.85
N7 GPD I . -4.26 15.88 -35.45
C4 GPD I . -4.10 17.52 -36.88
C5 GPD I . -4.57 16.23 -36.71
C6 GPD I . -5.22 15.59 -37.77
O6 GPD I . -5.64 14.44 -37.73
N3 GPD I . -4.26 18.15 -38.06
C2 GPD I . -4.88 17.51 -39.07
N1 GPD I . -5.35 16.26 -38.92
N2 GPD I . -5.08 18.11 -40.28
C1 EDO J . 22.66 27.35 -29.25
O1 EDO J . 21.89 28.07 -30.22
C2 EDO J . 22.37 27.85 -27.83
O2 EDO J . 21.49 26.99 -27.11
#